data_5LOZ
# 
_entry.id   5LOZ 
# 
_audit_conform.dict_name       mmcif_pdbx.dic 
_audit_conform.dict_version    5.391 
_audit_conform.dict_location   http://mmcif.pdb.org/dictionaries/ascii/mmcif_pdbx.dic 
# 
loop_
_database_2.database_id 
_database_2.database_code 
_database_2.pdbx_database_accession 
_database_2.pdbx_DOI 
PDB   5LOZ         pdb_00005loz 10.2210/pdb5loz/pdb 
WWPDB D_1200001129 ?            ?                   
# 
loop_
_pdbx_audit_revision_history.ordinal 
_pdbx_audit_revision_history.data_content_type 
_pdbx_audit_revision_history.major_revision 
_pdbx_audit_revision_history.minor_revision 
_pdbx_audit_revision_history.revision_date 
1 'Structure model' 1 0 2016-10-05 
2 'Structure model' 1 1 2016-10-19 
3 'Structure model' 1 2 2016-11-09 
4 'Structure model' 1 3 2024-05-08 
# 
_pdbx_audit_revision_details.ordinal             1 
_pdbx_audit_revision_details.revision_ordinal    1 
_pdbx_audit_revision_details.data_content_type   'Structure model' 
_pdbx_audit_revision_details.provider            repository 
_pdbx_audit_revision_details.type                'Initial release' 
_pdbx_audit_revision_details.description         ? 
_pdbx_audit_revision_details.details             ? 
# 
loop_
_pdbx_audit_revision_group.ordinal 
_pdbx_audit_revision_group.revision_ordinal 
_pdbx_audit_revision_group.data_content_type 
_pdbx_audit_revision_group.group 
1 2 'Structure model' 'Database references' 
2 3 'Structure model' 'Database references' 
3 4 'Structure model' 'Data collection'     
4 4 'Structure model' 'Database references' 
# 
loop_
_pdbx_audit_revision_category.ordinal 
_pdbx_audit_revision_category.revision_ordinal 
_pdbx_audit_revision_category.data_content_type 
_pdbx_audit_revision_category.category 
1 4 'Structure model' chem_comp_atom 
2 4 'Structure model' chem_comp_bond 
3 4 'Structure model' database_2     
# 
loop_
_pdbx_audit_revision_item.ordinal 
_pdbx_audit_revision_item.revision_ordinal 
_pdbx_audit_revision_item.data_content_type 
_pdbx_audit_revision_item.item 
1 4 'Structure model' '_database_2.pdbx_DOI'                
2 4 'Structure model' '_database_2.pdbx_database_accession' 
# 
_pdbx_database_status.status_code                     REL 
_pdbx_database_status.status_code_sf                  REL 
_pdbx_database_status.status_code_mr                  ? 
_pdbx_database_status.entry_id                        5LOZ 
_pdbx_database_status.recvd_initial_deposition_date   2016-08-11 
_pdbx_database_status.SG_entry                        N 
_pdbx_database_status.deposit_site                    PDBE 
_pdbx_database_status.process_site                    PDBE 
_pdbx_database_status.status_code_cs                  ? 
_pdbx_database_status.methods_development_category    ? 
_pdbx_database_status.pdb_format_compatible           Y 
_pdbx_database_status.status_code_nmr_data            ? 
# 
loop_
_pdbx_database_related.db_name 
_pdbx_database_related.details 
_pdbx_database_related.db_id 
_pdbx_database_related.content_type 
PDB 'EPSIN ENTH BOUND TO INS'                             1HOA unspecified 
PDB 'CRYSTAL STRUCTURE OF THE ENTH DOMAIN OF RAT EPSIN 1' 1EDU unspecified 
PDB 'CRYSTAL STRUCTURE OF THE EPSIN N-TERMINAL HOMOLOGY'  1EYH unspecified 
# 
loop_
_audit_author.name 
_audit_author.pdbx_ordinal 
'Tanner, N.' 1 
'Prag, G.'   2 
# 
loop_
_citation.abstract 
_citation.abstract_id_CAS 
_citation.book_id_ISBN 
_citation.book_publisher 
_citation.book_publisher_city 
_citation.book_title 
_citation.coordinate_linkage 
_citation.country 
_citation.database_id_Medline 
_citation.details 
_citation.id 
_citation.journal_abbrev 
_citation.journal_id_ASTM 
_citation.journal_id_CSD 
_citation.journal_id_ISSN 
_citation.journal_full 
_citation.journal_issue 
_citation.journal_volume 
_citation.language 
_citation.page_first 
_citation.page_last 
_citation.title 
_citation.year 
_citation.database_id_CSD 
_citation.pdbx_database_id_DOI 
_citation.pdbx_database_id_PubMed 
_citation.unpublished_flag 
? ? ? ? ? ? ? US ? ? primary Nat.Methods                ?      ?    1548-7105 ? ? 13 ? 945 952 
'A bacterial genetic selection system for ubiquitylation cascade discovery.'           2016 ? 10.1038/nmeth.4003        27694912 ? 
? ? ? ? ? ? ? DK ? ? 1       'Acta Crystallogr.,Sect.F' ?      ?    1744-3091 ? ? 68 ? 820 ?   
'Purification And Crystallization Of Yeast Ent1 Enth Domain.'                          2012 ? 10.1107/S1744309112022488 22750874 ? 
? ? ? ? ? ? ? UK ? ? 2       'Embo J.'                  EMJODG 0897 0261-4189 ? ? 31 ? 378 ?   
'Synthetic Biology Approach To Reconstituting The Ubiquitylation Cascade In Bacteria.' 2012 ? 10.1038/EMBOJ.2011.397    22081111 ? 
# 
loop_
_citation_author.citation_id 
_citation_author.name 
_citation_author.ordinal 
_citation_author.identifier_ORCID 
primary 'Levin-Kravets, O.'  1  ? 
primary 'Tanner, N.'         2  ? 
primary 'Shohat, N.'         3  ? 
primary 'Attali, I.'         4  ? 
primary 'Keren-Kaplan, T.'   5  ? 
primary 'Shusterman, A.'     6  ? 
primary 'Artzi, S.'          7  ? 
primary 'Varvak, A.'         8  ? 
primary 'Reshef, Y.'         9  ? 
primary 'Shi, X.'            10 ? 
primary 'Zucker, O.'         11 ? 
primary 'Baram, T.'          12 ? 
primary 'Katina, C.'         13 ? 
primary 'Pilzer, I.'         14 ? 
primary 'Ben-Aroya, S.'      15 ? 
primary 'Prag, G.'           16 ? 
1       'Levin Kravets, O.'  17 ? 
1       'Tanner, N.'         18 ? 
1       'Shohat, N.'         19 ? 
1       'Artzi, S.'          20 ? 
1       'Varvak, A.'         21 ? 
1       'Reshef, Y.'         22 ? 
1       'Attali, I.'         23 ? 
1       'Katina, C.'         24 ? 
1       'Keren Kaplan, T.'   25 ? 
1       'Prag, G.'           26 ? 
2       'Keren-Kaplan, T.'   27 ? 
2       'Attali, I.'         28 ? 
2       'Motamedchaboki, K.' 29 ? 
2       'Davis, B.A.'        30 ? 
2       'Tanner, N.'         31 ? 
2       'Reshef, Y.'         32 ? 
2       'Laudon, E.'         33 ? 
2       'Kolot, M.'          34 ? 
2       'Levin-Kravets, O.'  35 ? 
2       'Kleifeld, O.'       36 ? 
2       'Glickman, M.'       37 ? 
2       'Horazdovsky, B.F.'  38 ? 
2       'Wolf, D.A.'         39 ? 
2       'Prag, G.'           40 ? 
# 
loop_
_entity.id 
_entity.type 
_entity.src_method 
_entity.pdbx_description 
_entity.formula_weight 
_entity.pdbx_number_of_molecules 
_entity.pdbx_ec 
_entity.pdbx_mutation 
_entity.pdbx_fragment 
_entity.details 
1 polymer man Epsin-1 15981.050 1  ? ? 'ENTH DOMAIN, RESIDUES 17-150' ? 
2 water   nat water   18.015    97 ? ? ?                              ? 
# 
_entity_poly.entity_id                      1 
_entity_poly.type                           'polypeptide(L)' 
_entity_poly.nstd_linkage                   no 
_entity_poly.nstd_monomer                   no 
_entity_poly.pdbx_seq_one_letter_code       
;MGSSSTQVLVRNATSNDNHQVSKDSLIELAEKSYDSADFFEIMDMLDKRLNDKGKYWRHIAKALTVIDYLIRFGSENCVL
WCRENLYIIKTLKEFRHEDDEGIDQGQIVRVKAKELTALLSDDERLNEERNMNIKGR
;
_entity_poly.pdbx_seq_one_letter_code_can   
;MGSSSTQVLVRNATSNDNHQVSKDSLIELAEKSYDSADFFEIMDMLDKRLNDKGKYWRHIAKALTVIDYLIRFGSENCVL
WCRENLYIIKTLKEFRHEDDEGIDQGQIVRVKAKELTALLSDDERLNEERNMNIKGR
;
_entity_poly.pdbx_strand_id                 A 
_entity_poly.pdbx_target_identifier         ? 
# 
_pdbx_entity_nonpoly.entity_id   2 
_pdbx_entity_nonpoly.name        water 
_pdbx_entity_nonpoly.comp_id     HOH 
# 
loop_
_entity_poly_seq.entity_id 
_entity_poly_seq.num 
_entity_poly_seq.mon_id 
_entity_poly_seq.hetero 
1 1   MET n 
1 2   GLY n 
1 3   SER n 
1 4   SER n 
1 5   SER n 
1 6   THR n 
1 7   GLN n 
1 8   VAL n 
1 9   LEU n 
1 10  VAL n 
1 11  ARG n 
1 12  ASN n 
1 13  ALA n 
1 14  THR n 
1 15  SER n 
1 16  ASN n 
1 17  ASP n 
1 18  ASN n 
1 19  HIS n 
1 20  GLN n 
1 21  VAL n 
1 22  SER n 
1 23  LYS n 
1 24  ASP n 
1 25  SER n 
1 26  LEU n 
1 27  ILE n 
1 28  GLU n 
1 29  LEU n 
1 30  ALA n 
1 31  GLU n 
1 32  LYS n 
1 33  SER n 
1 34  TYR n 
1 35  ASP n 
1 36  SER n 
1 37  ALA n 
1 38  ASP n 
1 39  PHE n 
1 40  PHE n 
1 41  GLU n 
1 42  ILE n 
1 43  MET n 
1 44  ASP n 
1 45  MET n 
1 46  LEU n 
1 47  ASP n 
1 48  LYS n 
1 49  ARG n 
1 50  LEU n 
1 51  ASN n 
1 52  ASP n 
1 53  LYS n 
1 54  GLY n 
1 55  LYS n 
1 56  TYR n 
1 57  TRP n 
1 58  ARG n 
1 59  HIS n 
1 60  ILE n 
1 61  ALA n 
1 62  LYS n 
1 63  ALA n 
1 64  LEU n 
1 65  THR n 
1 66  VAL n 
1 67  ILE n 
1 68  ASP n 
1 69  TYR n 
1 70  LEU n 
1 71  ILE n 
1 72  ARG n 
1 73  PHE n 
1 74  GLY n 
1 75  SER n 
1 76  GLU n 
1 77  ASN n 
1 78  CYS n 
1 79  VAL n 
1 80  LEU n 
1 81  TRP n 
1 82  CYS n 
1 83  ARG n 
1 84  GLU n 
1 85  ASN n 
1 86  LEU n 
1 87  TYR n 
1 88  ILE n 
1 89  ILE n 
1 90  LYS n 
1 91  THR n 
1 92  LEU n 
1 93  LYS n 
1 94  GLU n 
1 95  PHE n 
1 96  ARG n 
1 97  HIS n 
1 98  GLU n 
1 99  ASP n 
1 100 ASP n 
1 101 GLU n 
1 102 GLY n 
1 103 ILE n 
1 104 ASP n 
1 105 GLN n 
1 106 GLY n 
1 107 GLN n 
1 108 ILE n 
1 109 VAL n 
1 110 ARG n 
1 111 VAL n 
1 112 LYS n 
1 113 ALA n 
1 114 LYS n 
1 115 GLU n 
1 116 LEU n 
1 117 THR n 
1 118 ALA n 
1 119 LEU n 
1 120 LEU n 
1 121 SER n 
1 122 ASP n 
1 123 ASP n 
1 124 GLU n 
1 125 ARG n 
1 126 LEU n 
1 127 ASN n 
1 128 GLU n 
1 129 GLU n 
1 130 ARG n 
1 131 ASN n 
1 132 MET n 
1 133 ASN n 
1 134 ILE n 
1 135 LYS n 
1 136 GLY n 
1 137 ARG n 
# 
_entity_src_gen.entity_id                          1 
_entity_src_gen.pdbx_src_id                        1 
_entity_src_gen.pdbx_alt_source_flag               sample 
_entity_src_gen.pdbx_seq_type                      'Biological sequence' 
_entity_src_gen.pdbx_beg_seq_num                   1 
_entity_src_gen.pdbx_end_seq_num                   137 
_entity_src_gen.gene_src_common_name               
;Baker's yeast
;
_entity_src_gen.gene_src_genus                     ? 
_entity_src_gen.pdbx_gene_src_gene                 'ENT1, YDL161W' 
_entity_src_gen.gene_src_species                   ? 
_entity_src_gen.gene_src_strain                    'ATCC 204508 / S288c' 
_entity_src_gen.gene_src_tissue                    ? 
_entity_src_gen.gene_src_tissue_fraction           ? 
_entity_src_gen.gene_src_details                   ? 
_entity_src_gen.pdbx_gene_src_fragment             ? 
_entity_src_gen.pdbx_gene_src_scientific_name      'Saccharomyces cerevisiae' 
_entity_src_gen.pdbx_gene_src_ncbi_taxonomy_id     559292 
_entity_src_gen.pdbx_gene_src_variant              ? 
_entity_src_gen.pdbx_gene_src_cell_line            ? 
_entity_src_gen.pdbx_gene_src_atcc                 ? 
_entity_src_gen.pdbx_gene_src_organ                ? 
_entity_src_gen.pdbx_gene_src_organelle            ? 
_entity_src_gen.pdbx_gene_src_cell                 ? 
_entity_src_gen.pdbx_gene_src_cellular_location    ? 
_entity_src_gen.host_org_common_name               ? 
_entity_src_gen.pdbx_host_org_scientific_name      'ESCHERICHIA COLI' 
_entity_src_gen.pdbx_host_org_ncbi_taxonomy_id     469008 
_entity_src_gen.host_org_genus                     ? 
_entity_src_gen.pdbx_host_org_gene                 ? 
_entity_src_gen.pdbx_host_org_organ                ? 
_entity_src_gen.host_org_species                   ? 
_entity_src_gen.pdbx_host_org_tissue               ? 
_entity_src_gen.pdbx_host_org_tissue_fraction      ? 
_entity_src_gen.pdbx_host_org_strain               'BL21(DE3)' 
_entity_src_gen.pdbx_host_org_variant              ? 
_entity_src_gen.pdbx_host_org_cell_line            ? 
_entity_src_gen.pdbx_host_org_atcc                 ? 
_entity_src_gen.pdbx_host_org_culture_collection   ? 
_entity_src_gen.pdbx_host_org_cell                 ? 
_entity_src_gen.pdbx_host_org_organelle            ? 
_entity_src_gen.pdbx_host_org_cellular_location    ? 
_entity_src_gen.pdbx_host_org_vector_type          PLASMID 
_entity_src_gen.pdbx_host_org_vector               ? 
_entity_src_gen.host_org_details                   ? 
_entity_src_gen.expression_system_id               ? 
_entity_src_gen.plasmid_name                       'MODIFIED PCDFDUET' 
_entity_src_gen.plasmid_details                    ? 
_entity_src_gen.pdbx_description                   ? 
# 
loop_
_chem_comp.id 
_chem_comp.type 
_chem_comp.mon_nstd_flag 
_chem_comp.name 
_chem_comp.pdbx_synonyms 
_chem_comp.formula 
_chem_comp.formula_weight 
ALA 'L-peptide linking' y ALANINE         ? 'C3 H7 N O2'     89.093  
ARG 'L-peptide linking' y ARGININE        ? 'C6 H15 N4 O2 1' 175.209 
ASN 'L-peptide linking' y ASPARAGINE      ? 'C4 H8 N2 O3'    132.118 
ASP 'L-peptide linking' y 'ASPARTIC ACID' ? 'C4 H7 N O4'     133.103 
CYS 'L-peptide linking' y CYSTEINE        ? 'C3 H7 N O2 S'   121.158 
GLN 'L-peptide linking' y GLUTAMINE       ? 'C5 H10 N2 O3'   146.144 
GLU 'L-peptide linking' y 'GLUTAMIC ACID' ? 'C5 H9 N O4'     147.129 
GLY 'peptide linking'   y GLYCINE         ? 'C2 H5 N O2'     75.067  
HIS 'L-peptide linking' y HISTIDINE       ? 'C6 H10 N3 O2 1' 156.162 
HOH non-polymer         . WATER           ? 'H2 O'           18.015  
ILE 'L-peptide linking' y ISOLEUCINE      ? 'C6 H13 N O2'    131.173 
LEU 'L-peptide linking' y LEUCINE         ? 'C6 H13 N O2'    131.173 
LYS 'L-peptide linking' y LYSINE          ? 'C6 H15 N2 O2 1' 147.195 
MET 'L-peptide linking' y METHIONINE      ? 'C5 H11 N O2 S'  149.211 
PHE 'L-peptide linking' y PHENYLALANINE   ? 'C9 H11 N O2'    165.189 
SER 'L-peptide linking' y SERINE          ? 'C3 H7 N O3'     105.093 
THR 'L-peptide linking' y THREONINE       ? 'C4 H9 N O3'     119.119 
TRP 'L-peptide linking' y TRYPTOPHAN      ? 'C11 H12 N2 O2'  204.225 
TYR 'L-peptide linking' y TYROSINE        ? 'C9 H11 N O3'    181.189 
VAL 'L-peptide linking' y VALINE          ? 'C5 H11 N O2'    117.146 
# 
loop_
_pdbx_poly_seq_scheme.asym_id 
_pdbx_poly_seq_scheme.entity_id 
_pdbx_poly_seq_scheme.seq_id 
_pdbx_poly_seq_scheme.mon_id 
_pdbx_poly_seq_scheme.ndb_seq_num 
_pdbx_poly_seq_scheme.pdb_seq_num 
_pdbx_poly_seq_scheme.auth_seq_num 
_pdbx_poly_seq_scheme.pdb_mon_id 
_pdbx_poly_seq_scheme.auth_mon_id 
_pdbx_poly_seq_scheme.pdb_strand_id 
_pdbx_poly_seq_scheme.pdb_ins_code 
_pdbx_poly_seq_scheme.hetero 
A 1 1   MET 1   -3  -3  MET MET A . n 
A 1 2   GLY 2   -2  -2  GLY GLY A . n 
A 1 3   SER 3   -1  -1  SER SER A . n 
A 1 4   SER 4   17  17  SER SER A . n 
A 1 5   SER 5   18  18  SER SER A . n 
A 1 6   THR 6   19  19  THR THR A . n 
A 1 7   GLN 7   20  20  GLN GLN A . n 
A 1 8   VAL 8   21  21  VAL VAL A . n 
A 1 9   LEU 9   22  22  LEU LEU A . n 
A 1 10  VAL 10  23  23  VAL VAL A . n 
A 1 11  ARG 11  24  24  ARG ARG A . n 
A 1 12  ASN 12  25  25  ASN ASN A . n 
A 1 13  ALA 13  26  26  ALA ALA A . n 
A 1 14  THR 14  27  27  THR THR A . n 
A 1 15  SER 15  28  28  SER SER A . n 
A 1 16  ASN 16  29  29  ASN ASN A . n 
A 1 17  ASP 17  30  30  ASP ASP A . n 
A 1 18  ASN 18  31  31  ASN ASN A . n 
A 1 19  HIS 19  32  32  HIS HIS A . n 
A 1 20  GLN 20  33  33  GLN GLN A . n 
A 1 21  VAL 21  34  34  VAL VAL A . n 
A 1 22  SER 22  35  35  SER SER A . n 
A 1 23  LYS 23  36  36  LYS LYS A . n 
A 1 24  ASP 24  37  37  ASP ASP A . n 
A 1 25  SER 25  38  38  SER SER A . n 
A 1 26  LEU 26  39  39  LEU LEU A . n 
A 1 27  ILE 27  40  40  ILE ILE A . n 
A 1 28  GLU 28  41  41  GLU GLU A . n 
A 1 29  LEU 29  42  42  LEU LEU A . n 
A 1 30  ALA 30  43  43  ALA ALA A . n 
A 1 31  GLU 31  44  44  GLU GLU A . n 
A 1 32  LYS 32  45  45  LYS LYS A . n 
A 1 33  SER 33  46  46  SER SER A . n 
A 1 34  TYR 34  47  47  TYR TYR A . n 
A 1 35  ASP 35  48  48  ASP ASP A . n 
A 1 36  SER 36  49  49  SER SER A . n 
A 1 37  ALA 37  50  50  ALA ALA A . n 
A 1 38  ASP 38  51  51  ASP ASP A . n 
A 1 39  PHE 39  52  52  PHE PHE A . n 
A 1 40  PHE 40  53  53  PHE PHE A . n 
A 1 41  GLU 41  54  54  GLU GLU A . n 
A 1 42  ILE 42  55  55  ILE ILE A . n 
A 1 43  MET 43  56  56  MET MET A . n 
A 1 44  ASP 44  57  57  ASP ASP A . n 
A 1 45  MET 45  58  58  MET MET A . n 
A 1 46  LEU 46  59  59  LEU LEU A . n 
A 1 47  ASP 47  60  60  ASP ASP A . n 
A 1 48  LYS 48  61  61  LYS LYS A . n 
A 1 49  ARG 49  62  62  ARG ARG A . n 
A 1 50  LEU 50  63  63  LEU LEU A . n 
A 1 51  ASN 51  64  64  ASN ASN A . n 
A 1 52  ASP 52  65  65  ASP ASP A . n 
A 1 53  LYS 53  66  66  LYS LYS A . n 
A 1 54  GLY 54  67  67  GLY GLY A . n 
A 1 55  LYS 55  68  68  LYS LYS A . n 
A 1 56  TYR 56  69  69  TYR TYR A . n 
A 1 57  TRP 57  70  70  TRP TRP A . n 
A 1 58  ARG 58  71  71  ARG ARG A . n 
A 1 59  HIS 59  72  72  HIS HIS A . n 
A 1 60  ILE 60  73  73  ILE ILE A . n 
A 1 61  ALA 61  74  74  ALA ALA A . n 
A 1 62  LYS 62  75  75  LYS LYS A . n 
A 1 63  ALA 63  76  76  ALA ALA A . n 
A 1 64  LEU 64  77  77  LEU LEU A . n 
A 1 65  THR 65  78  78  THR THR A . n 
A 1 66  VAL 66  79  79  VAL VAL A . n 
A 1 67  ILE 67  80  80  ILE ILE A . n 
A 1 68  ASP 68  81  81  ASP ASP A . n 
A 1 69  TYR 69  82  82  TYR TYR A . n 
A 1 70  LEU 70  83  83  LEU LEU A . n 
A 1 71  ILE 71  84  84  ILE ILE A . n 
A 1 72  ARG 72  85  85  ARG ARG A . n 
A 1 73  PHE 73  86  86  PHE PHE A . n 
A 1 74  GLY 74  87  87  GLY GLY A . n 
A 1 75  SER 75  88  88  SER SER A . n 
A 1 76  GLU 76  89  89  GLU GLU A . n 
A 1 77  ASN 77  90  90  ASN ASN A . n 
A 1 78  CYS 78  91  91  CYS CYS A . n 
A 1 79  VAL 79  92  92  VAL VAL A . n 
A 1 80  LEU 80  93  93  LEU LEU A . n 
A 1 81  TRP 81  94  94  TRP TRP A . n 
A 1 82  CYS 82  95  95  CYS CYS A . n 
A 1 83  ARG 83  96  96  ARG ARG A . n 
A 1 84  GLU 84  97  97  GLU GLU A . n 
A 1 85  ASN 85  98  98  ASN ASN A . n 
A 1 86  LEU 86  99  99  LEU LEU A . n 
A 1 87  TYR 87  100 100 TYR TYR A . n 
A 1 88  ILE 88  101 101 ILE ILE A . n 
A 1 89  ILE 89  102 102 ILE ILE A . n 
A 1 90  LYS 90  103 103 LYS LYS A . n 
A 1 91  THR 91  104 104 THR THR A . n 
A 1 92  LEU 92  105 105 LEU LEU A . n 
A 1 93  LYS 93  106 106 LYS LYS A . n 
A 1 94  GLU 94  107 107 GLU GLU A . n 
A 1 95  PHE 95  108 108 PHE PHE A . n 
A 1 96  ARG 96  109 109 ARG ARG A . n 
A 1 97  HIS 97  110 110 HIS HIS A . n 
A 1 98  GLU 98  111 111 GLU GLU A . n 
A 1 99  ASP 99  112 112 ASP ASP A . n 
A 1 100 ASP 100 113 113 ASP ASP A . n 
A 1 101 GLU 101 114 114 GLU GLU A . n 
A 1 102 GLY 102 115 115 GLY GLY A . n 
A 1 103 ILE 103 116 116 ILE ILE A . n 
A 1 104 ASP 104 117 117 ASP ASP A . n 
A 1 105 GLN 105 118 118 GLN GLN A . n 
A 1 106 GLY 106 119 119 GLY GLY A . n 
A 1 107 GLN 107 120 120 GLN GLN A . n 
A 1 108 ILE 108 121 121 ILE ILE A . n 
A 1 109 VAL 109 122 122 VAL VAL A . n 
A 1 110 ARG 110 123 123 ARG ARG A . n 
A 1 111 VAL 111 124 124 VAL VAL A . n 
A 1 112 LYS 112 125 125 LYS LYS A . n 
A 1 113 ALA 113 126 126 ALA ALA A . n 
A 1 114 LYS 114 127 127 LYS LYS A . n 
A 1 115 GLU 115 128 128 GLU GLU A . n 
A 1 116 LEU 116 129 129 LEU LEU A . n 
A 1 117 THR 117 130 130 THR THR A . n 
A 1 118 ALA 118 131 131 ALA ALA A . n 
A 1 119 LEU 119 132 132 LEU LEU A . n 
A 1 120 LEU 120 133 133 LEU LEU A . n 
A 1 121 SER 121 134 134 SER SER A . n 
A 1 122 ASP 122 135 135 ASP ASP A . n 
A 1 123 ASP 123 136 136 ASP ASP A . n 
A 1 124 GLU 124 137 137 GLU GLU A . n 
A 1 125 ARG 125 138 138 ARG ARG A . n 
A 1 126 LEU 126 139 139 LEU LEU A . n 
A 1 127 ASN 127 140 140 ASN ASN A . n 
A 1 128 GLU 128 141 141 GLU GLU A . n 
A 1 129 GLU 129 142 142 GLU GLU A . n 
A 1 130 ARG 130 143 143 ARG ARG A . n 
A 1 131 ASN 131 144 144 ASN ASN A . n 
A 1 132 MET 132 145 145 MET MET A . n 
A 1 133 ASN 133 146 146 ASN ASN A . n 
A 1 134 ILE 134 147 147 ILE ILE A . n 
A 1 135 LYS 135 148 148 LYS LYS A . n 
A 1 136 GLY 136 149 149 GLY GLY A . n 
A 1 137 ARG 137 150 150 ARG ARG A . n 
# 
loop_
_pdbx_nonpoly_scheme.asym_id 
_pdbx_nonpoly_scheme.entity_id 
_pdbx_nonpoly_scheme.mon_id 
_pdbx_nonpoly_scheme.ndb_seq_num 
_pdbx_nonpoly_scheme.pdb_seq_num 
_pdbx_nonpoly_scheme.auth_seq_num 
_pdbx_nonpoly_scheme.pdb_mon_id 
_pdbx_nonpoly_scheme.auth_mon_id 
_pdbx_nonpoly_scheme.pdb_strand_id 
_pdbx_nonpoly_scheme.pdb_ins_code 
B 2 HOH 1  201 221 HOH HOH A . 
B 2 HOH 2  202 289 HOH HOH A . 
B 2 HOH 3  203 260 HOH HOH A . 
B 2 HOH 4  204 210 HOH HOH A . 
B 2 HOH 5  205 292 HOH HOH A . 
B 2 HOH 6  206 229 HOH HOH A . 
B 2 HOH 7  207 211 HOH HOH A . 
B 2 HOH 8  208 212 HOH HOH A . 
B 2 HOH 9  209 239 HOH HOH A . 
B 2 HOH 10 210 219 HOH HOH A . 
B 2 HOH 11 211 201 HOH HOH A . 
B 2 HOH 12 212 224 HOH HOH A . 
B 2 HOH 13 213 294 HOH HOH A . 
B 2 HOH 14 214 267 HOH HOH A . 
B 2 HOH 15 215 214 HOH HOH A . 
B 2 HOH 16 216 246 HOH HOH A . 
B 2 HOH 17 217 264 HOH HOH A . 
B 2 HOH 18 218 220 HOH HOH A . 
B 2 HOH 19 219 231 HOH HOH A . 
B 2 HOH 20 220 262 HOH HOH A . 
B 2 HOH 21 221 213 HOH HOH A . 
B 2 HOH 22 222 236 HOH HOH A . 
B 2 HOH 23 223 204 HOH HOH A . 
B 2 HOH 24 224 206 HOH HOH A . 
B 2 HOH 25 225 256 HOH HOH A . 
B 2 HOH 26 226 235 HOH HOH A . 
B 2 HOH 27 227 227 HOH HOH A . 
B 2 HOH 28 228 286 HOH HOH A . 
B 2 HOH 29 229 240 HOH HOH A . 
B 2 HOH 30 230 218 HOH HOH A . 
B 2 HOH 31 231 241 HOH HOH A . 
B 2 HOH 32 232 285 HOH HOH A . 
B 2 HOH 33 233 216 HOH HOH A . 
B 2 HOH 34 234 233 HOH HOH A . 
B 2 HOH 35 235 222 HOH HOH A . 
B 2 HOH 36 236 223 HOH HOH A . 
B 2 HOH 37 237 232 HOH HOH A . 
B 2 HOH 38 238 203 HOH HOH A . 
B 2 HOH 39 239 272 HOH HOH A . 
B 2 HOH 40 240 280 HOH HOH A . 
B 2 HOH 41 241 230 HOH HOH A . 
B 2 HOH 42 242 265 HOH HOH A . 
B 2 HOH 43 243 250 HOH HOH A . 
B 2 HOH 44 244 205 HOH HOH A . 
B 2 HOH 45 245 242 HOH HOH A . 
B 2 HOH 46 246 254 HOH HOH A . 
B 2 HOH 47 247 253 HOH HOH A . 
B 2 HOH 48 248 243 HOH HOH A . 
B 2 HOH 49 249 207 HOH HOH A . 
B 2 HOH 50 250 258 HOH HOH A . 
B 2 HOH 51 251 251 HOH HOH A . 
B 2 HOH 52 252 297 HOH HOH A . 
B 2 HOH 53 253 245 HOH HOH A . 
B 2 HOH 54 254 225 HOH HOH A . 
B 2 HOH 55 255 234 HOH HOH A . 
B 2 HOH 56 256 288 HOH HOH A . 
B 2 HOH 57 257 237 HOH HOH A . 
B 2 HOH 58 258 249 HOH HOH A . 
B 2 HOH 59 259 202 HOH HOH A . 
B 2 HOH 60 260 287 HOH HOH A . 
B 2 HOH 61 261 278 HOH HOH A . 
B 2 HOH 62 262 268 HOH HOH A . 
B 2 HOH 63 263 295 HOH HOH A . 
B 2 HOH 64 264 261 HOH HOH A . 
B 2 HOH 65 265 209 HOH HOH A . 
B 2 HOH 66 266 217 HOH HOH A . 
B 2 HOH 67 267 228 HOH HOH A . 
B 2 HOH 68 268 273 HOH HOH A . 
B 2 HOH 69 269 238 HOH HOH A . 
B 2 HOH 70 270 226 HOH HOH A . 
B 2 HOH 71 271 208 HOH HOH A . 
B 2 HOH 72 272 270 HOH HOH A . 
B 2 HOH 73 273 248 HOH HOH A . 
B 2 HOH 74 274 255 HOH HOH A . 
B 2 HOH 75 275 296 HOH HOH A . 
B 2 HOH 76 276 271 HOH HOH A . 
B 2 HOH 77 277 257 HOH HOH A . 
B 2 HOH 78 278 279 HOH HOH A . 
B 2 HOH 79 279 276 HOH HOH A . 
B 2 HOH 80 280 247 HOH HOH A . 
B 2 HOH 81 281 293 HOH HOH A . 
B 2 HOH 82 282 215 HOH HOH A . 
B 2 HOH 83 283 277 HOH HOH A . 
B 2 HOH 84 284 282 HOH HOH A . 
B 2 HOH 85 285 291 HOH HOH A . 
B 2 HOH 86 286 252 HOH HOH A . 
B 2 HOH 87 287 263 HOH HOH A . 
B 2 HOH 88 288 244 HOH HOH A . 
B 2 HOH 89 289 266 HOH HOH A . 
B 2 HOH 90 290 269 HOH HOH A . 
B 2 HOH 91 291 275 HOH HOH A . 
B 2 HOH 92 292 274 HOH HOH A . 
B 2 HOH 93 293 290 HOH HOH A . 
B 2 HOH 94 294 284 HOH HOH A . 
B 2 HOH 95 295 259 HOH HOH A . 
B 2 HOH 96 296 281 HOH HOH A . 
B 2 HOH 97 297 283 HOH HOH A . 
# 
loop_
_software.citation_id 
_software.classification 
_software.compiler_name 
_software.compiler_version 
_software.contact_author 
_software.contact_author_email 
_software.date 
_software.description 
_software.dependencies 
_software.hardware 
_software.language 
_software.location 
_software.mods 
_software.name 
_software.os 
_software.os_version 
_software.type 
_software.version 
_software.pdbx_ordinal 
? 'data reduction' ? ? ? ? ? ? ? ? ? ? ? MOSFLM ? ? ? .        1 
? 'data scaling'   ? ? ? ? ? ? ? ? ? ? ? SCALA  ? ? ? .        2 
? phasing          ? ? ? ? ? ? ? ? ? ? ? PHASER ? ? ? .        3 
? refinement       ? ? ? ? ? ? ? ? ? ? ? REFMAC ? ? ? 5.5.0109 4 
# 
_cell.angle_alpha                  90.00 
_cell.angle_alpha_esd              ? 
_cell.angle_beta                   90.00 
_cell.angle_beta_esd               ? 
_cell.angle_gamma                  90.00 
_cell.angle_gamma_esd              ? 
_cell.entry_id                     5LOZ 
_cell.details                      ? 
_cell.formula_units_Z              ? 
_cell.length_a                     32.690 
_cell.length_a_esd                 ? 
_cell.length_b                     35.460 
_cell.length_b_esd                 ? 
_cell.length_c                     110.620 
_cell.length_c_esd                 ? 
_cell.volume                       ? 
_cell.volume_esd                   ? 
_cell.Z_PDB                        4 
_cell.reciprocal_angle_alpha       ? 
_cell.reciprocal_angle_beta        ? 
_cell.reciprocal_angle_gamma       ? 
_cell.reciprocal_angle_alpha_esd   ? 
_cell.reciprocal_angle_beta_esd    ? 
_cell.reciprocal_angle_gamma_esd   ? 
_cell.reciprocal_length_a          ? 
_cell.reciprocal_length_b          ? 
_cell.reciprocal_length_c          ? 
_cell.reciprocal_length_a_esd      ? 
_cell.reciprocal_length_b_esd      ? 
_cell.reciprocal_length_c_esd      ? 
_cell.pdbx_unique_axis             ? 
# 
_symmetry.entry_id                         5LOZ 
_symmetry.cell_setting                     ? 
_symmetry.Int_Tables_number                19 
_symmetry.space_group_name_Hall            ? 
_symmetry.space_group_name_H-M             'P 21 21 21' 
_symmetry.pdbx_full_space_group_name_H-M   ? 
# 
_exptl.absorpt_coefficient_mu     ? 
_exptl.absorpt_correction_T_max   ? 
_exptl.absorpt_correction_T_min   ? 
_exptl.absorpt_correction_type    ? 
_exptl.absorpt_process_details    ? 
_exptl.entry_id                   5LOZ 
_exptl.crystals_number            1 
_exptl.details                    ? 
_exptl.method                     'X-RAY DIFFRACTION' 
_exptl.method_details             ? 
# 
_exptl_crystal.colour                      ? 
_exptl_crystal.density_diffrn              ? 
_exptl_crystal.density_Matthews            2.01 
_exptl_crystal.density_method              ? 
_exptl_crystal.density_percent_sol         38.68 
_exptl_crystal.description                 ? 
_exptl_crystal.F_000                       ? 
_exptl_crystal.id                          1 
_exptl_crystal.preparation                 ? 
_exptl_crystal.size_max                    ? 
_exptl_crystal.size_mid                    ? 
_exptl_crystal.size_min                    ? 
_exptl_crystal.size_rad                    ? 
_exptl_crystal.colour_lustre               ? 
_exptl_crystal.colour_modifier             ? 
_exptl_crystal.colour_primary              ? 
_exptl_crystal.density_meas                ? 
_exptl_crystal.density_meas_esd            ? 
_exptl_crystal.density_meas_gt             ? 
_exptl_crystal.density_meas_lt             ? 
_exptl_crystal.density_meas_temp           ? 
_exptl_crystal.density_meas_temp_esd       ? 
_exptl_crystal.density_meas_temp_gt        ? 
_exptl_crystal.density_meas_temp_lt        ? 
_exptl_crystal.pdbx_crystal_image_url      ? 
_exptl_crystal.pdbx_crystal_image_format   ? 
_exptl_crystal.pdbx_mosaicity              ? 
_exptl_crystal.pdbx_mosaicity_esd          ? 
# 
_exptl_crystal_grow.apparatus       ? 
_exptl_crystal_grow.atmosphere      ? 
_exptl_crystal_grow.crystal_id      1 
_exptl_crystal_grow.details         ? 
_exptl_crystal_grow.method          'VAPOR DIFFUSION, SITTING DROP' 
_exptl_crystal_grow.method_ref      ? 
_exptl_crystal_grow.pH              7.5 
_exptl_crystal_grow.pressure        ? 
_exptl_crystal_grow.pressure_esd    ? 
_exptl_crystal_grow.seeding         ? 
_exptl_crystal_grow.seeding_ref     ? 
_exptl_crystal_grow.temp            292 
_exptl_crystal_grow.temp_details    ? 
_exptl_crystal_grow.temp_esd        ? 
_exptl_crystal_grow.time            ? 
_exptl_crystal_grow.pdbx_details    '20%(W/V) PEG 3350, 0.1 M HEPES PH 7.5, 3.5% TACSIMATE PH 7.0, VAPOR DIFFUSION, SITTING DROP' 
_exptl_crystal_grow.pdbx_pH_range   7.5 
# 
_diffrn.ambient_environment    ? 
_diffrn.ambient_temp           110.0 
_diffrn.ambient_temp_details   ? 
_diffrn.ambient_temp_esd       ? 
_diffrn.crystal_id             1 
_diffrn.crystal_support        ? 
_diffrn.crystal_treatment      ? 
_diffrn.details                ? 
_diffrn.id                     1 
_diffrn.ambient_pressure       ? 
_diffrn.ambient_pressure_esd   ? 
_diffrn.ambient_pressure_gt    ? 
_diffrn.ambient_pressure_lt    ? 
_diffrn.ambient_temp_gt        ? 
_diffrn.ambient_temp_lt        ? 
# 
_diffrn_detector.details                      ? 
_diffrn_detector.detector                     CCD 
_diffrn_detector.diffrn_id                    1 
_diffrn_detector.type                         'ADSC QUANTUM 315' 
_diffrn_detector.area_resol_mean              ? 
_diffrn_detector.dtime                        ? 
_diffrn_detector.pdbx_frames_total            ? 
_diffrn_detector.pdbx_collection_time_total   ? 
_diffrn_detector.pdbx_collection_date         2010-04-12 
# 
_diffrn_radiation.collimation                      ? 
_diffrn_radiation.diffrn_id                        1 
_diffrn_radiation.filter_edge                      ? 
_diffrn_radiation.inhomogeneity                    ? 
_diffrn_radiation.monochromator                    NA 
_diffrn_radiation.polarisn_norm                    ? 
_diffrn_radiation.polarisn_ratio                   ? 
_diffrn_radiation.probe                            ? 
_diffrn_radiation.type                             ? 
_diffrn_radiation.xray_symbol                      ? 
_diffrn_radiation.wavelength_id                    1 
_diffrn_radiation.pdbx_monochromatic_or_laue_m_l   M 
_diffrn_radiation.pdbx_wavelength_list             ? 
_diffrn_radiation.pdbx_wavelength                  ? 
_diffrn_radiation.pdbx_diffrn_protocol             'SINGLE WAVELENGTH' 
_diffrn_radiation.pdbx_analyzer                    ? 
_diffrn_radiation.pdbx_scattering_type             x-ray 
# 
_diffrn_radiation_wavelength.id           1 
_diffrn_radiation_wavelength.wavelength   0.979 
_diffrn_radiation_wavelength.wt           1.0 
# 
_diffrn_source.current                     ? 
_diffrn_source.details                     ? 
_diffrn_source.diffrn_id                   1 
_diffrn_source.power                       ? 
_diffrn_source.size                        ? 
_diffrn_source.source                      SYNCHROTRON 
_diffrn_source.target                      ? 
_diffrn_source.type                        'ESRF BEAMLINE ID23-1' 
_diffrn_source.voltage                     ? 
_diffrn_source.take-off_angle              ? 
_diffrn_source.pdbx_wavelength_list        0.979 
_diffrn_source.pdbx_wavelength             ? 
_diffrn_source.pdbx_synchrotron_beamline   ID23-1 
_diffrn_source.pdbx_synchrotron_site       ESRF 
# 
_reflns.B_iso_Wilson_estimate            19.86 
_reflns.entry_id                         5LOZ 
_reflns.data_reduction_details           ? 
_reflns.data_reduction_method            ? 
_reflns.d_resolution_high                1.950 
_reflns.d_resolution_low                 55.420 
_reflns.details                          ? 
_reflns.limit_h_max                      ? 
_reflns.limit_h_min                      ? 
_reflns.limit_k_max                      ? 
_reflns.limit_k_min                      ? 
_reflns.limit_l_max                      ? 
_reflns.limit_l_min                      ? 
_reflns.number_all                       ? 
_reflns.number_obs                       9844 
_reflns.observed_criterion               ? 
_reflns.observed_criterion_F_max         ? 
_reflns.observed_criterion_F_min         ? 
_reflns.observed_criterion_I_max         ? 
_reflns.observed_criterion_I_min         ? 
_reflns.observed_criterion_sigma_F       ? 
_reflns.observed_criterion_sigma_I       2.000 
_reflns.percent_possible_obs             99.2 
_reflns.R_free_details                   ? 
_reflns.Rmerge_F_all                     ? 
_reflns.Rmerge_F_obs                     ? 
_reflns.Friedel_coverage                 ? 
_reflns.number_gt                        ? 
_reflns.threshold_expression             ? 
_reflns.pdbx_redundancy                  3.800 
_reflns.pdbx_Rmerge_I_obs                ? 
_reflns.pdbx_Rmerge_I_all                ? 
_reflns.pdbx_Rsym_value                  0.16600 
_reflns.pdbx_netI_over_av_sigmaI         ? 
_reflns.pdbx_netI_over_sigmaI            6.7900 
_reflns.pdbx_res_netI_over_av_sigmaI_2   ? 
_reflns.pdbx_res_netI_over_sigmaI_2      ? 
_reflns.pdbx_chi_squared                 ? 
_reflns.pdbx_scaling_rejects             ? 
_reflns.pdbx_d_res_high_opt              ? 
_reflns.pdbx_d_res_low_opt               ? 
_reflns.pdbx_d_res_opt_method            ? 
_reflns.phase_calculation_details        ? 
_reflns.pdbx_Rrim_I_all                  ? 
_reflns.pdbx_Rpim_I_all                  ? 
_reflns.pdbx_d_opt                       ? 
_reflns.pdbx_number_measured_all         ? 
_reflns.pdbx_diffrn_id                   1 
_reflns.pdbx_ordinal                     1 
_reflns.pdbx_CC_half                     ? 
_reflns.pdbx_R_split                     ? 
# 
_reflns_shell.d_res_high                  1.95 
_reflns_shell.d_res_low                   2.06 
_reflns_shell.meanI_over_sigI_all         ? 
_reflns_shell.meanI_over_sigI_obs         1.500 
_reflns_shell.number_measured_all         ? 
_reflns_shell.number_measured_obs         ? 
_reflns_shell.number_possible             ? 
_reflns_shell.number_unique_all           ? 
_reflns_shell.number_unique_obs           ? 
_reflns_shell.percent_possible_all        99.6 
_reflns_shell.percent_possible_obs        ? 
_reflns_shell.Rmerge_F_all                ? 
_reflns_shell.Rmerge_F_obs                ? 
_reflns_shell.Rmerge_I_all                ? 
_reflns_shell.Rmerge_I_obs                ? 
_reflns_shell.meanI_over_sigI_gt          ? 
_reflns_shell.meanI_over_uI_all           ? 
_reflns_shell.meanI_over_uI_gt            ? 
_reflns_shell.number_measured_gt          ? 
_reflns_shell.number_unique_gt            ? 
_reflns_shell.percent_possible_gt         ? 
_reflns_shell.Rmerge_F_gt                 ? 
_reflns_shell.Rmerge_I_gt                 ? 
_reflns_shell.pdbx_redundancy             ? 
_reflns_shell.pdbx_Rsym_value             0.01022 
_reflns_shell.pdbx_chi_squared            ? 
_reflns_shell.pdbx_netI_over_sigmaI_all   ? 
_reflns_shell.pdbx_netI_over_sigmaI_obs   ? 
_reflns_shell.pdbx_Rrim_I_all             ? 
_reflns_shell.pdbx_Rpim_I_all             ? 
_reflns_shell.pdbx_rejects                ? 
_reflns_shell.pdbx_ordinal                1 
_reflns_shell.pdbx_diffrn_id              1 
_reflns_shell.pdbx_CC_half                ? 
_reflns_shell.pdbx_R_split                ? 
# 
_refine.aniso_B[1][1]                            -0.47000 
_refine.aniso_B[1][2]                            0.00000 
_refine.aniso_B[1][3]                            0.00000 
_refine.aniso_B[2][2]                            -0.42000 
_refine.aniso_B[2][3]                            0.00000 
_refine.aniso_B[3][3]                            0.89000 
_refine.B_iso_max                                ? 
_refine.B_iso_mean                               14.93 
_refine.B_iso_min                                ? 
_refine.correlation_coeff_Fo_to_Fc               0.943 
_refine.correlation_coeff_Fo_to_Fc_free          0.903 
_refine.details                                  ? 
_refine.diff_density_max                         ? 
_refine.diff_density_max_esd                     ? 
_refine.diff_density_min                         ? 
_refine.diff_density_min_esd                     ? 
_refine.diff_density_rms                         ? 
_refine.diff_density_rms_esd                     ? 
_refine.entry_id                                 5LOZ 
_refine.pdbx_refine_id                           'X-RAY DIFFRACTION' 
_refine.ls_abs_structure_details                 ? 
_refine.ls_abs_structure_Flack                   ? 
_refine.ls_abs_structure_Flack_esd               ? 
_refine.ls_abs_structure_Rogers                  ? 
_refine.ls_abs_structure_Rogers_esd              ? 
_refine.ls_d_res_high                            1.95 
_refine.ls_d_res_low                             55.42 
_refine.ls_extinction_coef                       ? 
_refine.ls_extinction_coef_esd                   ? 
_refine.ls_extinction_expression                 ? 
_refine.ls_extinction_method                     ? 
_refine.ls_goodness_of_fit_all                   ? 
_refine.ls_goodness_of_fit_all_esd               ? 
_refine.ls_goodness_of_fit_obs                   ? 
_refine.ls_goodness_of_fit_obs_esd               ? 
_refine.ls_hydrogen_treatment                    ? 
_refine.ls_matrix_type                           ? 
_refine.ls_number_constraints                    ? 
_refine.ls_number_parameters                     ? 
_refine.ls_number_reflns_all                     ? 
_refine.ls_number_reflns_obs                     9366 
_refine.ls_number_reflns_R_free                  475 
_refine.ls_number_reflns_R_work                  ? 
_refine.ls_number_restraints                     ? 
_refine.ls_percent_reflns_obs                    98.7 
_refine.ls_percent_reflns_R_free                 4.800 
_refine.ls_R_factor_all                          ? 
_refine.ls_R_factor_obs                          0.193 
_refine.ls_R_factor_R_free                       0.236 
_refine.ls_R_factor_R_free_error                 ? 
_refine.ls_R_factor_R_free_error_details         ? 
_refine.ls_R_factor_R_work                       0.186 
_refine.ls_R_Fsqd_factor_obs                     ? 
_refine.ls_R_I_factor_obs                        ? 
_refine.ls_redundancy_reflns_all                 ? 
_refine.ls_redundancy_reflns_obs                 ? 
_refine.ls_restrained_S_all                      ? 
_refine.ls_restrained_S_obs                      ? 
_refine.ls_shift_over_esd_max                    ? 
_refine.ls_shift_over_esd_mean                   ? 
_refine.ls_structure_factor_coef                 ? 
_refine.ls_weighting_details                     ? 
_refine.ls_weighting_scheme                      ? 
_refine.ls_wR_factor_all                         ? 
_refine.ls_wR_factor_obs                         ? 
_refine.ls_wR_factor_R_free                      ? 
_refine.ls_wR_factor_R_work                      ? 
_refine.occupancy_max                            ? 
_refine.occupancy_min                            ? 
_refine.solvent_model_details                    'BABINET MODEL WITH MASK' 
_refine.solvent_model_param_bsol                 ? 
_refine.solvent_model_param_ksol                 ? 
_refine.ls_R_factor_gt                           ? 
_refine.ls_goodness_of_fit_gt                    ? 
_refine.ls_goodness_of_fit_ref                   ? 
_refine.ls_shift_over_su_max                     ? 
_refine.ls_shift_over_su_max_lt                  ? 
_refine.ls_shift_over_su_mean                    ? 
_refine.ls_shift_over_su_mean_lt                 ? 
_refine.pdbx_ls_sigma_I                          ? 
_refine.pdbx_ls_sigma_F                          0.000 
_refine.pdbx_ls_sigma_Fsqd                       ? 
_refine.pdbx_data_cutoff_high_absF               ? 
_refine.pdbx_data_cutoff_high_rms_absF           ? 
_refine.pdbx_data_cutoff_low_absF                ? 
_refine.pdbx_isotropic_thermal_model             ? 
_refine.pdbx_ls_cross_valid_method               THROUGHOUT 
_refine.pdbx_method_to_determine_struct          'MOLECULAR REPLACEMENT' 
_refine.pdbx_starting_model                      ? 
_refine.pdbx_stereochemistry_target_values       'MAXIMUM LIKELIHOOD' 
_refine.pdbx_R_Free_selection_details            RANDOM 
_refine.pdbx_stereochem_target_val_spec_case     ? 
_refine.pdbx_overall_ESU_R                       0.203 
_refine.pdbx_overall_ESU_R_Free                  0.181 
_refine.pdbx_solvent_vdw_probe_radii             1.40 
_refine.pdbx_solvent_ion_probe_radii             0.80 
_refine.pdbx_solvent_shrinkage_radii             0.80 
_refine.pdbx_real_space_R                        ? 
_refine.pdbx_density_correlation                 ? 
_refine.pdbx_pd_number_of_powder_patterns        ? 
_refine.pdbx_pd_number_of_points                 ? 
_refine.pdbx_pd_meas_number_of_points            ? 
_refine.pdbx_pd_proc_ls_prof_R_factor            ? 
_refine.pdbx_pd_proc_ls_prof_wR_factor           ? 
_refine.pdbx_pd_Marquardt_correlation_coeff      ? 
_refine.pdbx_pd_Fsqrd_R_factor                   ? 
_refine.pdbx_pd_ls_matrix_band_width             ? 
_refine.pdbx_overall_phase_error                 ? 
_refine.pdbx_overall_SU_R_free_Cruickshank_DPI   ? 
_refine.pdbx_overall_SU_R_free_Blow_DPI          ? 
_refine.pdbx_overall_SU_R_Blow_DPI               ? 
_refine.pdbx_TLS_residual_ADP_flag               ? 
_refine.pdbx_diffrn_id                           1 
_refine.overall_SU_B                             4.353 
_refine.overall_SU_ML                            0.122 
_refine.overall_SU_R_Cruickshank_DPI             ? 
_refine.overall_SU_R_free                        ? 
_refine.overall_FOM_free_R_set                   ? 
_refine.overall_FOM_work_R_set                   ? 
_refine.pdbx_average_fsc_overall                 ? 
_refine.pdbx_average_fsc_work                    ? 
_refine.pdbx_average_fsc_free                    ? 
# 
_refine_hist.pdbx_refine_id                   'X-RAY DIFFRACTION' 
_refine_hist.cycle_id                         LAST 
_refine_hist.pdbx_number_atoms_protein        1118 
_refine_hist.pdbx_number_atoms_nucleic_acid   0 
_refine_hist.pdbx_number_atoms_ligand         0 
_refine_hist.number_atoms_solvent             97 
_refine_hist.number_atoms_total               1215 
_refine_hist.d_res_high                       1.95 
_refine_hist.d_res_low                        55.42 
# 
loop_
_refine_ls_restr.pdbx_refine_id 
_refine_ls_restr.criterion 
_refine_ls_restr.dev_ideal 
_refine_ls_restr.dev_ideal_target 
_refine_ls_restr.number 
_refine_ls_restr.rejects 
_refine_ls_restr.type 
_refine_ls_restr.weight 
_refine_ls_restr.pdbx_restraint_function 
'X-RAY DIFFRACTION' ? 0.018  0.022  1178 ? r_bond_refined_d             ? ? 
'X-RAY DIFFRACTION' ? 0.008  0.020  831  ? r_bond_other_d               ? ? 
'X-RAY DIFFRACTION' ? 1.296  1.957  1586 ? r_angle_refined_deg          ? ? 
'X-RAY DIFFRACTION' ? 0.997  3.000  2027 ? r_angle_other_deg            ? ? 
'X-RAY DIFFRACTION' ? 4.508  5.000  148  ? r_dihedral_angle_1_deg       ? ? 
'X-RAY DIFFRACTION' ? 42.289 24.688 64   ? r_dihedral_angle_2_deg       ? ? 
'X-RAY DIFFRACTION' ? 17.225 15.000 241  ? r_dihedral_angle_3_deg       ? ? 
'X-RAY DIFFRACTION' ? 19.182 15.000 10   ? r_dihedral_angle_4_deg       ? ? 
'X-RAY DIFFRACTION' ? 0.108  0.200  174  ? r_chiral_restr               ? ? 
'X-RAY DIFFRACTION' ? 0.006  0.020  1306 ? r_gen_planes_refined         ? ? 
'X-RAY DIFFRACTION' ? 0.001  0.020  238  ? r_gen_planes_other           ? ? 
'X-RAY DIFFRACTION' ? ?      ?      ?    ? r_nbd_refined                ? ? 
'X-RAY DIFFRACTION' ? ?      ?      ?    ? r_nbd_other                  ? ? 
'X-RAY DIFFRACTION' ? ?      ?      ?    ? r_nbtor_refined              ? ? 
'X-RAY DIFFRACTION' ? ?      ?      ?    ? r_nbtor_other                ? ? 
'X-RAY DIFFRACTION' ? ?      ?      ?    ? r_xyhbond_nbd_refined        ? ? 
'X-RAY DIFFRACTION' ? ?      ?      ?    ? r_xyhbond_nbd_other          ? ? 
'X-RAY DIFFRACTION' ? ?      ?      ?    ? r_metal_ion_refined          ? ? 
'X-RAY DIFFRACTION' ? ?      ?      ?    ? r_metal_ion_other            ? ? 
'X-RAY DIFFRACTION' ? ?      ?      ?    ? r_symmetry_vdw_refined       ? ? 
'X-RAY DIFFRACTION' ? ?      ?      ?    ? r_symmetry_vdw_other         ? ? 
'X-RAY DIFFRACTION' ? ?      ?      ?    ? r_symmetry_hbond_refined     ? ? 
'X-RAY DIFFRACTION' ? ?      ?      ?    ? r_symmetry_hbond_other       ? ? 
'X-RAY DIFFRACTION' ? ?      ?      ?    ? r_symmetry_metal_ion_refined ? ? 
'X-RAY DIFFRACTION' ? ?      ?      ?    ? r_symmetry_metal_ion_other   ? ? 
'X-RAY DIFFRACTION' ? 1.446  1.500  698  ? r_mcbond_it                  ? ? 
'X-RAY DIFFRACTION' ? 0.434  1.500  286  ? r_mcbond_other               ? ? 
'X-RAY DIFFRACTION' ? 2.421  2.000  1128 ? r_mcangle_it                 ? ? 
'X-RAY DIFFRACTION' ? ?      ?      ?    ? r_mcangle_other              ? ? 
'X-RAY DIFFRACTION' ? 3.835  3.000  480  ? r_scbond_it                  ? ? 
'X-RAY DIFFRACTION' ? ?      ?      ?    ? r_scbond_other               ? ? 
'X-RAY DIFFRACTION' ? 5.767  4.500  451  ? r_scangle_it                 ? ? 
'X-RAY DIFFRACTION' ? ?      ?      ?    ? r_scangle_other              ? ? 
'X-RAY DIFFRACTION' ? ?      ?      ?    ? r_long_range_B_refined       ? ? 
'X-RAY DIFFRACTION' ? ?      ?      ?    ? r_long_range_B_other         ? ? 
'X-RAY DIFFRACTION' ? ?      ?      ?    ? r_rigid_bond_restr           ? ? 
'X-RAY DIFFRACTION' ? ?      ?      ?    ? r_sphericity_free            ? ? 
'X-RAY DIFFRACTION' ? ?      ?      ?    ? r_sphericity_bonded          ? ? 
# 
_refine_ls_shell.pdbx_refine_id                   'X-RAY DIFFRACTION' 
_refine_ls_shell.d_res_high                       1.95 
_refine_ls_shell.d_res_low                        2.00 
_refine_ls_shell.number_reflns_all                ? 
_refine_ls_shell.number_reflns_obs                ? 
_refine_ls_shell.number_reflns_R_free             41 
_refine_ls_shell.number_reflns_R_work             656 
_refine_ls_shell.percent_reflns_obs               98.87 
_refine_ls_shell.percent_reflns_R_free            ? 
_refine_ls_shell.R_factor_all                     ? 
_refine_ls_shell.R_factor_obs                     ? 
_refine_ls_shell.R_factor_R_free                  0.4330 
_refine_ls_shell.R_factor_R_free_error            ? 
_refine_ls_shell.R_factor_R_work                  0.3090 
_refine_ls_shell.redundancy_reflns_all            ? 
_refine_ls_shell.redundancy_reflns_obs            ? 
_refine_ls_shell.wR_factor_all                    ? 
_refine_ls_shell.wR_factor_obs                    ? 
_refine_ls_shell.wR_factor_R_free                 ? 
_refine_ls_shell.wR_factor_R_work                 ? 
_refine_ls_shell.pdbx_total_number_of_bins_used   20 
_refine_ls_shell.pdbx_phase_error                 ? 
_refine_ls_shell.pdbx_fsc_work                    ? 
_refine_ls_shell.pdbx_fsc_free                    ? 
# 
_struct.entry_id                     5LOZ 
_struct.title                        'STRUCTURE OF YEAST ENT1 ENTH DOMAIN' 
_struct.pdbx_model_details           ? 
_struct.pdbx_formula_weight          ? 
_struct.pdbx_formula_weight_method   ? 
_struct.pdbx_model_type_details      ? 
_struct.pdbx_CASP_flag               N 
# 
_struct_keywords.entry_id        5LOZ 
_struct_keywords.text            
'ALPHA-ALPHA SUPERHELIX, UBIQUITIN RECEPTOR, ENDOCYTOSIS ADAPTOR, UBIQUITIN, CLATHRIN, LIPID, EPS15, UBIQUITIN-BINDING DOMAIN' 
_struct_keywords.pdbx_keywords   'UBIQUITIN-BINDING DOMAIN' 
# 
loop_
_struct_asym.id 
_struct_asym.pdbx_blank_PDB_chainid_flag 
_struct_asym.pdbx_modified 
_struct_asym.entity_id 
_struct_asym.details 
A N N 1 ? 
B N N 2 ? 
# 
_struct_ref.id                         1 
_struct_ref.db_name                    UNP 
_struct_ref.db_code                    ENT1_YEAST 
_struct_ref.pdbx_db_accession          Q12518 
_struct_ref.pdbx_db_isoform            ? 
_struct_ref.entity_id                  1 
_struct_ref.pdbx_seq_one_letter_code   
;SSTQVLVRNATSNDNHQVSKDSLIELAEKSYDSADFFEIMDMLDKRLNDKGKYWRHIAKALTVIDYLIRFGSENCVLWCR
ENLYIIKTLKEFRHEDDEGIDQGQIVRVKAKELTALLSDDERLNEERNMNIKGR
;
_struct_ref.pdbx_align_begin           17 
# 
_struct_ref_seq.align_id                      1 
_struct_ref_seq.ref_id                        1 
_struct_ref_seq.pdbx_PDB_id_code              5LOZ 
_struct_ref_seq.pdbx_strand_id                A 
_struct_ref_seq.seq_align_beg                 4 
_struct_ref_seq.pdbx_seq_align_beg_ins_code   ? 
_struct_ref_seq.seq_align_end                 137 
_struct_ref_seq.pdbx_seq_align_end_ins_code   ? 
_struct_ref_seq.pdbx_db_accession             Q12518 
_struct_ref_seq.db_align_beg                  17 
_struct_ref_seq.pdbx_db_align_beg_ins_code    ? 
_struct_ref_seq.db_align_end                  150 
_struct_ref_seq.pdbx_db_align_end_ins_code    ? 
_struct_ref_seq.pdbx_auth_seq_align_beg       17 
_struct_ref_seq.pdbx_auth_seq_align_end       150 
# 
loop_
_struct_ref_seq_dif.align_id 
_struct_ref_seq_dif.pdbx_pdb_id_code 
_struct_ref_seq_dif.mon_id 
_struct_ref_seq_dif.pdbx_pdb_strand_id 
_struct_ref_seq_dif.seq_num 
_struct_ref_seq_dif.pdbx_pdb_ins_code 
_struct_ref_seq_dif.pdbx_seq_db_name 
_struct_ref_seq_dif.pdbx_seq_db_accession_code 
_struct_ref_seq_dif.db_mon_id 
_struct_ref_seq_dif.pdbx_seq_db_seq_num 
_struct_ref_seq_dif.details 
_struct_ref_seq_dif.pdbx_auth_seq_num 
_struct_ref_seq_dif.pdbx_ordinal 
1 5LOZ MET A 1 ? UNP Q12518 ? ? 'expression tag' -3 1 
1 5LOZ GLY A 2 ? UNP Q12518 ? ? 'expression tag' -2 2 
1 5LOZ SER A 3 ? UNP Q12518 ? ? 'expression tag' -1 3 
# 
_pdbx_struct_assembly.id                   1 
_pdbx_struct_assembly.details              author_and_software_defined_assembly 
_pdbx_struct_assembly.method_details       PISA 
_pdbx_struct_assembly.oligomeric_details   monomeric 
_pdbx_struct_assembly.oligomeric_count     1 
# 
loop_
_pdbx_struct_assembly_prop.biol_id 
_pdbx_struct_assembly_prop.type 
_pdbx_struct_assembly_prop.value 
_pdbx_struct_assembly_prop.details 
1 'ABSA (A^2)' 0    ? 
1 MORE         0    ? 
1 'SSA (A^2)'  7800 ? 
# 
_pdbx_struct_assembly_gen.assembly_id       1 
_pdbx_struct_assembly_gen.oper_expression   1 
_pdbx_struct_assembly_gen.asym_id_list      A,B 
# 
_pdbx_struct_oper_list.id                   1 
_pdbx_struct_oper_list.type                 'identity operation' 
_pdbx_struct_oper_list.name                 1_555 
_pdbx_struct_oper_list.symmetry_operation   x,y,z 
_pdbx_struct_oper_list.matrix[1][1]         1.0000000000 
_pdbx_struct_oper_list.matrix[1][2]         0.0000000000 
_pdbx_struct_oper_list.matrix[1][3]         0.0000000000 
_pdbx_struct_oper_list.vector[1]            0.0000000000 
_pdbx_struct_oper_list.matrix[2][1]         0.0000000000 
_pdbx_struct_oper_list.matrix[2][2]         1.0000000000 
_pdbx_struct_oper_list.matrix[2][3]         0.0000000000 
_pdbx_struct_oper_list.vector[2]            0.0000000000 
_pdbx_struct_oper_list.matrix[3][1]         0.0000000000 
_pdbx_struct_oper_list.matrix[3][2]         0.0000000000 
_pdbx_struct_oper_list.matrix[3][3]         1.0000000000 
_pdbx_struct_oper_list.vector[3]            0.0000000000 
# 
loop_
_struct_conf.conf_type_id 
_struct_conf.id 
_struct_conf.pdbx_PDB_helix_id 
_struct_conf.beg_label_comp_id 
_struct_conf.beg_label_asym_id 
_struct_conf.beg_label_seq_id 
_struct_conf.pdbx_beg_PDB_ins_code 
_struct_conf.end_label_comp_id 
_struct_conf.end_label_asym_id 
_struct_conf.end_label_seq_id 
_struct_conf.pdbx_end_PDB_ins_code 
_struct_conf.beg_auth_comp_id 
_struct_conf.beg_auth_asym_id 
_struct_conf.beg_auth_seq_id 
_struct_conf.end_auth_comp_id 
_struct_conf.end_auth_asym_id 
_struct_conf.end_auth_seq_id 
_struct_conf.pdbx_PDB_helix_class 
_struct_conf.details 
_struct_conf.pdbx_PDB_helix_length 
HELX_P HELX_P1 AA1 SER A 4   ? THR A 14  ? SER A 17  THR A 27  1 ? 11 
HELX_P HELX_P2 AA2 SER A 22  ? SER A 33  ? SER A 35  SER A 46  1 ? 12 
HELX_P HELX_P3 AA3 ASP A 35  ? ASN A 51  ? ASP A 48  ASN A 64  1 ? 17 
HELX_P HELX_P4 AA4 TRP A 57  ? PHE A 73  ? TRP A 70  PHE A 86  1 ? 17 
HELX_P HELX_P5 AA5 SER A 75  ? ASN A 85  ? SER A 88  ASN A 98  1 ? 11 
HELX_P HELX_P6 AA6 ASN A 85  ? LEU A 92  ? ASN A 98  LEU A 105 1 ? 8  
HELX_P HELX_P7 AA7 LYS A 93  ? PHE A 95  ? LYS A 106 PHE A 108 5 ? 3  
HELX_P HELX_P8 AA8 GLN A 105 ? LEU A 120 ? GLN A 118 LEU A 133 1 ? 16 
HELX_P HELX_P9 AA9 ASP A 123 ? ASN A 133 ? ASP A 136 ASN A 146 1 ? 11 
# 
_struct_conf_type.id          HELX_P 
_struct_conf_type.criteria    ? 
_struct_conf_type.reference   ? 
# 
_struct_mon_prot_cis.pdbx_id                1 
_struct_mon_prot_cis.label_comp_id          LYS 
_struct_mon_prot_cis.label_seq_id           135 
_struct_mon_prot_cis.label_asym_id          A 
_struct_mon_prot_cis.label_alt_id           . 
_struct_mon_prot_cis.pdbx_PDB_ins_code      ? 
_struct_mon_prot_cis.auth_comp_id           LYS 
_struct_mon_prot_cis.auth_seq_id            148 
_struct_mon_prot_cis.auth_asym_id           A 
_struct_mon_prot_cis.pdbx_label_comp_id_2   GLY 
_struct_mon_prot_cis.pdbx_label_seq_id_2    136 
_struct_mon_prot_cis.pdbx_label_asym_id_2   A 
_struct_mon_prot_cis.pdbx_PDB_ins_code_2    ? 
_struct_mon_prot_cis.pdbx_auth_comp_id_2    GLY 
_struct_mon_prot_cis.pdbx_auth_seq_id_2     149 
_struct_mon_prot_cis.pdbx_auth_asym_id_2    A 
_struct_mon_prot_cis.pdbx_PDB_model_num     1 
_struct_mon_prot_cis.pdbx_omega_angle       -18.57 
# 
loop_
_pdbx_validate_close_contact.id 
_pdbx_validate_close_contact.PDB_model_num 
_pdbx_validate_close_contact.auth_atom_id_1 
_pdbx_validate_close_contact.auth_asym_id_1 
_pdbx_validate_close_contact.auth_comp_id_1 
_pdbx_validate_close_contact.auth_seq_id_1 
_pdbx_validate_close_contact.PDB_ins_code_1 
_pdbx_validate_close_contact.label_alt_id_1 
_pdbx_validate_close_contact.auth_atom_id_2 
_pdbx_validate_close_contact.auth_asym_id_2 
_pdbx_validate_close_contact.auth_comp_id_2 
_pdbx_validate_close_contact.auth_seq_id_2 
_pdbx_validate_close_contact.PDB_ins_code_2 
_pdbx_validate_close_contact.label_alt_id_2 
_pdbx_validate_close_contact.dist 
1 1 O   A HOH 248 ? ? O A HOH 292 ? ? 2.15 
2 1 O   A HOH 231 ? ? O A HOH 289 ? ? 2.17 
3 1 OD1 A ASP 81  ? ? O A HOH 201 ? ? 2.17 
# 
_pdbx_validate_symm_contact.id                1 
_pdbx_validate_symm_contact.PDB_model_num     1 
_pdbx_validate_symm_contact.auth_atom_id_1    O 
_pdbx_validate_symm_contact.auth_asym_id_1    A 
_pdbx_validate_symm_contact.auth_comp_id_1    HOH 
_pdbx_validate_symm_contact.auth_seq_id_1     214 
_pdbx_validate_symm_contact.PDB_ins_code_1    ? 
_pdbx_validate_symm_contact.label_alt_id_1    ? 
_pdbx_validate_symm_contact.site_symmetry_1   1_555 
_pdbx_validate_symm_contact.auth_atom_id_2    O 
_pdbx_validate_symm_contact.auth_asym_id_2    A 
_pdbx_validate_symm_contact.auth_comp_id_2    HOH 
_pdbx_validate_symm_contact.auth_seq_id_2     281 
_pdbx_validate_symm_contact.PDB_ins_code_2    ? 
_pdbx_validate_symm_contact.label_alt_id_2    ? 
_pdbx_validate_symm_contact.site_symmetry_2   4_456 
_pdbx_validate_symm_contact.dist              2.12 
# 
loop_
_pdbx_validate_torsion.id 
_pdbx_validate_torsion.PDB_model_num 
_pdbx_validate_torsion.auth_comp_id 
_pdbx_validate_torsion.auth_asym_id 
_pdbx_validate_torsion.auth_seq_id 
_pdbx_validate_torsion.PDB_ins_code 
_pdbx_validate_torsion.label_alt_id 
_pdbx_validate_torsion.phi 
_pdbx_validate_torsion.psi 
1 1 ASN A 29  ? ? -82.75  39.69  
2 1 ASP A 30  ? ? -88.08  -74.94 
3 1 TYR A 69  ? ? -96.98  42.40  
4 1 ASP A 135 ? ? -100.57 76.26  
# 
loop_
_chem_comp_atom.comp_id 
_chem_comp_atom.atom_id 
_chem_comp_atom.type_symbol 
_chem_comp_atom.pdbx_aromatic_flag 
_chem_comp_atom.pdbx_stereo_config 
_chem_comp_atom.pdbx_ordinal 
ALA N    N N N 1   
ALA CA   C N S 2   
ALA C    C N N 3   
ALA O    O N N 4   
ALA CB   C N N 5   
ALA OXT  O N N 6   
ALA H    H N N 7   
ALA H2   H N N 8   
ALA HA   H N N 9   
ALA HB1  H N N 10  
ALA HB2  H N N 11  
ALA HB3  H N N 12  
ALA HXT  H N N 13  
ARG N    N N N 14  
ARG CA   C N S 15  
ARG C    C N N 16  
ARG O    O N N 17  
ARG CB   C N N 18  
ARG CG   C N N 19  
ARG CD   C N N 20  
ARG NE   N N N 21  
ARG CZ   C N N 22  
ARG NH1  N N N 23  
ARG NH2  N N N 24  
ARG OXT  O N N 25  
ARG H    H N N 26  
ARG H2   H N N 27  
ARG HA   H N N 28  
ARG HB2  H N N 29  
ARG HB3  H N N 30  
ARG HG2  H N N 31  
ARG HG3  H N N 32  
ARG HD2  H N N 33  
ARG HD3  H N N 34  
ARG HE   H N N 35  
ARG HH11 H N N 36  
ARG HH12 H N N 37  
ARG HH21 H N N 38  
ARG HH22 H N N 39  
ARG HXT  H N N 40  
ASN N    N N N 41  
ASN CA   C N S 42  
ASN C    C N N 43  
ASN O    O N N 44  
ASN CB   C N N 45  
ASN CG   C N N 46  
ASN OD1  O N N 47  
ASN ND2  N N N 48  
ASN OXT  O N N 49  
ASN H    H N N 50  
ASN H2   H N N 51  
ASN HA   H N N 52  
ASN HB2  H N N 53  
ASN HB3  H N N 54  
ASN HD21 H N N 55  
ASN HD22 H N N 56  
ASN HXT  H N N 57  
ASP N    N N N 58  
ASP CA   C N S 59  
ASP C    C N N 60  
ASP O    O N N 61  
ASP CB   C N N 62  
ASP CG   C N N 63  
ASP OD1  O N N 64  
ASP OD2  O N N 65  
ASP OXT  O N N 66  
ASP H    H N N 67  
ASP H2   H N N 68  
ASP HA   H N N 69  
ASP HB2  H N N 70  
ASP HB3  H N N 71  
ASP HD2  H N N 72  
ASP HXT  H N N 73  
CYS N    N N N 74  
CYS CA   C N R 75  
CYS C    C N N 76  
CYS O    O N N 77  
CYS CB   C N N 78  
CYS SG   S N N 79  
CYS OXT  O N N 80  
CYS H    H N N 81  
CYS H2   H N N 82  
CYS HA   H N N 83  
CYS HB2  H N N 84  
CYS HB3  H N N 85  
CYS HG   H N N 86  
CYS HXT  H N N 87  
GLN N    N N N 88  
GLN CA   C N S 89  
GLN C    C N N 90  
GLN O    O N N 91  
GLN CB   C N N 92  
GLN CG   C N N 93  
GLN CD   C N N 94  
GLN OE1  O N N 95  
GLN NE2  N N N 96  
GLN OXT  O N N 97  
GLN H    H N N 98  
GLN H2   H N N 99  
GLN HA   H N N 100 
GLN HB2  H N N 101 
GLN HB3  H N N 102 
GLN HG2  H N N 103 
GLN HG3  H N N 104 
GLN HE21 H N N 105 
GLN HE22 H N N 106 
GLN HXT  H N N 107 
GLU N    N N N 108 
GLU CA   C N S 109 
GLU C    C N N 110 
GLU O    O N N 111 
GLU CB   C N N 112 
GLU CG   C N N 113 
GLU CD   C N N 114 
GLU OE1  O N N 115 
GLU OE2  O N N 116 
GLU OXT  O N N 117 
GLU H    H N N 118 
GLU H2   H N N 119 
GLU HA   H N N 120 
GLU HB2  H N N 121 
GLU HB3  H N N 122 
GLU HG2  H N N 123 
GLU HG3  H N N 124 
GLU HE2  H N N 125 
GLU HXT  H N N 126 
GLY N    N N N 127 
GLY CA   C N N 128 
GLY C    C N N 129 
GLY O    O N N 130 
GLY OXT  O N N 131 
GLY H    H N N 132 
GLY H2   H N N 133 
GLY HA2  H N N 134 
GLY HA3  H N N 135 
GLY HXT  H N N 136 
HIS N    N N N 137 
HIS CA   C N S 138 
HIS C    C N N 139 
HIS O    O N N 140 
HIS CB   C N N 141 
HIS CG   C Y N 142 
HIS ND1  N Y N 143 
HIS CD2  C Y N 144 
HIS CE1  C Y N 145 
HIS NE2  N Y N 146 
HIS OXT  O N N 147 
HIS H    H N N 148 
HIS H2   H N N 149 
HIS HA   H N N 150 
HIS HB2  H N N 151 
HIS HB3  H N N 152 
HIS HD1  H N N 153 
HIS HD2  H N N 154 
HIS HE1  H N N 155 
HIS HE2  H N N 156 
HIS HXT  H N N 157 
HOH O    O N N 158 
HOH H1   H N N 159 
HOH H2   H N N 160 
ILE N    N N N 161 
ILE CA   C N S 162 
ILE C    C N N 163 
ILE O    O N N 164 
ILE CB   C N S 165 
ILE CG1  C N N 166 
ILE CG2  C N N 167 
ILE CD1  C N N 168 
ILE OXT  O N N 169 
ILE H    H N N 170 
ILE H2   H N N 171 
ILE HA   H N N 172 
ILE HB   H N N 173 
ILE HG12 H N N 174 
ILE HG13 H N N 175 
ILE HG21 H N N 176 
ILE HG22 H N N 177 
ILE HG23 H N N 178 
ILE HD11 H N N 179 
ILE HD12 H N N 180 
ILE HD13 H N N 181 
ILE HXT  H N N 182 
LEU N    N N N 183 
LEU CA   C N S 184 
LEU C    C N N 185 
LEU O    O N N 186 
LEU CB   C N N 187 
LEU CG   C N N 188 
LEU CD1  C N N 189 
LEU CD2  C N N 190 
LEU OXT  O N N 191 
LEU H    H N N 192 
LEU H2   H N N 193 
LEU HA   H N N 194 
LEU HB2  H N N 195 
LEU HB3  H N N 196 
LEU HG   H N N 197 
LEU HD11 H N N 198 
LEU HD12 H N N 199 
LEU HD13 H N N 200 
LEU HD21 H N N 201 
LEU HD22 H N N 202 
LEU HD23 H N N 203 
LEU HXT  H N N 204 
LYS N    N N N 205 
LYS CA   C N S 206 
LYS C    C N N 207 
LYS O    O N N 208 
LYS CB   C N N 209 
LYS CG   C N N 210 
LYS CD   C N N 211 
LYS CE   C N N 212 
LYS NZ   N N N 213 
LYS OXT  O N N 214 
LYS H    H N N 215 
LYS H2   H N N 216 
LYS HA   H N N 217 
LYS HB2  H N N 218 
LYS HB3  H N N 219 
LYS HG2  H N N 220 
LYS HG3  H N N 221 
LYS HD2  H N N 222 
LYS HD3  H N N 223 
LYS HE2  H N N 224 
LYS HE3  H N N 225 
LYS HZ1  H N N 226 
LYS HZ2  H N N 227 
LYS HZ3  H N N 228 
LYS HXT  H N N 229 
MET N    N N N 230 
MET CA   C N S 231 
MET C    C N N 232 
MET O    O N N 233 
MET CB   C N N 234 
MET CG   C N N 235 
MET SD   S N N 236 
MET CE   C N N 237 
MET OXT  O N N 238 
MET H    H N N 239 
MET H2   H N N 240 
MET HA   H N N 241 
MET HB2  H N N 242 
MET HB3  H N N 243 
MET HG2  H N N 244 
MET HG3  H N N 245 
MET HE1  H N N 246 
MET HE2  H N N 247 
MET HE3  H N N 248 
MET HXT  H N N 249 
PHE N    N N N 250 
PHE CA   C N S 251 
PHE C    C N N 252 
PHE O    O N N 253 
PHE CB   C N N 254 
PHE CG   C Y N 255 
PHE CD1  C Y N 256 
PHE CD2  C Y N 257 
PHE CE1  C Y N 258 
PHE CE2  C Y N 259 
PHE CZ   C Y N 260 
PHE OXT  O N N 261 
PHE H    H N N 262 
PHE H2   H N N 263 
PHE HA   H N N 264 
PHE HB2  H N N 265 
PHE HB3  H N N 266 
PHE HD1  H N N 267 
PHE HD2  H N N 268 
PHE HE1  H N N 269 
PHE HE2  H N N 270 
PHE HZ   H N N 271 
PHE HXT  H N N 272 
SER N    N N N 273 
SER CA   C N S 274 
SER C    C N N 275 
SER O    O N N 276 
SER CB   C N N 277 
SER OG   O N N 278 
SER OXT  O N N 279 
SER H    H N N 280 
SER H2   H N N 281 
SER HA   H N N 282 
SER HB2  H N N 283 
SER HB3  H N N 284 
SER HG   H N N 285 
SER HXT  H N N 286 
THR N    N N N 287 
THR CA   C N S 288 
THR C    C N N 289 
THR O    O N N 290 
THR CB   C N R 291 
THR OG1  O N N 292 
THR CG2  C N N 293 
THR OXT  O N N 294 
THR H    H N N 295 
THR H2   H N N 296 
THR HA   H N N 297 
THR HB   H N N 298 
THR HG1  H N N 299 
THR HG21 H N N 300 
THR HG22 H N N 301 
THR HG23 H N N 302 
THR HXT  H N N 303 
TRP N    N N N 304 
TRP CA   C N S 305 
TRP C    C N N 306 
TRP O    O N N 307 
TRP CB   C N N 308 
TRP CG   C Y N 309 
TRP CD1  C Y N 310 
TRP CD2  C Y N 311 
TRP NE1  N Y N 312 
TRP CE2  C Y N 313 
TRP CE3  C Y N 314 
TRP CZ2  C Y N 315 
TRP CZ3  C Y N 316 
TRP CH2  C Y N 317 
TRP OXT  O N N 318 
TRP H    H N N 319 
TRP H2   H N N 320 
TRP HA   H N N 321 
TRP HB2  H N N 322 
TRP HB3  H N N 323 
TRP HD1  H N N 324 
TRP HE1  H N N 325 
TRP HE3  H N N 326 
TRP HZ2  H N N 327 
TRP HZ3  H N N 328 
TRP HH2  H N N 329 
TRP HXT  H N N 330 
TYR N    N N N 331 
TYR CA   C N S 332 
TYR C    C N N 333 
TYR O    O N N 334 
TYR CB   C N N 335 
TYR CG   C Y N 336 
TYR CD1  C Y N 337 
TYR CD2  C Y N 338 
TYR CE1  C Y N 339 
TYR CE2  C Y N 340 
TYR CZ   C Y N 341 
TYR OH   O N N 342 
TYR OXT  O N N 343 
TYR H    H N N 344 
TYR H2   H N N 345 
TYR HA   H N N 346 
TYR HB2  H N N 347 
TYR HB3  H N N 348 
TYR HD1  H N N 349 
TYR HD2  H N N 350 
TYR HE1  H N N 351 
TYR HE2  H N N 352 
TYR HH   H N N 353 
TYR HXT  H N N 354 
VAL N    N N N 355 
VAL CA   C N S 356 
VAL C    C N N 357 
VAL O    O N N 358 
VAL CB   C N N 359 
VAL CG1  C N N 360 
VAL CG2  C N N 361 
VAL OXT  O N N 362 
VAL H    H N N 363 
VAL H2   H N N 364 
VAL HA   H N N 365 
VAL HB   H N N 366 
VAL HG11 H N N 367 
VAL HG12 H N N 368 
VAL HG13 H N N 369 
VAL HG21 H N N 370 
VAL HG22 H N N 371 
VAL HG23 H N N 372 
VAL HXT  H N N 373 
# 
loop_
_chem_comp_bond.comp_id 
_chem_comp_bond.atom_id_1 
_chem_comp_bond.atom_id_2 
_chem_comp_bond.value_order 
_chem_comp_bond.pdbx_aromatic_flag 
_chem_comp_bond.pdbx_stereo_config 
_chem_comp_bond.pdbx_ordinal 
ALA N   CA   sing N N 1   
ALA N   H    sing N N 2   
ALA N   H2   sing N N 3   
ALA CA  C    sing N N 4   
ALA CA  CB   sing N N 5   
ALA CA  HA   sing N N 6   
ALA C   O    doub N N 7   
ALA C   OXT  sing N N 8   
ALA CB  HB1  sing N N 9   
ALA CB  HB2  sing N N 10  
ALA CB  HB3  sing N N 11  
ALA OXT HXT  sing N N 12  
ARG N   CA   sing N N 13  
ARG N   H    sing N N 14  
ARG N   H2   sing N N 15  
ARG CA  C    sing N N 16  
ARG CA  CB   sing N N 17  
ARG CA  HA   sing N N 18  
ARG C   O    doub N N 19  
ARG C   OXT  sing N N 20  
ARG CB  CG   sing N N 21  
ARG CB  HB2  sing N N 22  
ARG CB  HB3  sing N N 23  
ARG CG  CD   sing N N 24  
ARG CG  HG2  sing N N 25  
ARG CG  HG3  sing N N 26  
ARG CD  NE   sing N N 27  
ARG CD  HD2  sing N N 28  
ARG CD  HD3  sing N N 29  
ARG NE  CZ   sing N N 30  
ARG NE  HE   sing N N 31  
ARG CZ  NH1  sing N N 32  
ARG CZ  NH2  doub N N 33  
ARG NH1 HH11 sing N N 34  
ARG NH1 HH12 sing N N 35  
ARG NH2 HH21 sing N N 36  
ARG NH2 HH22 sing N N 37  
ARG OXT HXT  sing N N 38  
ASN N   CA   sing N N 39  
ASN N   H    sing N N 40  
ASN N   H2   sing N N 41  
ASN CA  C    sing N N 42  
ASN CA  CB   sing N N 43  
ASN CA  HA   sing N N 44  
ASN C   O    doub N N 45  
ASN C   OXT  sing N N 46  
ASN CB  CG   sing N N 47  
ASN CB  HB2  sing N N 48  
ASN CB  HB3  sing N N 49  
ASN CG  OD1  doub N N 50  
ASN CG  ND2  sing N N 51  
ASN ND2 HD21 sing N N 52  
ASN ND2 HD22 sing N N 53  
ASN OXT HXT  sing N N 54  
ASP N   CA   sing N N 55  
ASP N   H    sing N N 56  
ASP N   H2   sing N N 57  
ASP CA  C    sing N N 58  
ASP CA  CB   sing N N 59  
ASP CA  HA   sing N N 60  
ASP C   O    doub N N 61  
ASP C   OXT  sing N N 62  
ASP CB  CG   sing N N 63  
ASP CB  HB2  sing N N 64  
ASP CB  HB3  sing N N 65  
ASP CG  OD1  doub N N 66  
ASP CG  OD2  sing N N 67  
ASP OD2 HD2  sing N N 68  
ASP OXT HXT  sing N N 69  
CYS N   CA   sing N N 70  
CYS N   H    sing N N 71  
CYS N   H2   sing N N 72  
CYS CA  C    sing N N 73  
CYS CA  CB   sing N N 74  
CYS CA  HA   sing N N 75  
CYS C   O    doub N N 76  
CYS C   OXT  sing N N 77  
CYS CB  SG   sing N N 78  
CYS CB  HB2  sing N N 79  
CYS CB  HB3  sing N N 80  
CYS SG  HG   sing N N 81  
CYS OXT HXT  sing N N 82  
GLN N   CA   sing N N 83  
GLN N   H    sing N N 84  
GLN N   H2   sing N N 85  
GLN CA  C    sing N N 86  
GLN CA  CB   sing N N 87  
GLN CA  HA   sing N N 88  
GLN C   O    doub N N 89  
GLN C   OXT  sing N N 90  
GLN CB  CG   sing N N 91  
GLN CB  HB2  sing N N 92  
GLN CB  HB3  sing N N 93  
GLN CG  CD   sing N N 94  
GLN CG  HG2  sing N N 95  
GLN CG  HG3  sing N N 96  
GLN CD  OE1  doub N N 97  
GLN CD  NE2  sing N N 98  
GLN NE2 HE21 sing N N 99  
GLN NE2 HE22 sing N N 100 
GLN OXT HXT  sing N N 101 
GLU N   CA   sing N N 102 
GLU N   H    sing N N 103 
GLU N   H2   sing N N 104 
GLU CA  C    sing N N 105 
GLU CA  CB   sing N N 106 
GLU CA  HA   sing N N 107 
GLU C   O    doub N N 108 
GLU C   OXT  sing N N 109 
GLU CB  CG   sing N N 110 
GLU CB  HB2  sing N N 111 
GLU CB  HB3  sing N N 112 
GLU CG  CD   sing N N 113 
GLU CG  HG2  sing N N 114 
GLU CG  HG3  sing N N 115 
GLU CD  OE1  doub N N 116 
GLU CD  OE2  sing N N 117 
GLU OE2 HE2  sing N N 118 
GLU OXT HXT  sing N N 119 
GLY N   CA   sing N N 120 
GLY N   H    sing N N 121 
GLY N   H2   sing N N 122 
GLY CA  C    sing N N 123 
GLY CA  HA2  sing N N 124 
GLY CA  HA3  sing N N 125 
GLY C   O    doub N N 126 
GLY C   OXT  sing N N 127 
GLY OXT HXT  sing N N 128 
HIS N   CA   sing N N 129 
HIS N   H    sing N N 130 
HIS N   H2   sing N N 131 
HIS CA  C    sing N N 132 
HIS CA  CB   sing N N 133 
HIS CA  HA   sing N N 134 
HIS C   O    doub N N 135 
HIS C   OXT  sing N N 136 
HIS CB  CG   sing N N 137 
HIS CB  HB2  sing N N 138 
HIS CB  HB3  sing N N 139 
HIS CG  ND1  sing Y N 140 
HIS CG  CD2  doub Y N 141 
HIS ND1 CE1  doub Y N 142 
HIS ND1 HD1  sing N N 143 
HIS CD2 NE2  sing Y N 144 
HIS CD2 HD2  sing N N 145 
HIS CE1 NE2  sing Y N 146 
HIS CE1 HE1  sing N N 147 
HIS NE2 HE2  sing N N 148 
HIS OXT HXT  sing N N 149 
HOH O   H1   sing N N 150 
HOH O   H2   sing N N 151 
ILE N   CA   sing N N 152 
ILE N   H    sing N N 153 
ILE N   H2   sing N N 154 
ILE CA  C    sing N N 155 
ILE CA  CB   sing N N 156 
ILE CA  HA   sing N N 157 
ILE C   O    doub N N 158 
ILE C   OXT  sing N N 159 
ILE CB  CG1  sing N N 160 
ILE CB  CG2  sing N N 161 
ILE CB  HB   sing N N 162 
ILE CG1 CD1  sing N N 163 
ILE CG1 HG12 sing N N 164 
ILE CG1 HG13 sing N N 165 
ILE CG2 HG21 sing N N 166 
ILE CG2 HG22 sing N N 167 
ILE CG2 HG23 sing N N 168 
ILE CD1 HD11 sing N N 169 
ILE CD1 HD12 sing N N 170 
ILE CD1 HD13 sing N N 171 
ILE OXT HXT  sing N N 172 
LEU N   CA   sing N N 173 
LEU N   H    sing N N 174 
LEU N   H2   sing N N 175 
LEU CA  C    sing N N 176 
LEU CA  CB   sing N N 177 
LEU CA  HA   sing N N 178 
LEU C   O    doub N N 179 
LEU C   OXT  sing N N 180 
LEU CB  CG   sing N N 181 
LEU CB  HB2  sing N N 182 
LEU CB  HB3  sing N N 183 
LEU CG  CD1  sing N N 184 
LEU CG  CD2  sing N N 185 
LEU CG  HG   sing N N 186 
LEU CD1 HD11 sing N N 187 
LEU CD1 HD12 sing N N 188 
LEU CD1 HD13 sing N N 189 
LEU CD2 HD21 sing N N 190 
LEU CD2 HD22 sing N N 191 
LEU CD2 HD23 sing N N 192 
LEU OXT HXT  sing N N 193 
LYS N   CA   sing N N 194 
LYS N   H    sing N N 195 
LYS N   H2   sing N N 196 
LYS CA  C    sing N N 197 
LYS CA  CB   sing N N 198 
LYS CA  HA   sing N N 199 
LYS C   O    doub N N 200 
LYS C   OXT  sing N N 201 
LYS CB  CG   sing N N 202 
LYS CB  HB2  sing N N 203 
LYS CB  HB3  sing N N 204 
LYS CG  CD   sing N N 205 
LYS CG  HG2  sing N N 206 
LYS CG  HG3  sing N N 207 
LYS CD  CE   sing N N 208 
LYS CD  HD2  sing N N 209 
LYS CD  HD3  sing N N 210 
LYS CE  NZ   sing N N 211 
LYS CE  HE2  sing N N 212 
LYS CE  HE3  sing N N 213 
LYS NZ  HZ1  sing N N 214 
LYS NZ  HZ2  sing N N 215 
LYS NZ  HZ3  sing N N 216 
LYS OXT HXT  sing N N 217 
MET N   CA   sing N N 218 
MET N   H    sing N N 219 
MET N   H2   sing N N 220 
MET CA  C    sing N N 221 
MET CA  CB   sing N N 222 
MET CA  HA   sing N N 223 
MET C   O    doub N N 224 
MET C   OXT  sing N N 225 
MET CB  CG   sing N N 226 
MET CB  HB2  sing N N 227 
MET CB  HB3  sing N N 228 
MET CG  SD   sing N N 229 
MET CG  HG2  sing N N 230 
MET CG  HG3  sing N N 231 
MET SD  CE   sing N N 232 
MET CE  HE1  sing N N 233 
MET CE  HE2  sing N N 234 
MET CE  HE3  sing N N 235 
MET OXT HXT  sing N N 236 
PHE N   CA   sing N N 237 
PHE N   H    sing N N 238 
PHE N   H2   sing N N 239 
PHE CA  C    sing N N 240 
PHE CA  CB   sing N N 241 
PHE CA  HA   sing N N 242 
PHE C   O    doub N N 243 
PHE C   OXT  sing N N 244 
PHE CB  CG   sing N N 245 
PHE CB  HB2  sing N N 246 
PHE CB  HB3  sing N N 247 
PHE CG  CD1  doub Y N 248 
PHE CG  CD2  sing Y N 249 
PHE CD1 CE1  sing Y N 250 
PHE CD1 HD1  sing N N 251 
PHE CD2 CE2  doub Y N 252 
PHE CD2 HD2  sing N N 253 
PHE CE1 CZ   doub Y N 254 
PHE CE1 HE1  sing N N 255 
PHE CE2 CZ   sing Y N 256 
PHE CE2 HE2  sing N N 257 
PHE CZ  HZ   sing N N 258 
PHE OXT HXT  sing N N 259 
SER N   CA   sing N N 260 
SER N   H    sing N N 261 
SER N   H2   sing N N 262 
SER CA  C    sing N N 263 
SER CA  CB   sing N N 264 
SER CA  HA   sing N N 265 
SER C   O    doub N N 266 
SER C   OXT  sing N N 267 
SER CB  OG   sing N N 268 
SER CB  HB2  sing N N 269 
SER CB  HB3  sing N N 270 
SER OG  HG   sing N N 271 
SER OXT HXT  sing N N 272 
THR N   CA   sing N N 273 
THR N   H    sing N N 274 
THR N   H2   sing N N 275 
THR CA  C    sing N N 276 
THR CA  CB   sing N N 277 
THR CA  HA   sing N N 278 
THR C   O    doub N N 279 
THR C   OXT  sing N N 280 
THR CB  OG1  sing N N 281 
THR CB  CG2  sing N N 282 
THR CB  HB   sing N N 283 
THR OG1 HG1  sing N N 284 
THR CG2 HG21 sing N N 285 
THR CG2 HG22 sing N N 286 
THR CG2 HG23 sing N N 287 
THR OXT HXT  sing N N 288 
TRP N   CA   sing N N 289 
TRP N   H    sing N N 290 
TRP N   H2   sing N N 291 
TRP CA  C    sing N N 292 
TRP CA  CB   sing N N 293 
TRP CA  HA   sing N N 294 
TRP C   O    doub N N 295 
TRP C   OXT  sing N N 296 
TRP CB  CG   sing N N 297 
TRP CB  HB2  sing N N 298 
TRP CB  HB3  sing N N 299 
TRP CG  CD1  doub Y N 300 
TRP CG  CD2  sing Y N 301 
TRP CD1 NE1  sing Y N 302 
TRP CD1 HD1  sing N N 303 
TRP CD2 CE2  doub Y N 304 
TRP CD2 CE3  sing Y N 305 
TRP NE1 CE2  sing Y N 306 
TRP NE1 HE1  sing N N 307 
TRP CE2 CZ2  sing Y N 308 
TRP CE3 CZ3  doub Y N 309 
TRP CE3 HE3  sing N N 310 
TRP CZ2 CH2  doub Y N 311 
TRP CZ2 HZ2  sing N N 312 
TRP CZ3 CH2  sing Y N 313 
TRP CZ3 HZ3  sing N N 314 
TRP CH2 HH2  sing N N 315 
TRP OXT HXT  sing N N 316 
TYR N   CA   sing N N 317 
TYR N   H    sing N N 318 
TYR N   H2   sing N N 319 
TYR CA  C    sing N N 320 
TYR CA  CB   sing N N 321 
TYR CA  HA   sing N N 322 
TYR C   O    doub N N 323 
TYR C   OXT  sing N N 324 
TYR CB  CG   sing N N 325 
TYR CB  HB2  sing N N 326 
TYR CB  HB3  sing N N 327 
TYR CG  CD1  doub Y N 328 
TYR CG  CD2  sing Y N 329 
TYR CD1 CE1  sing Y N 330 
TYR CD1 HD1  sing N N 331 
TYR CD2 CE2  doub Y N 332 
TYR CD2 HD2  sing N N 333 
TYR CE1 CZ   doub Y N 334 
TYR CE1 HE1  sing N N 335 
TYR CE2 CZ   sing Y N 336 
TYR CE2 HE2  sing N N 337 
TYR CZ  OH   sing N N 338 
TYR OH  HH   sing N N 339 
TYR OXT HXT  sing N N 340 
VAL N   CA   sing N N 341 
VAL N   H    sing N N 342 
VAL N   H2   sing N N 343 
VAL CA  C    sing N N 344 
VAL CA  CB   sing N N 345 
VAL CA  HA   sing N N 346 
VAL C   O    doub N N 347 
VAL C   OXT  sing N N 348 
VAL CB  CG1  sing N N 349 
VAL CB  CG2  sing N N 350 
VAL CB  HB   sing N N 351 
VAL CG1 HG11 sing N N 352 
VAL CG1 HG12 sing N N 353 
VAL CG1 HG13 sing N N 354 
VAL CG2 HG21 sing N N 355 
VAL CG2 HG22 sing N N 356 
VAL CG2 HG23 sing N N 357 
VAL OXT HXT  sing N N 358 
# 
_pdbx_audit_support.funding_organization   'Israel Science Foundation' 
_pdbx_audit_support.country                Israel 
_pdbx_audit_support.grant_number           464/11 
_pdbx_audit_support.ordinal                1 
# 
_atom_sites.entry_id                    5LOZ 
_atom_sites.fract_transf_matrix[1][1]   -0.01292340 
_atom_sites.fract_transf_matrix[1][2]   -0.02518939 
_atom_sites.fract_transf_matrix[1][3]   0.01158571 
_atom_sites.fract_transf_matrix[2][1]   -0.02517184 
_atom_sites.fract_transf_matrix[2][2]   0.00861167 
_atom_sites.fract_transf_matrix[2][3]   -0.00935489 
_atom_sites.fract_transf_matrix[3][1]   0.00142382 
_atom_sites.fract_transf_matrix[3][2]   -0.00432295 
_atom_sites.fract_transf_matrix[3][3]   -0.00781066 
_atom_sites.fract_transf_vector[1]      0.691693 
_atom_sites.fract_transf_vector[2]      0.597352 
_atom_sites.fract_transf_vector[3]      0.372620 
# 
loop_
_atom_type.symbol 
C 
N 
O 
S 
# 
loop_
_atom_site.group_PDB 
_atom_site.id 
_atom_site.type_symbol 
_atom_site.label_atom_id 
_atom_site.label_alt_id 
_atom_site.label_comp_id 
_atom_site.label_asym_id 
_atom_site.label_entity_id 
_atom_site.label_seq_id 
_atom_site.pdbx_PDB_ins_code 
_atom_site.Cartn_x 
_atom_site.Cartn_y 
_atom_site.Cartn_z 
_atom_site.occupancy 
_atom_site.B_iso_or_equiv 
_atom_site.pdbx_formal_charge 
_atom_site.auth_seq_id 
_atom_site.auth_comp_id 
_atom_site.auth_asym_id 
_atom_site.auth_atom_id 
_atom_site.pdbx_PDB_model_num 
ATOM   1    N N   . MET A 1 1   ? 1.418   -18.307 -12.451 1.00 36.52 ? -3  MET A N   1 
ATOM   2    C CA  A MET A 1 1   ? 2.198   -18.990 -11.382 0.49 38.08 ? -3  MET A CA  1 
ATOM   3    C CA  B MET A 1 1   ? 2.208   -18.953 -11.363 0.51 38.44 ? -3  MET A CA  1 
ATOM   4    C C   . MET A 1 1   ? 3.708   -18.857 -11.620 1.00 37.86 ? -3  MET A C   1 
ATOM   5    O O   . MET A 1 1   ? 4.156   -18.487 -12.713 1.00 39.59 ? -3  MET A O   1 
ATOM   6    C CB  A MET A 1 1   ? 1.801   -20.470 -11.274 0.49 37.83 ? -3  MET A CB  1 
ATOM   7    C CB  B MET A 1 1   ? 1.802   -20.420 -11.169 0.51 38.44 ? -3  MET A CB  1 
ATOM   8    C CG  A MET A 1 1   ? 0.315   -20.718 -10.958 0.49 39.34 ? -3  MET A CG  1 
ATOM   9    C CG  B MET A 1 1   ? 0.503   -20.600 -10.401 0.51 41.14 ? -3  MET A CG  1 
ATOM   10   S SD  A MET A 1 1   ? -0.752  -21.240 -12.368 0.49 40.96 ? -3  MET A SD  1 
ATOM   11   S SD  B MET A 1 1   ? 0.442   -22.148 -9.469  0.51 46.92 ? -3  MET A SD  1 
ATOM   12   C CE  A MET A 1 1   ? -0.267  -22.989 -12.580 0.49 38.35 ? -3  MET A CE  1 
ATOM   13   C CE  B MET A 1 1   ? -0.935  -21.812 -8.362  0.51 46.23 ? -3  MET A CE  1 
ATOM   14   N N   . GLY A 1 2   ? 4.488   -19.175 -10.607 1.00 36.75 ? -2  GLY A N   1 
ATOM   15   C CA  . GLY A 1 2   ? 5.952   -19.028 -10.726 1.00 34.30 ? -2  GLY A CA  1 
ATOM   16   C C   . GLY A 1 2   ? 6.289   -17.596 -10.289 1.00 31.10 ? -2  GLY A C   1 
ATOM   17   O O   . GLY A 1 2   ? 6.139   -16.636 -11.072 1.00 30.66 ? -2  GLY A O   1 
ATOM   18   N N   . SER A 1 3   ? 6.694   -17.464 -9.025  1.00 27.55 ? -1  SER A N   1 
ATOM   19   C CA  . SER A 1 3   ? 6.901   -16.178 -8.398  1.00 25.42 ? -1  SER A CA  1 
ATOM   20   C C   . SER A 1 3   ? 8.388   -15.933 -8.051  1.00 23.59 ? -1  SER A C   1 
ATOM   21   O O   . SER A 1 3   ? 9.080   -16.860 -7.597  1.00 22.47 ? -1  SER A O   1 
ATOM   22   C CB  . SER A 1 3   ? 6.082   -16.082 -7.083  1.00 26.61 ? -1  SER A CB  1 
ATOM   23   O OG  . SER A 1 3   ? 4.678   -16.279 -7.278  1.00 31.90 ? -1  SER A OG  1 
ATOM   24   N N   . SER A 1 4   ? 8.883   -14.704 -8.245  1.00 18.09 ? 17  SER A N   1 
ATOM   25   C CA  . SER A 1 4   ? 10.150  -14.282 -7.623  1.00 17.95 ? 17  SER A CA  1 
ATOM   26   C C   . SER A 1 4   ? 9.899   -14.297 -6.099  1.00 20.52 ? 17  SER A C   1 
ATOM   27   O O   . SER A 1 4   ? 8.736   -14.343 -5.644  1.00 19.20 ? 17  SER A O   1 
ATOM   28   C CB  . SER A 1 4   ? 10.581  -12.910 -8.066  1.00 19.49 ? 17  SER A CB  1 
ATOM   29   O OG  . SER A 1 4   ? 9.648   -11.936 -7.615  1.00 16.25 ? 17  SER A OG  1 
ATOM   30   N N   . SER A 1 5   ? 10.971  -14.241 -5.313  1.00 21.35 ? 18  SER A N   1 
ATOM   31   C CA  . SER A 1 5   ? 10.821  -14.155 -3.878  1.00 23.18 ? 18  SER A CA  1 
ATOM   32   C C   . SER A 1 5   ? 10.171  -12.806 -3.464  1.00 21.44 ? 18  SER A C   1 
ATOM   33   O O   . SER A 1 5   ? 9.472   -12.742 -2.490  1.00 21.62 ? 18  SER A O   1 
ATOM   34   C CB  . SER A 1 5   ? 12.201  -14.295 -3.193  1.00 25.24 ? 18  SER A CB  1 
ATOM   35   O OG  . SER A 1 5   ? 13.110  -13.316 -3.688  1.00 30.22 ? 18  SER A OG  1 
ATOM   36   N N   . THR A 1 6   ? 10.398  -11.754 -4.231  1.00 18.03 ? 19  THR A N   1 
ATOM   37   C CA  . THR A 1 6   ? 9.743   -10.442 -3.967  1.00 18.14 ? 19  THR A CA  1 
ATOM   38   C C   . THR A 1 6   ? 8.214   -10.559 -4.169  1.00 17.38 ? 19  THR A C   1 
ATOM   39   O O   . THR A 1 6   ? 7.429   -10.009 -3.403  1.00 15.38 ? 19  THR A O   1 
ATOM   40   C CB  . THR A 1 6   ? 10.329  -9.348  -4.870  1.00 19.35 ? 19  THR A CB  1 
ATOM   41   O OG1 . THR A 1 6   ? 11.736  -9.242  -4.612  1.00 21.07 ? 19  THR A OG1 1 
ATOM   42   C CG2 . THR A 1 6   ? 9.606   -7.945  -4.649  1.00 15.48 ? 19  THR A CG2 1 
ATOM   43   N N   . GLN A 1 7   ? 7.806   -11.326 -5.171  1.00 15.42 ? 20  GLN A N   1 
ATOM   44   C CA  . GLN A 1 7   ? 6.410   -11.516 -5.459  1.00 14.84 ? 20  GLN A CA  1 
ATOM   45   C C   . GLN A 1 7   ? 5.746   -12.308 -4.334  1.00 16.38 ? 20  GLN A C   1 
ATOM   46   O O   . GLN A 1 7   ? 4.633   -12.003 -3.954  1.00 13.83 ? 20  GLN A O   1 
ATOM   47   C CB  . GLN A 1 7   ? 6.205   -12.175 -6.796  1.00 16.25 ? 20  GLN A CB  1 
ATOM   48   C CG  . GLN A 1 7   ? 6.530   -11.251 -7.997  1.00 17.84 ? 20  GLN A CG  1 
ATOM   49   C CD  . GLN A 1 7   ? 6.480   -11.949 -9.344  1.00 22.06 ? 20  GLN A CD  1 
ATOM   50   O OE1 . GLN A 1 7   ? 7.057   -13.032 -9.546  1.00 21.58 ? 20  GLN A OE1 1 
ATOM   51   N NE2 . GLN A 1 7   ? 5.814   -11.326 -10.284 1.00 25.59 ? 20  GLN A NE2 1 
ATOM   52   N N   . VAL A 1 8   ? 6.447   -13.292 -3.775  1.00 17.41 ? 21  VAL A N   1 
ATOM   53   C CA  . VAL A 1 8   ? 5.905   -14.053 -2.662  1.00 18.63 ? 21  VAL A CA  1 
ATOM   54   C C   . VAL A 1 8   ? 5.824   -13.133 -1.449  1.00 18.39 ? 21  VAL A C   1 
ATOM   55   O O   . VAL A 1 8   ? 4.814   -13.134 -0.744  1.00 19.36 ? 21  VAL A O   1 
ATOM   56   C CB  . VAL A 1 8   ? 6.769   -15.325 -2.343  1.00 20.98 ? 21  VAL A CB  1 
ATOM   57   C CG1 . VAL A 1 8   ? 6.290   -16.000 -1.059  1.00 23.39 ? 21  VAL A CG1 1 
ATOM   58   C CG2 . VAL A 1 8   ? 6.701   -16.322 -3.515  1.00 21.55 ? 21  VAL A CG2 1 
ATOM   59   N N   . LEU A 1 9   ? 6.886   -12.354 -1.229  1.00 18.21 ? 22  LEU A N   1 
ATOM   60   C CA  . LEU A 1 9   ? 6.909   -11.349 -0.112  1.00 18.50 ? 22  LEU A CA  1 
ATOM   61   C C   . LEU A 1 9   ? 5.660   -10.429 -0.154  1.00 16.71 ? 22  LEU A C   1 
ATOM   62   O O   . LEU A 1 9   ? 4.907   -10.305 0.825   1.00 17.03 ? 22  LEU A O   1 
ATOM   63   C CB  . LEU A 1 9   ? 8.157   -10.483 -0.214  1.00 19.15 ? 22  LEU A CB  1 
ATOM   64   C CG  . LEU A 1 9   ? 8.746   -9.718  0.982   1.00 21.69 ? 22  LEU A CG  1 
ATOM   65   C CD1 . LEU A 1 9   ? 9.471   -8.452  0.515   1.00 20.82 ? 22  LEU A CD1 1 
ATOM   66   C CD2 . LEU A 1 9   ? 7.808   -9.434  2.005   1.00 22.42 ? 22  LEU A CD2 1 
ATOM   67   N N   . VAL A 1 10  ? 5.443   -9.794  -1.291  1.00 17.10 ? 23  VAL A N   1 
ATOM   68   C CA  . VAL A 1 10  ? 4.376   -8.782  -1.387  1.00 17.42 ? 23  VAL A CA  1 
ATOM   69   C C   . VAL A 1 10  ? 3.006   -9.452  -1.315  1.00 16.72 ? 23  VAL A C   1 
ATOM   70   O O   . VAL A 1 10  ? 2.120   -8.934  -0.640  1.00 16.35 ? 23  VAL A O   1 
ATOM   71   C CB  . VAL A 1 10  ? 4.504   -7.852  -2.614  1.00 14.63 ? 23  VAL A CB  1 
ATOM   72   C CG1 . VAL A 1 10  ? 4.380   -8.612  -3.944  1.00 17.99 ? 23  VAL A CG1 1 
ATOM   73   C CG2 . VAL A 1 10  ? 3.495   -6.762  -2.531  1.00 17.55 ? 23  VAL A CG2 1 
ATOM   74   N N   . ARG A 1 11  ? 2.857   -10.617 -1.913  1.00 16.65 ? 24  ARG A N   1 
ATOM   75   C CA  . ARG A 1 11  ? 1.576   -11.366 -1.828  1.00 18.39 ? 24  ARG A CA  1 
ATOM   76   C C   . ARG A 1 11  ? 1.253   -11.772 -0.394  1.00 18.12 ? 24  ARG A C   1 
ATOM   77   O O   . ARG A 1 11  ? 0.118   -11.598 0.049   1.00 15.98 ? 24  ARG A O   1 
ATOM   78   C CB  . ARG A 1 11  ? 1.590   -12.605 -2.712  1.00 20.49 ? 24  ARG A CB  1 
ATOM   79   C CG  . ARG A 1 11  ? 1.549   -12.340 -4.232  1.00 21.44 ? 24  ARG A CG  1 
ATOM   80   C CD  . ARG A 1 11  ? 1.146   -13.613 -5.003  1.00 25.42 ? 24  ARG A CD  1 
ATOM   81   N NE  . ARG A 1 11  ? -0.210  -13.966 -4.637  1.00 39.09 ? 24  ARG A NE  1 
ATOM   82   C CZ  . ARG A 1 11  ? -0.731  -15.185 -4.708  1.00 47.16 ? 24  ARG A CZ  1 
ATOM   83   N NH1 . ARG A 1 11  ? -0.001  -16.196 -5.155  1.00 48.22 ? 24  ARG A NH1 1 
ATOM   84   N NH2 . ARG A 1 11  ? -1.991  -15.394 -4.316  1.00 52.20 ? 24  ARG A NH2 1 
ATOM   85   N N   . ASN A 1 12  ? 2.252   -12.287 0.326   1.00 17.39 ? 25  ASN A N   1 
ATOM   86   C CA  . ASN A 1 12  ? 2.078   -12.733 1.691   1.00 18.04 ? 25  ASN A CA  1 
ATOM   87   C C   . ASN A 1 12  ? 1.764   -11.586 2.612   1.00 16.40 ? 25  ASN A C   1 
ATOM   88   O O   . ASN A 1 12  ? 0.936   -11.703 3.501   1.00 17.28 ? 25  ASN A O   1 
ATOM   89   C CB  . ASN A 1 12  ? 3.314   -13.446 2.218   1.00 18.46 ? 25  ASN A CB  1 
ATOM   90   C CG  . ASN A 1 12  ? 3.546   -14.816 1.577   1.00 24.86 ? 25  ASN A CG  1 
ATOM   91   O OD1 . ASN A 1 12  ? 2.670   -15.382 0.933   1.00 27.06 ? 25  ASN A OD1 1 
ATOM   92   N ND2 . ASN A 1 12  ? 4.764   -15.343 1.741   1.00 33.53 ? 25  ASN A ND2 1 
ATOM   93   N N   . ALA A 1 13  ? 2.410   -10.454 2.344   1.00 13.31 ? 26  ALA A N   1 
ATOM   94   C CA  . ALA A 1 13  ? 2.254   -9.256  3.124   1.00 13.51 ? 26  ALA A CA  1 
ATOM   95   C C   . ALA A 1 13  ? 0.852   -8.589  2.956   1.00 14.26 ? 26  ALA A C   1 
ATOM   96   O O   . ALA A 1 13  ? 0.439   -7.812  3.800   1.00 15.70 ? 26  ALA A O   1 
ATOM   97   C CB  . ALA A 1 13  ? 3.377   -8.232  2.728   1.00 14.74 ? 26  ALA A CB  1 
ATOM   98   N N   . THR A 1 14  ? 0.146   -8.926  1.869   1.00 13.64 ? 27  THR A N   1 
ATOM   99   C CA  . THR A 1 14  ? -1.134  -8.349  1.553   1.00 14.17 ? 27  THR A CA  1 
ATOM   100  C C   . THR A 1 14  ? -2.242  -9.421  1.486   1.00 15.71 ? 27  THR A C   1 
ATOM   101  O O   . THR A 1 14  ? -3.285  -9.179  0.910   1.00 13.80 ? 27  THR A O   1 
ATOM   102  C CB  . THR A 1 14  ? -1.076  -7.541  0.269   1.00 14.51 ? 27  THR A CB  1 
ATOM   103  O OG1 . THR A 1 14  ? -0.579  -8.356  -0.799  1.00 12.66 ? 27  THR A OG1 1 
ATOM   104  C CG2 . THR A 1 14  ? -0.135  -6.335  0.434   1.00 15.06 ? 27  THR A CG2 1 
ATOM   105  N N   . SER A 1 15  ? -2.021  -10.583 2.126   1.00 15.61 ? 28  SER A N   1 
ATOM   106  C CA  . SER A 1 15  ? -2.944  -11.703 1.988   1.00 16.29 ? 28  SER A CA  1 
ATOM   107  C C   . SER A 1 15  ? -4.211  -11.528 2.847   1.00 16.48 ? 28  SER A C   1 
ATOM   108  O O   . SER A 1 15  ? -4.293  -10.694 3.751   1.00 14.91 ? 28  SER A O   1 
ATOM   109  C CB  . SER A 1 15  ? -2.263  -13.024 2.323   1.00 18.04 ? 28  SER A CB  1 
ATOM   110  O OG  . SER A 1 15  ? -1.908  -13.017 3.655   1.00 22.20 ? 28  SER A OG  1 
ATOM   111  N N   . ASN A 1 16  ? -5.220  -12.303 2.515   1.00 16.18 ? 29  ASN A N   1 
ATOM   112  C CA  . ASN A 1 16  ? -6.554  -12.188 3.127   1.00 14.56 ? 29  ASN A CA  1 
ATOM   113  C C   . ASN A 1 16  ? -6.752  -12.883 4.460   1.00 15.39 ? 29  ASN A C   1 
ATOM   114  O O   . ASN A 1 16  ? -7.805  -13.474 4.719   1.00 16.30 ? 29  ASN A O   1 
ATOM   115  C CB  . ASN A 1 16  ? -7.589  -12.689 2.102   1.00 15.16 ? 29  ASN A CB  1 
ATOM   116  C CG  . ASN A 1 16  ? -9.007  -12.219 2.400   1.00 16.61 ? 29  ASN A CG  1 
ATOM   117  O OD1 . ASN A 1 16  ? -9.230  -11.069 2.735   1.00 17.88 ? 29  ASN A OD1 1 
ATOM   118  N ND2 . ASN A 1 16  ? -9.989  -13.120 2.225   1.00 13.57 ? 29  ASN A ND2 1 
ATOM   119  N N   . ASP A 1 17  ? -5.765  -12.838 5.346   1.00 15.39 ? 30  ASP A N   1 
ATOM   120  C CA  . ASP A 1 17  ? -5.957  -13.365 6.705   1.00 16.57 ? 30  ASP A CA  1 
ATOM   121  C C   . ASP A 1 17  ? -6.522  -12.336 7.688   1.00 16.49 ? 30  ASP A C   1 
ATOM   122  O O   . ASP A 1 17  ? -7.706  -12.418 8.072   1.00 18.22 ? 30  ASP A O   1 
ATOM   123  C CB  . ASP A 1 17  ? -4.704  -14.131 7.219   1.00 17.46 ? 30  ASP A CB  1 
ATOM   124  C CG  . ASP A 1 17  ? -3.380  -13.354 7.008   1.00 19.63 ? 30  ASP A CG  1 
ATOM   125  O OD1 . ASP A 1 17  ? -3.365  -12.141 7.157   1.00 18.88 ? 30  ASP A OD1 1 
ATOM   126  O OD2 . ASP A 1 17  ? -2.365  -13.963 6.670   1.00 24.69 ? 30  ASP A OD2 1 
ATOM   127  N N   . ASN A 1 18  ? -5.686  -11.392 8.130   1.00 14.37 ? 31  ASN A N   1 
ATOM   128  C CA  . ASN A 1 18  ? -6.070  -10.323 9.018   1.00 15.39 ? 31  ASN A CA  1 
ATOM   129  C C   . ASN A 1 18  ? -5.513  -9.031  8.411   1.00 12.75 ? 31  ASN A C   1 
ATOM   130  O O   . ASN A 1 18  ? -4.480  -9.082  7.768   1.00 13.59 ? 31  ASN A O   1 
ATOM   131  C CB  . ASN A 1 18  ? -5.475  -10.548 10.428  1.00 16.21 ? 31  ASN A CB  1 
ATOM   132  C CG  . ASN A 1 18  ? -6.151  -11.714 11.164  1.00 24.33 ? 31  ASN A CG  1 
ATOM   133  O OD1 . ASN A 1 18  ? -7.336  -11.615 11.498  1.00 31.38 ? 31  ASN A OD1 1 
ATOM   134  N ND2 . ASN A 1 18  ? -5.432  -12.849 11.347  1.00 29.22 ? 31  ASN A ND2 1 
ATOM   135  N N   . HIS A 1 19  ? -6.186  -7.920  8.605   1.00 12.49 ? 32  HIS A N   1 
ATOM   136  C CA  . HIS A 1 19  ? -5.739  -6.650  7.955   1.00 14.00 ? 32  HIS A CA  1 
ATOM   137  C C   . HIS A 1 19  ? -4.425  -6.051  8.484   1.00 15.21 ? 32  HIS A C   1 
ATOM   138  O O   . HIS A 1 19  ? -3.896  -5.121  7.897   1.00 14.29 ? 32  HIS A O   1 
ATOM   139  C CB  . HIS A 1 19  ? -6.814  -5.586  7.956   1.00 13.56 ? 32  HIS A CB  1 
ATOM   140  C CG  . HIS A 1 19  ? -7.148  -5.026  9.294   1.00 12.92 ? 32  HIS A CG  1 
ATOM   141  N ND1 . HIS A 1 19  ? -6.377  -4.078  9.922   1.00 18.64 ? 32  HIS A ND1 1 
ATOM   142  C CD2 . HIS A 1 19  ? -8.211  -5.249  10.117  1.00 16.80 ? 32  HIS A CD2 1 
ATOM   143  C CE1 . HIS A 1 19  ? -6.934  -3.753  11.075  1.00 21.46 ? 32  HIS A CE1 1 
ATOM   144  N NE2 . HIS A 1 19  ? -8.048  -4.455  11.223  1.00 17.73 ? 32  HIS A NE2 1 
ATOM   145  N N   . GLN A 1 20  ? -3.893  -6.565  9.587   1.00 15.03 ? 33  GLN A N   1 
ATOM   146  C CA  . GLN A 1 20  ? -2.612  -6.096  10.098  1.00 16.98 ? 33  GLN A CA  1 
ATOM   147  C C   . GLN A 1 20  ? -1.432  -6.614  9.287   1.00 14.63 ? 33  GLN A C   1 
ATOM   148  O O   . GLN A 1 20  ? -1.342  -7.767  8.988   1.00 15.88 ? 33  GLN A O   1 
ATOM   149  C CB  . GLN A 1 20  ? -2.466  -6.446  11.561  1.00 18.08 ? 33  GLN A CB  1 
ATOM   150  C CG  . GLN A 1 20  ? -3.491  -5.757  12.470  1.00 20.81 ? 33  GLN A CG  1 
ATOM   151  C CD  . GLN A 1 20  ? -4.765  -6.598  12.686  1.00 21.43 ? 33  GLN A CD  1 
ATOM   152  O OE1 . GLN A 1 20  ? -5.038  -7.553  11.954  1.00 23.09 ? 33  GLN A OE1 1 
ATOM   153  N NE2 . GLN A 1 20  ? -5.546  -6.222  13.655  1.00 22.58 ? 33  GLN A NE2 1 
ATOM   154  N N   . VAL A 1 21  ? -0.533  -5.714  8.901   1.00 14.46 ? 34  VAL A N   1 
ATOM   155  C CA  . VAL A 1 21  ? 0.670   -6.068  8.151   1.00 15.33 ? 34  VAL A CA  1 
ATOM   156  C C   . VAL A 1 21  ? 1.842   -6.194  9.138   1.00 17.72 ? 34  VAL A C   1 
ATOM   157  O O   . VAL A 1 21  ? 2.028   -5.349  10.029  1.00 18.18 ? 34  VAL A O   1 
ATOM   158  C CB  . VAL A 1 21  ? 0.987   -5.008  7.071   1.00 16.71 ? 34  VAL A CB  1 
ATOM   159  C CG1 . VAL A 1 21  ? 2.208   -5.400  6.265   1.00 12.44 ? 34  VAL A CG1 1 
ATOM   160  C CG2 . VAL A 1 21  ? -0.243  -4.798  6.161   1.00 10.98 ? 34  VAL A CG2 1 
ATOM   161  N N   . SER A 1 22  ? 2.595   -7.277  9.010   1.00 17.87 ? 35  SER A N   1 
ATOM   162  C CA  . SER A 1 22  ? 3.791   -7.480  9.803   1.00 19.96 ? 35  SER A CA  1 
ATOM   163  C C   . SER A 1 22  ? 4.870   -6.381  9.570   1.00 20.62 ? 35  SER A C   1 
ATOM   164  O O   . SER A 1 22  ? 5.110   -5.932  8.413   1.00 15.51 ? 35  SER A O   1 
ATOM   165  C CB  . SER A 1 22  ? 4.381   -8.864  9.478   1.00 22.39 ? 35  SER A CB  1 
ATOM   166  O OG  . SER A 1 22  ? 5.792   -8.910  9.630   1.00 28.47 ? 35  SER A OG  1 
ATOM   167  N N   . LYS A 1 23  ? 5.525   -5.975  10.660  1.00 22.26 ? 36  LYS A N   1 
ATOM   168  C CA  . LYS A 1 23  ? 6.675   -5.053  10.578  1.00 23.54 ? 36  LYS A CA  1 
ATOM   169  C C   . LYS A 1 23  ? 7.801   -5.631  9.726   1.00 22.30 ? 36  LYS A C   1 
ATOM   170  O O   . LYS A 1 23  ? 8.418   -4.943  8.943   1.00 16.47 ? 36  LYS A O   1 
ATOM   171  C CB  . LYS A 1 23  ? 7.211   -4.747  11.983  1.00 25.40 ? 36  LYS A CB  1 
ATOM   172  C CG  . LYS A 1 23  ? 8.042   -3.465  12.061  1.00 31.09 ? 36  LYS A CG  1 
ATOM   173  C CD  . LYS A 1 23  ? 8.675   -3.267  13.474  1.00 40.37 ? 36  LYS A CD  1 
ATOM   174  C CE  . LYS A 1 23  ? 7.600   -3.195  14.601  1.00 44.32 ? 36  LYS A CE  1 
ATOM   175  N NZ  . LYS A 1 23  ? 8.108   -2.687  15.932  1.00 46.05 ? 36  LYS A NZ  1 
ATOM   176  N N   . ASP A 1 24  ? 8.075   -6.911  9.912   1.00 23.71 ? 37  ASP A N   1 
ATOM   177  C CA  . ASP A 1 24  ? 9.014   -7.658  9.083   1.00 24.18 ? 37  ASP A CA  1 
ATOM   178  C C   . ASP A 1 24  ? 8.812   -7.356  7.583   1.00 23.02 ? 37  ASP A C   1 
ATOM   179  O O   . ASP A 1 24  ? 9.760   -6.981  6.849   1.00 22.51 ? 37  ASP A O   1 
ATOM   180  C CB  . ASP A 1 24  ? 8.749   -9.166  9.271   1.00 26.30 ? 37  ASP A CB  1 
ATOM   181  C CG  . ASP A 1 24  ? 9.718   -9.825  10.177  1.00 33.25 ? 37  ASP A CG  1 
ATOM   182  O OD1 . ASP A 1 24  ? 9.317   -10.105 11.338  1.00 41.94 ? 37  ASP A OD1 1 
ATOM   183  O OD2 . ASP A 1 24  ? 10.862  -10.089 9.711   1.00 42.85 ? 37  ASP A OD2 1 
ATOM   184  N N   . SER A 1 25  ? 7.580   -7.580  7.126   1.00 19.37 ? 38  SER A N   1 
ATOM   185  C CA  . SER A 1 25  ? 7.221   -7.424  5.718   1.00 18.22 ? 38  SER A CA  1 
ATOM   186  C C   . SER A 1 25  ? 7.430   -5.985  5.234   1.00 14.70 ? 38  SER A C   1 
ATOM   187  O O   . SER A 1 25  ? 7.994   -5.768  4.173   1.00 12.49 ? 38  SER A O   1 
ATOM   188  C CB  . SER A 1 25  ? 5.763   -7.859  5.487   1.00 17.90 ? 38  SER A CB  1 
ATOM   189  O OG  . SER A 1 25  ? 5.608   -9.228  5.816   1.00 22.34 ? 38  SER A OG  1 
ATOM   190  N N   . LEU A 1 26  ? 6.998   -5.017  6.025   1.00 11.47 ? 39  LEU A N   1 
ATOM   191  C CA  . LEU A 1 26  ? 7.102   -3.647  5.626   1.00 13.06 ? 39  LEU A CA  1 
ATOM   192  C C   . LEU A 1 26  ? 8.564   -3.210  5.422   1.00 12.70 ? 39  LEU A C   1 
ATOM   193  O O   . LEU A 1 26  ? 8.891   -2.546  4.465   1.00 11.23 ? 39  LEU A O   1 
ATOM   194  C CB  . LEU A 1 26  ? 6.367   -2.753  6.620   1.00 12.99 ? 39  LEU A CB  1 
ATOM   195  C CG  . LEU A 1 26  ? 4.825   -2.961  6.683   1.00 15.47 ? 39  LEU A CG  1 
ATOM   196  C CD1 . LEU A 1 26  ? 4.268   -2.401  7.956   1.00 15.33 ? 39  LEU A CD1 1 
ATOM   197  C CD2 . LEU A 1 26  ? 4.125   -2.318  5.505   1.00 14.13 ? 39  LEU A CD2 1 
ATOM   198  N N   . ILE A 1 27  ? 9.421   -3.561  6.364   1.00 15.67 ? 40  ILE A N   1 
ATOM   199  C CA  . ILE A 1 27  ? 10.826  -3.191  6.304   1.00 16.08 ? 40  ILE A CA  1 
ATOM   200  C C   . ILE A 1 27  ? 11.471  -3.800  5.078   1.00 16.11 ? 40  ILE A C   1 
ATOM   201  O O   . ILE A 1 27  ? 12.186  -3.112  4.322   1.00 14.76 ? 40  ILE A O   1 
ATOM   202  C CB  . ILE A 1 27  ? 11.569  -3.622  7.597   1.00 16.49 ? 40  ILE A CB  1 
ATOM   203  C CG1 . ILE A 1 27  ? 11.161  -2.731  8.768   1.00 17.77 ? 40  ILE A CG1 1 
ATOM   204  C CG2 . ILE A 1 27  ? 13.119  -3.615  7.404   1.00 21.00 ? 40  ILE A CG2 1 
ATOM   205  C CD1 . ILE A 1 27  ? 11.476  -3.337  10.056  1.00 20.95 ? 40  ILE A CD1 1 
ATOM   206  N N   . GLU A 1 28  ? 11.192  -5.085  4.836   1.00 14.76 ? 41  GLU A N   1 
ATOM   207  C CA  . GLU A 1 28  ? 11.752  -5.741  3.674   1.00 16.19 ? 41  GLU A CA  1 
ATOM   208  C C   . GLU A 1 28  ? 11.215  -5.153  2.361   1.00 14.33 ? 41  GLU A C   1 
ATOM   209  O O   . GLU A 1 28  ? 11.950  -5.027  1.413   1.00 14.50 ? 41  GLU A O   1 
ATOM   210  C CB  . GLU A 1 28  ? 11.503  -7.258  3.754   1.00 17.84 ? 41  GLU A CB  1 
ATOM   211  C CG  . GLU A 1 28  ? 12.456  -8.044  2.888   1.00 23.37 ? 41  GLU A CG  1 
ATOM   212  C CD  . GLU A 1 28  ? 12.411  -9.556  3.116   1.00 33.54 ? 41  GLU A CD  1 
ATOM   213  O OE1 . GLU A 1 28  ? 12.961  -10.284 2.241   1.00 38.61 ? 41  GLU A OE1 1 
ATOM   214  O OE2 . GLU A 1 28  ? 11.834  -10.003 4.145   1.00 39.29 ? 41  GLU A OE2 1 
ATOM   215  N N   . LEU A 1 29  ? 9.921   -4.801  2.299   1.00 13.73 ? 42  LEU A N   1 
ATOM   216  C CA  . LEU A 1 29  ? 9.343   -4.206  1.076   1.00 12.23 ? 42  LEU A CA  1 
ATOM   217  C C   . LEU A 1 29  ? 9.935   -2.813  0.793   1.00 11.09 ? 42  LEU A C   1 
ATOM   218  O O   . LEU A 1 29  ? 10.218  -2.468  -0.354  1.00 12.85 ? 42  LEU A O   1 
ATOM   219  C CB  . LEU A 1 29  ? 7.805   -4.141  1.183   1.00 12.43 ? 42  LEU A CB  1 
ATOM   220  C CG  . LEU A 1 29  ? 7.080   -5.485  1.044   1.00 11.88 ? 42  LEU A CG  1 
ATOM   221  C CD1 . LEU A 1 29  ? 5.619   -5.374  1.415   1.00 11.43 ? 42  LEU A CD1 1 
ATOM   222  C CD2 . LEU A 1 29  ? 7.208   -6.056  -0.402  1.00 16.57 ? 42  LEU A CD2 1 
ATOM   223  N N   . ALA A 1 30  ? 10.198  -2.042  1.853   1.00 11.07 ? 43  ALA A N   1 
ATOM   224  C CA  . ALA A 1 30  ? 10.803  -0.733  1.691   1.00 11.11 ? 43  ALA A CA  1 
ATOM   225  C C   . ALA A 1 30  ? 12.242  -0.843  1.212   1.00 12.71 ? 43  ALA A C   1 
ATOM   226  O O   . ALA A 1 30  ? 12.657  -0.093  0.319   1.00 13.90 ? 43  ALA A O   1 
ATOM   227  C CB  . ALA A 1 30  ? 10.662  0.113   2.951   1.00 8.67  ? 43  ALA A CB  1 
ATOM   228  N N   . GLU A 1 31  ? 12.984  -1.830  1.714   1.00 14.88 ? 44  GLU A N   1 
ATOM   229  C CA  B GLU A 1 31  ? 14.362  -2.061  1.275   0.59 15.95 ? 44  GLU A CA  1 
ATOM   230  C CA  C GLU A 1 31  ? 14.369  -2.040  1.275   0.41 15.83 ? 44  GLU A CA  1 
ATOM   231  C C   . GLU A 1 31  ? 14.382  -2.511  -0.172  1.00 15.55 ? 44  GLU A C   1 
ATOM   232  O O   . GLU A 1 31  ? 15.135  -1.993  -1.005  1.00 16.04 ? 44  GLU A O   1 
ATOM   233  C CB  B GLU A 1 31  ? 15.061  -3.089  2.184   0.59 16.80 ? 44  GLU A CB  1 
ATOM   234  C CB  C GLU A 1 31  ? 15.136  -3.004  2.205   0.41 16.51 ? 44  GLU A CB  1 
ATOM   235  C CG  B GLU A 1 31  ? 15.457  -2.542  3.554   0.59 18.48 ? 44  GLU A CG  1 
ATOM   236  C CG  C GLU A 1 31  ? 14.622  -4.414  2.254   0.41 18.28 ? 44  GLU A CG  1 
ATOM   237  C CD  B GLU A 1 31  ? 16.497  -1.384  3.472   0.59 25.01 ? 44  GLU A CD  1 
ATOM   238  C CD  C GLU A 1 31  ? 15.578  -5.387  2.924   0.41 22.28 ? 44  GLU A CD  1 
ATOM   239  O OE1 B GLU A 1 31  ? 17.240  -1.307  2.469   0.59 23.96 ? 44  GLU A OE1 1 
ATOM   240  O OE1 C GLU A 1 31  ? 16.320  -6.113  2.201   0.41 22.38 ? 44  GLU A OE1 1 
ATOM   241  O OE2 B GLU A 1 31  ? 16.579  -0.579  4.432   0.59 28.49 ? 44  GLU A OE2 1 
ATOM   242  O OE2 C GLU A 1 31  ? 15.576  -5.427  4.177   0.41 22.59 ? 44  GLU A OE2 1 
ATOM   243  N N   . LYS A 1 32  ? 13.484  -3.414  -0.500  1.00 16.29 ? 45  LYS A N   1 
ATOM   244  C CA  . LYS A 1 32  ? 13.396  -3.923  -1.872  1.00 16.05 ? 45  LYS A CA  1 
ATOM   245  C C   . LYS A 1 32  ? 12.962  -2.903  -2.907  1.00 16.46 ? 45  LYS A C   1 
ATOM   246  O O   . LYS A 1 32  ? 13.352  -3.010  -4.077  1.00 18.51 ? 45  LYS A O   1 
ATOM   247  C CB  . LYS A 1 32  ? 12.560  -5.190  -1.913  1.00 15.86 ? 45  LYS A CB  1 
ATOM   248  C CG  . LYS A 1 32  ? 13.281  -6.392  -1.312  1.00 20.82 ? 45  LYS A CG  1 
ATOM   249  C CD  . LYS A 1 32  ? 12.527  -7.717  -1.494  1.00 24.70 ? 45  LYS A CD  1 
ATOM   250  C CE  . LYS A 1 32  ? 13.366  -8.880  -0.926  1.00 28.70 ? 45  LYS A CE  1 
ATOM   251  N NZ  . LYS A 1 32  ? 12.986  -10.210 -1.521  1.00 36.11 ? 45  LYS A NZ  1 
ATOM   252  N N   . SER A 1 33  ? 12.197  -1.881  -2.488  1.00 15.93 ? 46  SER A N   1 
ATOM   253  C CA  . SER A 1 33  ? 11.743  -0.829  -3.403  1.00 14.93 ? 46  SER A CA  1 
ATOM   254  C C   . SER A 1 33  ? 12.857  -0.069  -4.098  1.00 15.14 ? 46  SER A C   1 
ATOM   255  O O   . SER A 1 33  ? 12.623  0.577   -5.110  1.00 14.07 ? 46  SER A O   1 
ATOM   256  C CB  . SER A 1 33  ? 10.853  0.172   -2.681  1.00 14.98 ? 46  SER A CB  1 
ATOM   257  O OG  . SER A 1 33  ? 11.590  0.962   -1.775  1.00 13.33 ? 46  SER A OG  1 
ATOM   258  N N   . TYR A 1 34  ? 14.046  -0.099  -3.522  1.00 15.83 ? 47  TYR A N   1 
ATOM   259  C CA  . TYR A 1 34  ? 15.238  0.526   -4.107  1.00 18.31 ? 47  TYR A CA  1 
ATOM   260  C C   . TYR A 1 34  ? 15.831  -0.308  -5.247  1.00 19.17 ? 47  TYR A C   1 
ATOM   261  O O   . TYR A 1 34  ? 16.678  0.184   -6.002  1.00 19.99 ? 47  TYR A O   1 
ATOM   262  C CB  . TYR A 1 34  ? 16.292  0.793   -3.026  1.00 17.69 ? 47  TYR A CB  1 
ATOM   263  C CG  . TYR A 1 34  ? 15.869  1.860   -2.027  1.00 19.44 ? 47  TYR A CG  1 
ATOM   264  C CD1 . TYR A 1 34  ? 16.187  3.201   -2.224  1.00 21.32 ? 47  TYR A CD1 1 
ATOM   265  C CD2 . TYR A 1 34  ? 15.115  1.523   -0.903  1.00 19.27 ? 47  TYR A CD2 1 
ATOM   266  C CE1 . TYR A 1 34  ? 15.745  4.179   -1.304  1.00 21.50 ? 47  TYR A CE1 1 
ATOM   267  C CE2 . TYR A 1 34  ? 14.698  2.474   0.004   1.00 16.58 ? 47  TYR A CE2 1 
ATOM   268  C CZ  . TYR A 1 34  ? 14.999  3.790   -0.207  1.00 18.66 ? 47  TYR A CZ  1 
ATOM   269  O OH  . TYR A 1 34  ? 14.553  4.700   0.708   1.00 21.83 ? 47  TYR A OH  1 
ATOM   270  N N   . ASP A 1 35  ? 15.415  -1.573  -5.352  1.00 18.53 ? 48  ASP A N   1 
ATOM   271  C CA  . ASP A 1 35  ? 15.841  -2.459  -6.449  1.00 19.87 ? 48  ASP A CA  1 
ATOM   272  C C   . ASP A 1 35  ? 14.862  -2.323  -7.626  1.00 20.97 ? 48  ASP A C   1 
ATOM   273  O O   . ASP A 1 35  ? 13.683  -2.468  -7.457  1.00 22.26 ? 48  ASP A O   1 
ATOM   274  C CB  . ASP A 1 35  ? 15.921  -3.904  -5.953  1.00 19.50 ? 48  ASP A CB  1 
ATOM   275  C CG  . ASP A 1 35  ? 16.505  -4.852  -6.972  1.00 23.06 ? 48  ASP A CG  1 
ATOM   276  O OD1 . ASP A 1 35  ? 15.720  -5.451  -7.709  1.00 21.64 ? 48  ASP A OD1 1 
ATOM   277  O OD2 . ASP A 1 35  ? 17.758  -5.020  -7.042  1.00 22.71 ? 48  ASP A OD2 1 
ATOM   278  N N   . SER A 1 36  ? 15.369  -2.060  -8.835  1.00 22.71 ? 49  SER A N   1 
ATOM   279  C CA  . SER A 1 36  ? 14.539  -1.915  -10.021 1.00 23.38 ? 49  SER A CA  1 
ATOM   280  C C   . SER A 1 36  ? 13.556  -3.043  -10.338 1.00 23.41 ? 49  SER A C   1 
ATOM   281  O O   . SER A 1 36  ? 12.370  -2.809  -10.522 1.00 22.94 ? 49  SER A O   1 
ATOM   282  C CB  . SER A 1 36  ? 15.373  -1.634  -11.281 1.00 24.84 ? 49  SER A CB  1 
ATOM   283  O OG  . SER A 1 36  ? 15.749  -0.277  -11.316 1.00 30.37 ? 49  SER A OG  1 
ATOM   284  N N   . ALA A 1 37  ? 14.034  -4.257  -10.420 1.00 23.03 ? 50  ALA A N   1 
ATOM   285  C CA  . ALA A 1 37  ? 13.152  -5.382  -10.699 1.00 21.20 ? 50  ALA A CA  1 
ATOM   286  C C   . ALA A 1 37  ? 12.122  -5.557  -9.564  1.00 20.60 ? 50  ALA A C   1 
ATOM   287  O O   . ALA A 1 37  ? 10.943  -5.748  -9.816  1.00 21.50 ? 50  ALA A O   1 
ATOM   288  C CB  . ALA A 1 37  ? 13.988  -6.682  -10.882 1.00 22.32 ? 50  ALA A CB  1 
ATOM   289  N N   . ASP A 1 38  ? 12.582  -5.517  -8.322  1.00 19.95 ? 51  ASP A N   1 
ATOM   290  C CA  . ASP A 1 38  ? 11.698  -5.612  -7.164  1.00 18.34 ? 51  ASP A CA  1 
ATOM   291  C C   . ASP A 1 38  ? 10.609  -4.539  -7.166  1.00 17.13 ? 51  ASP A C   1 
ATOM   292  O O   . ASP A 1 38  ? 9.462   -4.840  -6.926  1.00 15.43 ? 51  ASP A O   1 
ATOM   293  C CB  . ASP A 1 38  ? 12.494  -5.562  -5.860  1.00 20.51 ? 51  ASP A CB  1 
ATOM   294  C CG  . ASP A 1 38  ? 13.408  -6.785  -5.658  1.00 22.08 ? 51  ASP A CG  1 
ATOM   295  O OD1 . ASP A 1 38  ? 13.190  -7.853  -6.270  1.00 25.88 ? 51  ASP A OD1 1 
ATOM   296  O OD2 . ASP A 1 38  ? 14.351  -6.664  -4.857  1.00 22.78 ? 51  ASP A OD2 1 
ATOM   297  N N   . PHE A 1 39  ? 10.986  -3.283  -7.366  1.00 16.81 ? 52  PHE A N   1 
ATOM   298  C CA  . PHE A 1 39  ? 10.034  -2.153  -7.411  1.00 16.77 ? 52  PHE A CA  1 
ATOM   299  C C   . PHE A 1 39  ? 8.840   -2.428  -8.304  1.00 17.31 ? 52  PHE A C   1 
ATOM   300  O O   . PHE A 1 39  ? 7.705   -2.346  -7.853  1.00 17.48 ? 52  PHE A O   1 
ATOM   301  C CB  . PHE A 1 39  ? 10.741  -0.871  -7.918  1.00 17.35 ? 52  PHE A CB  1 
ATOM   302  C CG  . PHE A 1 39  ? 9.838   0.285   -8.083  1.00 18.28 ? 52  PHE A CG  1 
ATOM   303  C CD1 . PHE A 1 39  ? 9.469   1.056   -7.007  1.00 19.11 ? 52  PHE A CD1 1 
ATOM   304  C CD2 . PHE A 1 39  ? 9.287   0.563   -9.319  1.00 16.41 ? 52  PHE A CD2 1 
ATOM   305  C CE1 . PHE A 1 39  ? 8.578   2.090   -7.163  1.00 20.08 ? 52  PHE A CE1 1 
ATOM   306  C CE2 . PHE A 1 39  ? 8.422   1.610   -9.474  1.00 19.60 ? 52  PHE A CE2 1 
ATOM   307  C CZ  . PHE A 1 39  ? 8.067   2.369   -8.386  1.00 15.76 ? 52  PHE A CZ  1 
ATOM   308  N N   . PHE A 1 40  ? 9.089   -2.818  -9.547  1.00 17.91 ? 53  PHE A N   1 
ATOM   309  C CA  A PHE A 1 40  ? 8.004   -3.079  -10.484 0.56 17.10 ? 53  PHE A CA  1 
ATOM   310  C CA  B PHE A 1 40  ? 8.016   -3.105  -10.501 0.44 17.13 ? 53  PHE A CA  1 
ATOM   311  C C   . PHE A 1 40  ? 7.119   -4.248  -10.026 1.00 15.93 ? 53  PHE A C   1 
ATOM   312  O O   . PHE A 1 40  ? 5.893   -4.186  -10.158 1.00 15.31 ? 53  PHE A O   1 
ATOM   313  C CB  A PHE A 1 40  ? 8.546   -3.314  -11.902 0.56 17.92 ? 53  PHE A CB  1 
ATOM   314  C CB  B PHE A 1 40  ? 8.583   -3.447  -11.887 0.44 17.73 ? 53  PHE A CB  1 
ATOM   315  C CG  A PHE A 1 40  ? 9.107   -2.059  -12.558 0.56 19.52 ? 53  PHE A CG  1 
ATOM   316  C CG  B PHE A 1 40  ? 7.523   -3.621  -12.944 0.44 19.59 ? 53  PHE A CG  1 
ATOM   317  C CD1 A PHE A 1 40  ? 8.259   -1.104  -13.089 0.56 23.81 ? 53  PHE A CD1 1 
ATOM   318  C CD1 B PHE A 1 40  ? 7.085   -2.541  -13.702 0.44 21.83 ? 53  PHE A CD1 1 
ATOM   319  C CD2 A PHE A 1 40  ? 10.464  -1.828  -12.603 0.56 21.39 ? 53  PHE A CD2 1 
ATOM   320  C CD2 B PHE A 1 40  ? 6.969   -4.864  -13.193 0.44 20.94 ? 53  PHE A CD2 1 
ATOM   321  C CE1 A PHE A 1 40  ? 8.764   0.039   -13.690 0.56 24.09 ? 53  PHE A CE1 1 
ATOM   322  C CE1 B PHE A 1 40  ? 6.110   -2.708  -14.657 0.44 23.09 ? 53  PHE A CE1 1 
ATOM   323  C CE2 A PHE A 1 40  ? 10.979  -0.699  -13.193 0.56 21.93 ? 53  PHE A CE2 1 
ATOM   324  C CE2 B PHE A 1 40  ? 5.998   -5.029  -14.142 0.44 21.19 ? 53  PHE A CE2 1 
ATOM   325  C CZ  A PHE A 1 40  ? 10.128  0.236   -13.745 0.56 23.00 ? 53  PHE A CZ  1 
ATOM   326  C CZ  B PHE A 1 40  ? 5.561   -3.953  -14.872 0.44 22.58 ? 53  PHE A CZ  1 
ATOM   327  N N   . GLU A 1 41  ? 7.721   -5.312  -9.526  1.00 15.03 ? 54  GLU A N   1 
ATOM   328  C CA  . GLU A 1 41  ? 6.915   -6.465  -9.058  1.00 17.54 ? 54  GLU A CA  1 
ATOM   329  C C   . GLU A 1 41  ? 6.071   -6.088  -7.832  1.00 15.71 ? 54  GLU A C   1 
ATOM   330  O O   . GLU A 1 41  ? 4.919   -6.428  -7.755  1.00 14.89 ? 54  GLU A O   1 
ATOM   331  C CB  . GLU A 1 41  ? 7.789   -7.658  -8.738  1.00 18.98 ? 54  GLU A CB  1 
ATOM   332  C CG  . GLU A 1 41  ? 8.474   -8.216  -10.000 1.00 24.10 ? 54  GLU A CG  1 
ATOM   333  C CD  . GLU A 1 41  ? 9.459   -9.304  -9.688  1.00 27.89 ? 54  GLU A CD  1 
ATOM   334  O OE1 . GLU A 1 41  ? 9.677   -9.560  -8.486  1.00 28.46 ? 54  GLU A OE1 1 
ATOM   335  O OE2 . GLU A 1 41  ? 10.019  -9.896  -10.635 1.00 32.73 ? 54  GLU A OE2 1 
ATOM   336  N N   . ILE A 1 42  ? 6.678   -5.363  -6.895  1.00 14.60 ? 55  ILE A N   1 
ATOM   337  C CA  . ILE A 1 42  ? 5.963   -4.796  -5.753  1.00 14.30 ? 55  ILE A CA  1 
ATOM   338  C C   . ILE A 1 42  ? 4.795   -3.880  -6.178  1.00 14.42 ? 55  ILE A C   1 
ATOM   339  O O   . ILE A 1 42  ? 3.657   -4.113  -5.800  1.00 11.59 ? 55  ILE A O   1 
ATOM   340  C CB  . ILE A 1 42  ? 6.904   -4.076  -4.776  1.00 14.36 ? 55  ILE A CB  1 
ATOM   341  C CG1 . ILE A 1 42  ? 7.895   -5.070  -4.139  1.00 15.72 ? 55  ILE A CG1 1 
ATOM   342  C CG2 . ILE A 1 42  ? 6.084   -3.399  -3.610  1.00 17.76 ? 55  ILE A CG2 1 
ATOM   343  C CD1 . ILE A 1 42  ? 9.050   -4.496  -3.385  1.00 15.35 ? 55  ILE A CD1 1 
ATOM   344  N N   . MET A 1 43  ? 5.070   -2.877  -7.022  1.00 13.61 ? 56  MET A N   1 
ATOM   345  C CA  . MET A 1 43  ? 4.032   -1.928  -7.379  1.00 14.61 ? 56  MET A CA  1 
ATOM   346  C C   . MET A 1 43  ? 2.911   -2.568  -8.176  1.00 15.72 ? 56  MET A C   1 
ATOM   347  O O   . MET A 1 43  ? 1.752   -2.259  -7.958  1.00 14.98 ? 56  MET A O   1 
ATOM   348  C CB  . MET A 1 43  ? 4.588   -0.673  -8.095  1.00 15.68 ? 56  MET A CB  1 
ATOM   349  C CG  . MET A 1 43  ? 5.591   0.134   -7.272  1.00 13.52 ? 56  MET A CG  1 
ATOM   350  S SD  . MET A 1 43  ? 5.288   0.150   -5.471  1.00 20.20 ? 56  MET A SD  1 
ATOM   351  C CE  . MET A 1 43  ? 4.001   1.352   -5.389  1.00 20.83 ? 56  MET A CE  1 
ATOM   352  N N   . ASP A 1 44  ? 3.249   -3.487  -9.081  1.00 17.11 ? 57  ASP A N   1 
ATOM   353  C CA  . ASP A 1 44  ? 2.228   -4.174  -9.879  1.00 17.75 ? 57  ASP A CA  1 
ATOM   354  C C   . ASP A 1 44  ? 1.281   -5.066  -9.042  1.00 16.38 ? 57  ASP A C   1 
ATOM   355  O O   . ASP A 1 44  ? 0.064   -5.069  -9.297  1.00 15.46 ? 57  ASP A O   1 
ATOM   356  C CB  . ASP A 1 44  ? 2.833   -4.999  -10.992 1.00 21.18 ? 57  ASP A CB  1 
ATOM   357  C CG  . ASP A 1 44  ? 1.757   -5.607  -11.903 1.00 25.38 ? 57  ASP A CG  1 
ATOM   358  O OD1 . ASP A 1 44  ? 1.097   -4.839  -12.646 1.00 33.48 ? 57  ASP A OD1 1 
ATOM   359  O OD2 . ASP A 1 44  ? 1.557   -6.840  -11.837 1.00 34.27 ? 57  ASP A OD2 1 
ATOM   360  N N   . MET A 1 45  ? 1.838   -5.810  -8.082  1.00 16.16 ? 58  MET A N   1 
ATOM   361  C CA  . MET A 1 45  ? 1.006   -6.632  -7.179  1.00 17.45 ? 58  MET A CA  1 
ATOM   362  C C   . MET A 1 45  ? 0.136   -5.732  -6.284  1.00 16.24 ? 58  MET A C   1 
ATOM   363  O O   . MET A 1 45  ? -1.021  -5.994  -6.078  1.00 14.00 ? 58  MET A O   1 
ATOM   364  C CB  . MET A 1 45  ? 1.883   -7.543  -6.316  1.00 17.68 ? 58  MET A CB  1 
ATOM   365  C CG  . MET A 1 45  ? 1.067   -8.468  -5.357  1.00 22.83 ? 58  MET A CG  1 
ATOM   366  S SD  . MET A 1 45  ? -0.184  -9.542  -6.200  1.00 35.03 ? 58  MET A SD  1 
ATOM   367  C CE  . MET A 1 45  ? 0.743   -9.955  -7.630  1.00 25.64 ? 58  MET A CE  1 
ATOM   368  N N   . LEU A 1 46  ? 0.720   -4.645  -5.787  1.00 14.42 ? 59  LEU A N   1 
ATOM   369  C CA  . LEU A 1 46  ? -0.017  -3.655  -4.996  1.00 15.74 ? 59  LEU A CA  1 
ATOM   370  C C   . LEU A 1 46  ? -1.172  -3.062  -5.778  1.00 16.10 ? 59  LEU A C   1 
ATOM   371  O O   . LEU A 1 46  ? -2.257  -2.882  -5.254  1.00 13.72 ? 59  LEU A O   1 
ATOM   372  C CB  . LEU A 1 46  ? 0.971   -2.554  -4.497  1.00 15.51 ? 59  LEU A CB  1 
ATOM   373  C CG  . LEU A 1 46  ? 1.445   -2.418  -3.048  1.00 19.50 ? 59  LEU A CG  1 
ATOM   374  C CD1 . LEU A 1 46  ? 1.255   -3.647  -2.150  1.00 12.22 ? 59  LEU A CD1 1 
ATOM   375  C CD2 . LEU A 1 46  ? 2.827   -1.766  -2.946  1.00 12.87 ? 59  LEU A CD2 1 
ATOM   376  N N   . ASP A 1 47  ? -0.963  -2.783  -7.067  1.00 15.08 ? 60  ASP A N   1 
ATOM   377  C CA  . ASP A 1 47  ? -2.032  -2.297  -7.909  1.00 16.05 ? 60  ASP A CA  1 
ATOM   378  C C   . ASP A 1 47  ? -3.167  -3.315  -8.073  1.00 13.82 ? 60  ASP A C   1 
ATOM   379  O O   . ASP A 1 47  ? -4.337  -2.954  -7.998  1.00 14.25 ? 60  ASP A O   1 
ATOM   380  C CB  . ASP A 1 47  ? -1.518  -1.887  -9.307  1.00 19.71 ? 60  ASP A CB  1 
ATOM   381  C CG  . ASP A 1 47  ? -2.602  -1.150  -10.147 1.00 25.66 ? 60  ASP A CG  1 
ATOM   382  O OD1 . ASP A 1 47  ? -3.347  -0.276  -9.598  1.00 33.82 ? 60  ASP A OD1 1 
ATOM   383  O OD2 . ASP A 1 47  ? -2.683  -1.429  -11.358 1.00 33.99 ? 60  ASP A OD2 1 
ATOM   384  N N   . LYS A 1 48  ? -2.807  -4.571  -8.319  1.00 14.37 ? 61  LYS A N   1 
ATOM   385  C CA  . LYS A 1 48  ? -3.788  -5.655  -8.345  1.00 15.44 ? 61  LYS A CA  1 
ATOM   386  C C   . LYS A 1 48  ? -4.597  -5.767  -7.057  1.00 13.78 ? 61  LYS A C   1 
ATOM   387  O O   . LYS A 1 48  ? -5.790  -5.942  -7.102  1.00 15.68 ? 61  LYS A O   1 
ATOM   388  C CB  . LYS A 1 48  ? -3.125  -7.002  -8.664  1.00 17.76 ? 61  LYS A CB  1 
ATOM   389  C CG  . LYS A 1 48  ? -2.690  -7.122  -10.127 1.00 21.98 ? 61  LYS A CG  1 
ATOM   390  C CD  . LYS A 1 48  ? -1.646  -8.188  -10.319 1.00 25.81 ? 61  LYS A CD  1 
ATOM   391  C CE  . LYS A 1 48  ? -1.306  -8.360  -11.800 1.00 30.52 ? 61  LYS A CE  1 
ATOM   392  N NZ  . LYS A 1 48  ? -0.003  -9.070  -11.926 1.00 33.01 ? 61  LYS A NZ  1 
ATOM   393  N N   . ARG A 1 49  ? -3.939  -5.687  -5.919  1.00 14.25 ? 62  ARG A N   1 
ATOM   394  C CA  . ARG A 1 49  ? -4.611  -5.863  -4.633  1.00 14.88 ? 62  ARG A CA  1 
ATOM   395  C C   . ARG A 1 49  ? -5.635  -4.730  -4.403  1.00 16.98 ? 62  ARG A C   1 
ATOM   396  O O   . ARG A 1 49  ? -6.752  -4.965  -3.971  1.00 16.53 ? 62  ARG A O   1 
ATOM   397  C CB  . ARG A 1 49  ? -3.599  -5.904  -3.477  1.00 13.38 ? 62  ARG A CB  1 
ATOM   398  C CG  . ARG A 1 49  ? -2.705  -7.106  -3.404  1.00 15.77 ? 62  ARG A CG  1 
ATOM   399  C CD  . ARG A 1 49  ? -3.466  -8.370  -3.164  1.00 16.36 ? 62  ARG A CD  1 
ATOM   400  N NE  . ARG A 1 49  ? -2.682  -9.399  -2.524  1.00 17.24 ? 62  ARG A NE  1 
ATOM   401  C CZ  . ARG A 1 49  ? -2.878  -10.703 -2.618  1.00 18.30 ? 62  ARG A CZ  1 
ATOM   402  N NH1 . ARG A 1 49  ? -3.821  -11.204 -3.400  1.00 16.66 ? 62  ARG A NH1 1 
ATOM   403  N NH2 . ARG A 1 49  ? -2.095  -11.520 -1.933  1.00 17.85 ? 62  ARG A NH2 1 
ATOM   404  N N   . LEU A 1 50  ? -5.221  -3.502  -4.729  1.00 16.82 ? 63  LEU A N   1 
ATOM   405  C CA  . LEU A 1 50  ? -6.056  -2.298  -4.610  1.00 18.10 ? 63  LEU A CA  1 
ATOM   406  C C   . LEU A 1 50  ? -7.331  -2.382  -5.419  1.00 17.31 ? 63  LEU A C   1 
ATOM   407  O O   . LEU A 1 50  ? -8.341  -1.785  -5.074  1.00 18.12 ? 63  LEU A O   1 
ATOM   408  C CB  . LEU A 1 50  ? -5.263  -1.073  -5.114  1.00 18.72 ? 63  LEU A CB  1 
ATOM   409  C CG  . LEU A 1 50  ? -4.836  0.054   -4.199  1.00 21.74 ? 63  LEU A CG  1 
ATOM   410  C CD1 . LEU A 1 50  ? -4.924  -0.325  -2.786  1.00 13.21 ? 63  LEU A CD1 1 
ATOM   411  C CD2 . LEU A 1 50  ? -3.419  0.681   -4.650  1.00 16.54 ? 63  LEU A CD2 1 
ATOM   412  N N   . ASN A 1 51  ? -7.256  -3.108  -6.519  1.00 18.95 ? 64  ASN A N   1 
ATOM   413  C CA  . ASN A 1 51  ? -8.345  -3.250  -7.450  1.00 19.02 ? 64  ASN A CA  1 
ATOM   414  C C   . ASN A 1 51  ? -9.236  -4.444  -7.173  1.00 19.97 ? 64  ASN A C   1 
ATOM   415  O O   . ASN A 1 51  ? -10.182 -4.692  -7.903  1.00 19.77 ? 64  ASN A O   1 
ATOM   416  C CB  . ASN A 1 51  ? -7.812  -3.308  -8.898  1.00 17.22 ? 64  ASN A CB  1 
ATOM   417  C CG  . ASN A 1 51  ? -7.501  -1.922  -9.467  1.00 20.56 ? 64  ASN A CG  1 
ATOM   418  O OD1 . ASN A 1 51  ? -8.398  -1.216  -9.912  1.00 26.52 ? 64  ASN A OD1 1 
ATOM   419  N ND2 . ASN A 1 51  ? -6.227  -1.529  -9.431  1.00 15.96 ? 64  ASN A ND2 1 
ATOM   420  N N   . ASP A 1 52  ? -8.997  -5.135  -6.064  1.00 20.50 ? 65  ASP A N   1 
ATOM   421  C CA  . ASP A 1 52  ? -9.812  -6.297  -5.704  1.00 21.84 ? 65  ASP A CA  1 
ATOM   422  C C   . ASP A 1 52  ? -11.237 -5.955  -5.271  1.00 23.41 ? 65  ASP A C   1 
ATOM   423  O O   . ASP A 1 52  ? -11.549 -4.825  -4.898  1.00 22.63 ? 65  ASP A O   1 
ATOM   424  C CB  . ASP A 1 52  ? -9.149  -7.097  -4.603  1.00 23.69 ? 65  ASP A CB  1 
ATOM   425  C CG  . ASP A 1 52  ? -8.960  -8.544  -4.975  1.00 30.37 ? 65  ASP A CG  1 
ATOM   426  O OD1 . ASP A 1 52  ? -9.946  -9.147  -5.505  1.00 38.64 ? 65  ASP A OD1 1 
ATOM   427  O OD2 . ASP A 1 52  ? -7.826  -9.062  -4.732  1.00 35.42 ? 65  ASP A OD2 1 
ATOM   428  N N   . LYS A 1 53  ? -12.093 -6.972  -5.297  1.00 24.81 ? 66  LYS A N   1 
ATOM   429  C CA  A LYS A 1 53  ? -13.505 -6.798  -4.974  0.60 24.66 ? 66  LYS A CA  1 
ATOM   430  C CA  B LYS A 1 53  ? -13.506 -6.784  -4.973  0.40 24.41 ? 66  LYS A CA  1 
ATOM   431  C C   . LYS A 1 53  ? -13.738 -6.647  -3.465  1.00 23.86 ? 66  LYS A C   1 
ATOM   432  O O   . LYS A 1 53  ? -12.898 -7.028  -2.659  1.00 24.81 ? 66  LYS A O   1 
ATOM   433  C CB  A LYS A 1 53  ? -14.360 -7.929  -5.576  0.60 25.47 ? 66  LYS A CB  1 
ATOM   434  C CB  B LYS A 1 53  ? -14.382 -7.891  -5.586  0.40 24.95 ? 66  LYS A CB  1 
ATOM   435  C CG  A LYS A 1 53  ? -14.150 -9.315  -4.986  0.60 27.66 ? 66  LYS A CG  1 
ATOM   436  C CG  B LYS A 1 53  ? -13.790 -9.291  -5.582  0.40 25.89 ? 66  LYS A CG  1 
ATOM   437  C CD  A LYS A 1 53  ? -14.716 -10.443 -5.878  0.60 29.60 ? 66  LYS A CD  1 
ATOM   438  C CD  B LYS A 1 53  ? -14.701 -10.271 -6.309  0.40 26.67 ? 66  LYS A CD  1 
ATOM   439  C CE  A LYS A 1 53  ? -16.157 -10.196 -6.338  0.60 31.21 ? 66  LYS A CE  1 
ATOM   440  C CE  B LYS A 1 53  ? -14.061 -11.643 -6.448  0.40 26.94 ? 66  LYS A CE  1 
ATOM   441  N NZ  A LYS A 1 53  ? -16.242 -9.812  -7.795  0.60 30.52 ? 66  LYS A NZ  1 
ATOM   442  N NZ  B LYS A 1 53  ? -12.822 -11.659 -7.331  0.40 24.03 ? 66  LYS A NZ  1 
ATOM   443  N N   . GLY A 1 54  ? -14.884 -6.092  -3.104  1.00 21.03 ? 67  GLY A N   1 
ATOM   444  C CA  . GLY A 1 54  ? -15.233 -5.799  -1.721  1.00 21.14 ? 67  GLY A CA  1 
ATOM   445  C C   . GLY A 1 54  ? -15.061 -6.930  -0.726  1.00 20.85 ? 67  GLY A C   1 
ATOM   446  O O   . GLY A 1 54  ? -14.653 -6.704  0.408   1.00 19.89 ? 67  GLY A O   1 
ATOM   447  N N   . LYS A 1 55  ? -15.363 -8.153  -1.140  1.00 19.67 ? 68  LYS A N   1 
ATOM   448  C CA  . LYS A 1 55  ? -15.185 -9.316  -0.281  1.00 20.45 ? 68  LYS A CA  1 
ATOM   449  C C   . LYS A 1 55  ? -13.730 -9.429  0.188   1.00 19.40 ? 68  LYS A C   1 
ATOM   450  O O   . LYS A 1 55  ? -13.443 -9.823  1.309   1.00 18.00 ? 68  LYS A O   1 
ATOM   451  C CB  . LYS A 1 55  ? -15.574 -10.588 -1.053  1.00 23.08 ? 68  LYS A CB  1 
ATOM   452  C CG  . LYS A 1 55  ? -15.356 -11.862 -0.308  1.00 28.63 ? 68  LYS A CG  1 
ATOM   453  C CD  . LYS A 1 55  ? -15.730 -13.078 -1.191  1.00 35.40 ? 68  LYS A CD  1 
ATOM   454  C CE  . LYS A 1 55  ? -15.226 -14.404 -0.590  1.00 37.36 ? 68  LYS A CE  1 
ATOM   455  N NZ  . LYS A 1 55  ? -15.593 -15.613 -1.419  1.00 39.70 ? 68  LYS A NZ  1 
ATOM   456  N N   . TYR A 1 56  ? -12.810 -9.065  -0.692  1.00 18.07 ? 69  TYR A N   1 
ATOM   457  C CA  . TYR A 1 56  ? -11.379 -9.082  -0.374  1.00 17.23 ? 69  TYR A CA  1 
ATOM   458  C C   . TYR A 1 56  ? -10.883 -7.727  0.043   1.00 16.22 ? 69  TYR A C   1 
ATOM   459  O O   . TYR A 1 56  ? -9.793  -7.328  -0.350  1.00 17.69 ? 69  TYR A O   1 
ATOM   460  C CB  . TYR A 1 56  ? -10.603 -9.577  -1.584  1.00 19.28 ? 69  TYR A CB  1 
ATOM   461  C CG  . TYR A 1 56  ? -11.053 -10.944 -2.003  1.00 24.61 ? 69  TYR A CG  1 
ATOM   462  C CD1 . TYR A 1 56  ? -10.723 -12.055 -1.247  1.00 26.27 ? 69  TYR A CD1 1 
ATOM   463  C CD2 . TYR A 1 56  ? -11.834 -11.122 -3.125  1.00 28.22 ? 69  TYR A CD2 1 
ATOM   464  C CE1 . TYR A 1 56  ? -11.144 -13.311 -1.606  1.00 30.96 ? 69  TYR A CE1 1 
ATOM   465  C CE2 . TYR A 1 56  ? -12.253 -12.388 -3.500  1.00 31.28 ? 69  TYR A CE2 1 
ATOM   466  C CZ  . TYR A 1 56  ? -11.902 -13.484 -2.729  1.00 33.26 ? 69  TYR A CZ  1 
ATOM   467  O OH  . TYR A 1 56  ? -12.313 -14.756 -3.074  1.00 36.33 ? 69  TYR A OH  1 
ATOM   468  N N   . TRP A 1 57  ? -11.667 -7.023  0.871   1.00 14.34 ? 70  TRP A N   1 
ATOM   469  C CA  . TRP A 1 57  ? -11.270 -5.727  1.348   1.00 13.55 ? 70  TRP A CA  1 
ATOM   470  C C   . TRP A 1 57  ? -9.942  -5.748  2.122   1.00 13.10 ? 70  TRP A C   1 
ATOM   471  O O   . TRP A 1 57  ? -9.267  -4.701  2.211   1.00 10.91 ? 70  TRP A O   1 
ATOM   472  C CB  . TRP A 1 57  ? -12.367 -5.102  2.215   1.00 14.22 ? 70  TRP A CB  1 
ATOM   473  C CG  . TRP A 1 57  ? -12.663 -5.813  3.519   1.00 10.00 ? 70  TRP A CG  1 
ATOM   474  C CD1 . TRP A 1 57  ? -13.603 -6.781  3.717   1.00 11.96 ? 70  TRP A CD1 1 
ATOM   475  C CD2 . TRP A 1 57  ? -12.020 -5.619  4.775   1.00 11.08 ? 70  TRP A CD2 1 
ATOM   476  N NE1 . TRP A 1 57  ? -13.578 -7.196  5.020   1.00 11.81 ? 70  TRP A NE1 1 
ATOM   477  C CE2 . TRP A 1 57  ? -12.612 -6.510  5.692   1.00 11.81 ? 70  TRP A CE2 1 
ATOM   478  C CE3 . TRP A 1 57  ? -10.995 -4.782  5.230   1.00 8.69  ? 70  TRP A CE3 1 
ATOM   479  C CZ2 . TRP A 1 57  ? -12.209 -6.584  7.026   1.00 13.17 ? 70  TRP A CZ2 1 
ATOM   480  C CZ3 . TRP A 1 57  ? -10.618 -4.851  6.540   1.00 14.10 ? 70  TRP A CZ3 1 
ATOM   481  C CH2 . TRP A 1 57  ? -11.217 -5.740  7.425   1.00 15.55 ? 70  TRP A CH2 1 
ATOM   482  N N   . ARG A 1 58  ? -9.573  -6.894  2.717   1.00 11.41 ? 71  ARG A N   1 
ATOM   483  C CA  . ARG A 1 58  ? -8.280  -6.997  3.429   1.00 12.04 ? 71  ARG A CA  1 
ATOM   484  C C   . ARG A 1 58  ? -7.100  -6.864  2.475   1.00 11.09 ? 71  ARG A C   1 
ATOM   485  O O   . ARG A 1 58  ? -6.078  -6.285  2.843   1.00 10.12 ? 71  ARG A O   1 
ATOM   486  C CB  . ARG A 1 58  ? -8.168  -8.248  4.299   1.00 10.58 ? 71  ARG A CB  1 
ATOM   487  C CG  . ARG A 1 58  ? -9.124  -8.287  5.471   1.00 8.40  ? 71  ARG A CG  1 
ATOM   488  C CD  . ARG A 1 58  ? -9.176  -9.663  6.103   1.00 11.35 ? 71  ARG A CD  1 
ATOM   489  N NE  . ARG A 1 58  ? -10.076 -9.629  7.275   1.00 12.79 ? 71  ARG A NE  1 
ATOM   490  C CZ  . ARG A 1 58  ? -11.403 -9.800  7.211   1.00 14.87 ? 71  ARG A CZ  1 
ATOM   491  N NH1 . ARG A 1 58  ? -11.978 -10.002 6.045   1.00 11.82 ? 71  ARG A NH1 1 
ATOM   492  N NH2 . ARG A 1 58  ? -12.150 -9.710  8.299   1.00 13.22 ? 71  ARG A NH2 1 
ATOM   493  N N   . HIS A 1 59  ? -7.259  -7.312  1.231   1.00 11.15 ? 72  HIS A N   1 
ATOM   494  C CA  . HIS A 1 59  ? -6.255  -7.125  0.237   1.00 10.88 ? 72  HIS A CA  1 
ATOM   495  C C   . HIS A 1 59  ? -6.002  -5.642  0.032   1.00 12.43 ? 72  HIS A C   1 
ATOM   496  O O   . HIS A 1 59  ? -4.859  -5.199  -0.030  1.00 14.53 ? 72  HIS A O   1 
ATOM   497  C CB  . HIS A 1 59  ? -6.664  -7.735  -1.111  1.00 11.05 ? 72  HIS A CB  1 
ATOM   498  C CG  . HIS A 1 59  ? -6.584  -9.221  -1.179  1.00 13.01 ? 72  HIS A CG  1 
ATOM   499  N ND1 . HIS A 1 59  ? -7.188  -9.944  -2.191  1.00 16.02 ? 72  HIS A ND1 1 
ATOM   500  C CD2 . HIS A 1 59  ? -6.044  -10.131 -0.337  1.00 14.81 ? 72  HIS A CD2 1 
ATOM   501  C CE1 . HIS A 1 59  ? -6.978  -11.231 -1.984  1.00 12.31 ? 72  HIS A CE1 1 
ATOM   502  N NE2 . HIS A 1 59  ? -6.286  -11.373 -0.873  1.00 14.58 ? 72  HIS A NE2 1 
ATOM   503  N N   . ILE A 1 60  ? -7.092  -4.899  -0.060  1.00 11.98 ? 73  ILE A N   1 
ATOM   504  C CA  . ILE A 1 60  ? -7.080  -3.447  -0.296  1.00 12.11 ? 73  ILE A CA  1 
ATOM   505  C C   . ILE A 1 60  ? -6.495  -2.696  0.889   1.00 11.31 ? 73  ILE A C   1 
ATOM   506  O O   . ILE A 1 60  ? -5.554  -1.927  0.716   1.00 10.37 ? 73  ILE A O   1 
ATOM   507  C CB  . ILE A 1 60  ? -8.526  -2.904  -0.575  1.00 10.86 ? 73  ILE A CB  1 
ATOM   508  C CG1 . ILE A 1 60  ? -9.195  -3.735  -1.698  1.00 12.01 ? 73  ILE A CG1 1 
ATOM   509  C CG2 . ILE A 1 60  ? -8.483  -1.453  -0.898  1.00 7.85  ? 73  ILE A CG2 1 
ATOM   510  C CD1 . ILE A 1 60  ? -10.574 -3.209  -2.153  1.00 12.00 ? 73  ILE A CD1 1 
ATOM   511  N N   . ALA A 1 61  ? -7.025  -2.940  2.090   1.00 10.09 ? 74  ALA A N   1 
ATOM   512  C CA  . ALA A 1 61  ? -6.507  -2.327  3.296   1.00 10.00 ? 74  ALA A CA  1 
ATOM   513  C C   . ALA A 1 61  ? -5.001  -2.524  3.432   1.00 9.91  ? 74  ALA A C   1 
ATOM   514  O O   . ALA A 1 61  ? -4.278  -1.565  3.702   1.00 9.32  ? 74  ALA A O   1 
ATOM   515  C CB  . ALA A 1 61  ? -7.230  -2.872  4.522   1.00 9.84  ? 74  ALA A CB  1 
ATOM   516  N N   . LYS A 1 62  ? -4.525  -3.760  3.264   1.00 7.68  ? 75  LYS A N   1 
ATOM   517  C CA  . LYS A 1 62  ? -3.125  -4.070  3.532   1.00 9.67  ? 75  LYS A CA  1 
ATOM   518  C C   . LYS A 1 62  ? -2.195  -3.457  2.447   1.00 9.55  ? 75  LYS A C   1 
ATOM   519  O O   . LYS A 1 62  ? -1.110  -2.985  2.760   1.00 10.34 ? 75  LYS A O   1 
ATOM   520  C CB  . LYS A 1 62  ? -2.923  -5.565  3.652   1.00 8.88  ? 75  LYS A CB  1 
ATOM   521  C CG  . LYS A 1 62  ? -3.689  -6.181  4.808   1.00 10.45 ? 75  LYS A CG  1 
ATOM   522  C CD  . LYS A 1 62  ? -3.617  -7.681  4.793   1.00 13.35 ? 75  LYS A CD  1 
ATOM   523  C CE  . LYS A 1 62  ? -2.334  -8.204  5.429   1.00 11.56 ? 75  LYS A CE  1 
ATOM   524  N NZ  . LYS A 1 62  ? -2.335  -9.701  5.511   1.00 14.36 ? 75  LYS A NZ  1 
ATOM   525  N N   . ALA A 1 63  ? -2.659  -3.455  1.211   1.00 9.01  ? 76  ALA A N   1 
ATOM   526  C CA  . ALA A 1 63  ? -1.976  -2.814  0.117   1.00 9.54  ? 76  ALA A CA  1 
ATOM   527  C C   . ALA A 1 63  ? -1.773  -1.323  0.443   1.00 10.27 ? 76  ALA A C   1 
ATOM   528  O O   . ALA A 1 63  ? -0.672  -0.784  0.272   1.00 8.57  ? 76  ALA A O   1 
ATOM   529  C CB  . ALA A 1 63  ? -2.724  -2.970  -1.169  1.00 9.88  ? 76  ALA A CB  1 
ATOM   530  N N   . LEU A 1 64  ? -2.810  -0.683  0.973   1.00 9.88  ? 77  LEU A N   1 
ATOM   531  C CA  . LEU A 1 64  ? -2.738  0.724   1.340   1.00 11.23 ? 77  LEU A CA  1 
ATOM   532  C C   . LEU A 1 64  ? -1.780  0.947   2.459   1.00 12.24 ? 77  LEU A C   1 
ATOM   533  O O   . LEU A 1 64  ? -1.057  1.974   2.476   1.00 9.98  ? 77  LEU A O   1 
ATOM   534  C CB  . LEU A 1 64  ? -4.134  1.266   1.694   1.00 11.97 ? 77  LEU A CB  1 
ATOM   535  C CG  . LEU A 1 64  ? -5.158  1.440   0.557   1.00 11.32 ? 77  LEU A CG  1 
ATOM   536  C CD1 . LEU A 1 64  ? -6.572  1.709   1.128   1.00 10.22 ? 77  LEU A CD1 1 
ATOM   537  C CD2 . LEU A 1 64  ? -4.740  2.575   -0.425  1.00 10.64 ? 77  LEU A CD2 1 
ATOM   538  N N   . THR A 1 65  ? -1.723  0.015   3.407   1.00 10.99 ? 78  THR A N   1 
ATOM   539  C CA  . THR A 1 65  ? -0.729  0.047   4.514   1.00 11.83 ? 78  THR A CA  1 
ATOM   540  C C   . THR A 1 65  ? 0.702   -0.076  3.998   1.00 10.75 ? 78  THR A C   1 
ATOM   541  O O   . THR A 1 65  ? 1.594   0.653   4.435   1.00 10.04 ? 78  THR A O   1 
ATOM   542  C CB  . THR A 1 65  ? -0.975  -1.077  5.563   1.00 13.49 ? 78  THR A CB  1 
ATOM   543  O OG1 . THR A 1 65  ? -2.307  -0.942  6.072   1.00 14.82 ? 78  THR A OG1 1 
ATOM   544  C CG2 . THR A 1 65  ? -0.008  -1.006  6.694   1.00 15.60 ? 78  THR A CG2 1 
ATOM   545  N N   . VAL A 1 66  ? 0.910   -0.998  3.067   1.00 9.39  ? 79  VAL A N   1 
ATOM   546  C CA  . VAL A 1 66  ? 2.186   -1.141  2.425   1.00 10.73 ? 79  VAL A CA  1 
ATOM   547  C C   . VAL A 1 66  ? 2.543   0.151   1.685   1.00 11.47 ? 79  VAL A C   1 
ATOM   548  O O   . VAL A 1 66  ? 3.665   0.670   1.855   1.00 11.04 ? 79  VAL A O   1 
ATOM   549  C CB  . VAL A 1 66  ? 2.206   -2.354  1.472   1.00 11.82 ? 79  VAL A CB  1 
ATOM   550  C CG1 . VAL A 1 66  ? 3.480   -2.416  0.709   1.00 12.67 ? 79  VAL A CG1 1 
ATOM   551  C CG2 . VAL A 1 66  ? 1.971   -3.645  2.270   1.00 11.90 ? 79  VAL A CG2 1 
ATOM   552  N N   . ILE A 1 67  ? 1.601   0.693   0.884   1.00 10.24 ? 80  ILE A N   1 
ATOM   553  C CA  . ILE A 1 67  ? 1.898   1.936   0.144   1.00 9.57  ? 80  ILE A CA  1 
ATOM   554  C C   . ILE A 1 67  ? 2.296   3.110   1.071   1.00 10.00 ? 80  ILE A C   1 
ATOM   555  O O   . ILE A 1 67  ? 3.213   3.883   0.780   1.00 10.00 ? 80  ILE A O   1 
ATOM   556  C CB  . ILE A 1 67  ? 0.789   2.326   -0.822  1.00 11.31 ? 80  ILE A CB  1 
ATOM   557  C CG1 . ILE A 1 67  ? 0.583   1.234   -1.862  1.00 12.82 ? 80  ILE A CG1 1 
ATOM   558  C CG2 . ILE A 1 67  ? 1.110   3.702   -1.483  1.00 7.46  ? 80  ILE A CG2 1 
ATOM   559  C CD1 . ILE A 1 67  ? -0.616  1.399   -2.707  1.00 12.43 ? 80  ILE A CD1 1 
ATOM   560  N N   . ASP A 1 68  ? 1.600   3.233   2.204   1.00 11.38 ? 81  ASP A N   1 
ATOM   561  C CA  . ASP A 1 68  ? 1.889   4.275   3.182   1.00 11.38 ? 81  ASP A CA  1 
ATOM   562  C C   . ASP A 1 68  ? 3.330   4.149   3.679   1.00 11.57 ? 81  ASP A C   1 
ATOM   563  O O   . ASP A 1 68  ? 4.053   5.173   3.738   1.00 14.45 ? 81  ASP A O   1 
ATOM   564  C CB  . ASP A 1 68  ? 0.877   4.234   4.317   1.00 12.89 ? 81  ASP A CB  1 
ATOM   565  C CG  . ASP A 1 68  ? 1.307   5.051   5.510   1.00 15.14 ? 81  ASP A CG  1 
ATOM   566  O OD1 . ASP A 1 68  ? 1.141   6.270   5.415   1.00 23.20 ? 81  ASP A OD1 1 
ATOM   567  O OD2 . ASP A 1 68  ? 1.888   4.478   6.483   1.00 18.26 ? 81  ASP A OD2 1 
ATOM   568  N N   . TYR A 1 69  ? 3.751   2.934   4.042   1.00 11.37 ? 82  TYR A N   1 
ATOM   569  C CA  . TYR A 1 69  ? 5.091   2.698   4.542   1.00 10.59 ? 82  TYR A CA  1 
ATOM   570  C C   . TYR A 1 69  ? 6.139   3.008   3.453   1.00 10.87 ? 82  TYR A C   1 
ATOM   571  O O   . TYR A 1 69  ? 7.202   3.570   3.726   1.00 10.28 ? 82  TYR A O   1 
ATOM   572  C CB  . TYR A 1 69  ? 5.264   1.276   5.009   1.00 12.02 ? 82  TYR A CB  1 
ATOM   573  C CG  . TYR A 1 69  ? 6.442   1.070   5.928   1.00 15.18 ? 82  TYR A CG  1 
ATOM   574  C CD1 . TYR A 1 69  ? 6.334   1.311   7.285   1.00 17.67 ? 82  TYR A CD1 1 
ATOM   575  C CD2 . TYR A 1 69  ? 7.663   0.632   5.447   1.00 15.48 ? 82  TYR A CD2 1 
ATOM   576  C CE1 . TYR A 1 69  ? 7.391   1.116   8.148   1.00 19.38 ? 82  TYR A CE1 1 
ATOM   577  C CE2 . TYR A 1 69  ? 8.748   0.430   6.310   1.00 17.09 ? 82  TYR A CE2 1 
ATOM   578  C CZ  . TYR A 1 69  ? 8.600   0.684   7.668   1.00 18.38 ? 82  TYR A CZ  1 
ATOM   579  O OH  . TYR A 1 69  ? 9.609   0.513   8.593   1.00 23.43 ? 82  TYR A OH  1 
ATOM   580  N N   . LEU A 1 70  ? 5.817   2.638   2.218   1.00 8.67  ? 83  LEU A N   1 
ATOM   581  C CA  . LEU A 1 70  ? 6.717   2.786   1.113   1.00 9.55  ? 83  LEU A CA  1 
ATOM   582  C C   . LEU A 1 70  ? 7.015   4.256   0.801   1.00 10.44 ? 83  LEU A C   1 
ATOM   583  O O   . LEU A 1 70  ? 8.144   4.594   0.462   1.00 9.11  ? 83  LEU A O   1 
ATOM   584  C CB  . LEU A 1 70  ? 6.150   2.111   -0.138  1.00 6.98  ? 83  LEU A CB  1 
ATOM   585  C CG  . LEU A 1 70  ? 6.222   0.594   -0.249  1.00 9.08  ? 83  LEU A CG  1 
ATOM   586  C CD1 . LEU A 1 70  ? 5.730   0.085   -1.605  1.00 8.14  ? 83  LEU A CD1 1 
ATOM   587  C CD2 . LEU A 1 70  ? 7.665   0.127   0.016   1.00 11.90 ? 83  LEU A CD2 1 
ATOM   588  N N   . ILE A 1 71  ? 6.003   5.108   0.855   1.00 10.39 ? 84  ILE A N   1 
ATOM   589  C CA  . ILE A 1 71  ? 6.214   6.528   0.554   1.00 11.18 ? 84  ILE A CA  1 
ATOM   590  C C   . ILE A 1 71  ? 6.921   7.227   1.714   1.00 11.11 ? 84  ILE A C   1 
ATOM   591  O O   . ILE A 1 71  ? 7.543   8.257   1.527   1.00 11.09 ? 84  ILE A O   1 
ATOM   592  C CB  . ILE A 1 71  ? 4.923   7.284   0.103   1.00 10.31 ? 84  ILE A CB  1 
ATOM   593  C CG1 . ILE A 1 71  ? 3.937   7.481   1.253   1.00 13.05 ? 84  ILE A CG1 1 
ATOM   594  C CG2 . ILE A 1 71  ? 4.258   6.585   -1.128  1.00 12.67 ? 84  ILE A CG2 1 
ATOM   595  C CD1 . ILE A 1 71  ? 2.833   8.479   0.965   1.00 9.83  ? 84  ILE A CD1 1 
ATOM   596  N N   . ARG A 1 72  ? 6.798   6.653   2.921   1.00 12.09 ? 85  ARG A N   1 
ATOM   597  C CA  . ARG A 1 72  ? 7.456   7.170   4.084   1.00 11.01 ? 85  ARG A CA  1 
ATOM   598  C C   . ARG A 1 72  ? 8.895   6.638   4.265   1.00 10.74 ? 85  ARG A C   1 
ATOM   599  O O   . ARG A 1 72  ? 9.733   7.325   4.846   1.00 11.11 ? 85  ARG A O   1 
ATOM   600  C CB  . ARG A 1 72  ? 6.639   6.923   5.339   1.00 11.79 ? 85  ARG A CB  1 
ATOM   601  C CG  . ARG A 1 72  ? 5.367   7.725   5.473   1.00 10.62 ? 85  ARG A CG  1 
ATOM   602  C CD  . ARG A 1 72  ? 4.395   7.036   6.439   1.00 19.58 ? 85  ARG A CD  1 
ATOM   603  N NE  . ARG A 1 72  ? 4.932   6.986   7.767   1.00 26.54 ? 85  ARG A NE  1 
ATOM   604  C CZ  . ARG A 1 72  ? 4.769   6.000   8.641   1.00 31.72 ? 85  ARG A CZ  1 
ATOM   605  N NH1 . ARG A 1 72  ? 4.032   4.933   8.353   1.00 32.30 ? 85  ARG A NH1 1 
ATOM   606  N NH2 . ARG A 1 72  ? 5.346   6.097   9.844   1.00 35.29 ? 85  ARG A NH2 1 
ATOM   607  N N   . PHE A 1 73  ? 9.173   5.430   3.769   1.00 11.17 ? 86  PHE A N   1 
ATOM   608  C CA  . PHE A 1 73  ? 10.480  4.774   4.020   1.00 12.41 ? 86  PHE A CA  1 
ATOM   609  C C   . PHE A 1 73  ? 11.162  4.234   2.773   1.00 12.35 ? 86  PHE A C   1 
ATOM   610  O O   . PHE A 1 73  ? 12.322  3.843   2.826   1.00 12.83 ? 86  PHE A O   1 
ATOM   611  C CB  . PHE A 1 73  ? 10.298  3.594   4.993   1.00 13.42 ? 86  PHE A CB  1 
ATOM   612  C CG  . PHE A 1 73  ? 9.988   4.001   6.407   1.00 15.21 ? 86  PHE A CG  1 
ATOM   613  C CD1 . PHE A 1 73  ? 8.656   4.166   6.835   1.00 19.52 ? 86  PHE A CD1 1 
ATOM   614  C CD2 . PHE A 1 73  ? 11.021  4.221   7.315   1.00 13.75 ? 86  PHE A CD2 1 
ATOM   615  C CE1 . PHE A 1 73  ? 8.365   4.538   8.190   1.00 16.21 ? 86  PHE A CE1 1 
ATOM   616  C CE2 . PHE A 1 73  ? 10.742  4.600   8.664   1.00 15.13 ? 86  PHE A CE2 1 
ATOM   617  C CZ  . PHE A 1 73  ? 9.412   4.759   9.083   1.00 19.62 ? 86  PHE A CZ  1 
ATOM   618  N N   . GLY A 1 74  ? 10.437  4.136   1.659   1.00 11.55 ? 87  GLY A N   1 
ATOM   619  C CA  . GLY A 1 74  ? 10.962  3.499   0.463   1.00 11.46 ? 87  GLY A CA  1 
ATOM   620  C C   . GLY A 1 74  ? 11.525  4.454   -0.539  1.00 12.99 ? 87  GLY A C   1 
ATOM   621  O O   . GLY A 1 74  ? 11.628  5.635   -0.278  1.00 11.00 ? 87  GLY A O   1 
ATOM   622  N N   . SER A 1 75  ? 11.902  3.921   -1.696  1.00 13.92 ? 88  SER A N   1 
ATOM   623  C CA  . SER A 1 75  ? 12.410  4.698   -2.833  1.00 16.41 ? 88  SER A CA  1 
ATOM   624  C C   . SER A 1 75  ? 11.504  5.870   -3.247  1.00 17.34 ? 88  SER A C   1 
ATOM   625  O O   . SER A 1 75  ? 10.275  5.766   -3.216  1.00 15.80 ? 88  SER A O   1 
ATOM   626  C CB  . SER A 1 75  ? 12.543  3.729   -4.038  1.00 17.60 ? 88  SER A CB  1 
ATOM   627  O OG  . SER A 1 75  ? 12.558  4.412   -5.264  1.00 18.72 ? 88  SER A OG  1 
ATOM   628  N N   . GLU A 1 76  ? 12.097  6.976   -3.688  1.00 16.95 ? 89  GLU A N   1 
ATOM   629  C CA  . GLU A 1 76  ? 11.304  8.091   -4.221  1.00 17.77 ? 89  GLU A CA  1 
ATOM   630  C C   . GLU A 1 76  ? 10.365  7.630   -5.348  1.00 15.56 ? 89  GLU A C   1 
ATOM   631  O O   . GLU A 1 76  ? 9.355   8.228   -5.607  1.00 17.62 ? 89  GLU A O   1 
ATOM   632  C CB  . GLU A 1 76  ? 12.207  9.229   -4.776  1.00 19.62 ? 89  GLU A CB  1 
ATOM   633  C CG  . GLU A 1 76  ? 13.099  9.891   -3.807  1.00 24.88 ? 89  GLU A CG  1 
ATOM   634  C CD  . GLU A 1 76  ? 12.393  10.762  -2.740  1.00 29.19 ? 89  GLU A CD  1 
ATOM   635  O OE1 . GLU A 1 76  ? 11.198  11.103  -2.869  1.00 33.71 ? 89  GLU A OE1 1 
ATOM   636  O OE2 . GLU A 1 76  ? 13.067  11.068  -1.733  1.00 31.29 ? 89  GLU A OE2 1 
ATOM   637  N N   . ASN A 1 77  ? 10.730  6.562   -6.021  1.00 16.35 ? 90  ASN A N   1 
ATOM   638  C CA  . ASN A 1 77  ? 9.924   5.987   -7.076  1.00 16.22 ? 90  ASN A CA  1 
ATOM   639  C C   . ASN A 1 77  ? 8.546   5.531   -6.593  1.00 16.28 ? 90  ASN A C   1 
ATOM   640  O O   . ASN A 1 77  ? 7.584   5.547   -7.360  1.00 14.56 ? 90  ASN A O   1 
ATOM   641  C CB  . ASN A 1 77  ? 10.662  4.835   -7.740  1.00 17.39 ? 90  ASN A CB  1 
ATOM   642  C CG  . ASN A 1 77  ? 11.777  5.332   -8.652  1.00 20.77 ? 90  ASN A CG  1 
ATOM   643  O OD1 . ASN A 1 77  ? 11.624  6.347   -9.322  1.00 19.75 ? 90  ASN A OD1 1 
ATOM   644  N ND2 . ASN A 1 77  ? 12.902  4.624   -8.666  1.00 21.78 ? 90  ASN A ND2 1 
ATOM   645  N N   . CYS A 1 78  ? 8.454   5.160   -5.309  1.00 14.18 ? 91  CYS A N   1 
ATOM   646  C CA  . CYS A 1 78  ? 7.149   4.862   -4.721  1.00 13.87 ? 91  CYS A CA  1 
ATOM   647  C C   . CYS A 1 78  ? 6.215   6.084   -4.686  1.00 12.62 ? 91  CYS A C   1 
ATOM   648  O O   . CYS A 1 78  ? 5.008   5.964   -4.926  1.00 9.67  ? 91  CYS A O   1 
ATOM   649  C CB  . CYS A 1 78  ? 7.325   4.284   -3.336  1.00 14.43 ? 91  CYS A CB  1 
ATOM   650  S SG  . CYS A 1 78  ? 8.298   2.769   -3.371  1.00 14.95 ? 91  CYS A SG  1 
ATOM   651  N N   . VAL A 1 79  ? 6.771   7.257   -4.384  1.00 12.84 ? 92  VAL A N   1 
ATOM   652  C CA  . VAL A 1 79  ? 5.988   8.465   -4.384  1.00 10.26 ? 92  VAL A CA  1 
ATOM   653  C C   . VAL A 1 79  ? 5.541   8.741   -5.802  1.00 12.05 ? 92  VAL A C   1 
ATOM   654  O O   . VAL A 1 79  ? 4.357   9.005   -6.045  1.00 12.26 ? 92  VAL A O   1 
ATOM   655  C CB  . VAL A 1 79  ? 6.710   9.658   -3.818  1.00 12.11 ? 92  VAL A CB  1 
ATOM   656  C CG1 . VAL A 1 79  ? 5.809   10.918  -3.910  1.00 11.58 ? 92  VAL A CG1 1 
ATOM   657  C CG2 . VAL A 1 79  ? 7.146   9.375   -2.355  1.00 12.62 ? 92  VAL A CG2 1 
ATOM   658  N N   . LEU A 1 80  ? 6.477   8.657   -6.748  1.00 13.48 ? 93  LEU A N   1 
ATOM   659  C CA  . LEU A 1 80  ? 6.161   8.861   -8.179  1.00 14.13 ? 93  LEU A CA  1 
ATOM   660  C C   . LEU A 1 80  ? 5.014   7.982   -8.624  1.00 13.67 ? 93  LEU A C   1 
ATOM   661  O O   . LEU A 1 80  ? 4.069   8.464   -9.255  1.00 9.90  ? 93  LEU A O   1 
ATOM   662  C CB  . LEU A 1 80  ? 7.382   8.588   -9.077  1.00 13.20 ? 93  LEU A CB  1 
ATOM   663  C CG  . LEU A 1 80  ? 8.293   9.765   -9.451  1.00 19.61 ? 93  LEU A CG  1 
ATOM   664  C CD1 . LEU A 1 80  ? 8.231   10.913  -8.440  1.00 16.99 ? 93  LEU A CD1 1 
ATOM   665  C CD2 . LEU A 1 80  ? 9.751   9.265   -9.694  1.00 15.90 ? 93  LEU A CD2 1 
ATOM   666  N N   . TRP A 1 81  ? 5.113   6.693   -8.306  1.00 11.52 ? 94  TRP A N   1 
ATOM   667  C CA  . TRP A 1 81  ? 4.103   5.746   -8.698  1.00 12.37 ? 94  TRP A CA  1 
ATOM   668  C C   . TRP A 1 81  ? 2.696   6.179   -8.180  1.00 13.35 ? 94  TRP A C   1 
ATOM   669  O O   . TRP A 1 81  ? 1.753   6.253   -8.953  1.00 16.07 ? 94  TRP A O   1 
ATOM   670  C CB  . TRP A 1 81  ? 4.434   4.362   -8.196  1.00 12.65 ? 94  TRP A CB  1 
ATOM   671  C CG  . TRP A 1 81  ? 3.466   3.315   -8.612  1.00 16.00 ? 94  TRP A CG  1 
ATOM   672  C CD1 . TRP A 1 81  ? 3.523   2.550   -9.752  1.00 16.44 ? 94  TRP A CD1 1 
ATOM   673  C CD2 . TRP A 1 81  ? 2.283   2.900   -7.915  1.00 16.62 ? 94  TRP A CD2 1 
ATOM   674  N NE1 . TRP A 1 81  ? 2.454   1.691   -9.797  1.00 18.29 ? 94  TRP A NE1 1 
ATOM   675  C CE2 . TRP A 1 81  ? 1.673   1.886   -8.690  1.00 18.97 ? 94  TRP A CE2 1 
ATOM   676  C CE3 . TRP A 1 81  ? 1.663   3.306   -6.725  1.00 16.99 ? 94  TRP A CE3 1 
ATOM   677  C CZ2 . TRP A 1 81  ? 0.483   1.248   -8.293  1.00 23.40 ? 94  TRP A CZ2 1 
ATOM   678  C CZ3 . TRP A 1 81  ? 0.466   2.667   -6.333  1.00 20.16 ? 94  TRP A CZ3 1 
ATOM   679  C CH2 . TRP A 1 81  ? -0.093  1.655   -7.110  1.00 22.54 ? 94  TRP A CH2 1 
ATOM   680  N N   . CYS A 1 82  ? 2.584   6.454   -6.880  1.00 13.99 ? 95  CYS A N   1 
ATOM   681  C CA  . CYS A 1 82  ? 1.364   6.943   -6.285  1.00 16.50 ? 95  CYS A CA  1 
ATOM   682  C C   . CYS A 1 82  ? 0.761   8.115   -7.040  1.00 16.89 ? 95  CYS A C   1 
ATOM   683  O O   . CYS A 1 82  ? -0.453  8.156   -7.235  1.00 17.69 ? 95  CYS A O   1 
ATOM   684  C CB  . CYS A 1 82  ? 1.574   7.357   -4.824  1.00 17.17 ? 95  CYS A CB  1 
ATOM   685  S SG  . CYS A 1 82  ? 1.709   6.028   -3.715  1.00 17.62 ? 95  CYS A SG  1 
ATOM   686  N N   . ARG A 1 83  ? 1.585   9.105   -7.411  1.00 16.59 ? 96  ARG A N   1 
ATOM   687  C CA  . ARG A 1 83  ? 1.054   10.274  -8.110  1.00 15.34 ? 96  ARG A CA  1 
ATOM   688  C C   . ARG A 1 83  ? 0.552   9.909   -9.504  1.00 15.89 ? 96  ARG A C   1 
ATOM   689  O O   . ARG A 1 83  ? -0.502  10.388  -9.946  1.00 16.13 ? 96  ARG A O   1 
ATOM   690  C CB  . ARG A 1 83  ? 2.059   11.419  -8.164  1.00 14.00 ? 96  ARG A CB  1 
ATOM   691  C CG  . ARG A 1 83  ? 2.501   11.879  -6.808  1.00 12.14 ? 96  ARG A CG  1 
ATOM   692  C CD  . ARG A 1 83  ? 3.075   13.288  -6.857  1.00 15.46 ? 96  ARG A CD  1 
ATOM   693  N NE  . ARG A 1 83  ? 3.702   13.615  -5.564  1.00 11.46 ? 96  ARG A NE  1 
ATOM   694  C CZ  . ARG A 1 83  ? 3.032   13.955  -4.470  1.00 12.58 ? 96  ARG A CZ  1 
ATOM   695  N NH1 . ARG A 1 83  ? 1.708   14.069  -4.496  1.00 18.95 ? 96  ARG A NH1 1 
ATOM   696  N NH2 . ARG A 1 83  ? 3.690   14.210  -3.347  1.00 15.70 ? 96  ARG A NH2 1 
ATOM   697  N N   . GLU A 1 84  ? 1.253   9.015   -10.182 1.00 16.05 ? 97  GLU A N   1 
ATOM   698  C CA  . GLU A 1 84  ? 0.779   8.535   -11.474 1.00 18.89 ? 97  GLU A CA  1 
ATOM   699  C C   . GLU A 1 84  ? -0.467  7.668   -11.364 1.00 21.00 ? 97  GLU A C   1 
ATOM   700  O O   . GLU A 1 84  ? -1.275  7.624   -12.289 1.00 23.86 ? 97  GLU A O   1 
ATOM   701  C CB  . GLU A 1 84  ? 1.883   7.748   -12.222 1.00 18.89 ? 97  GLU A CB  1 
ATOM   702  C CG  . GLU A 1 84  ? 2.790   8.586   -13.051 1.00 22.56 ? 97  GLU A CG  1 
ATOM   703  C CD  . GLU A 1 84  ? 2.031   9.384   -14.095 1.00 24.45 ? 97  GLU A CD  1 
ATOM   704  O OE1 . GLU A 1 84  ? 1.504   8.797   -15.056 1.00 33.89 ? 97  GLU A OE1 1 
ATOM   705  O OE2 . GLU A 1 84  ? 1.931   10.611  -13.935 1.00 32.63 ? 97  GLU A OE2 1 
ATOM   706  N N   . ASN A 1 85  ? -0.635  6.965   -10.246 1.00 19.98 ? 98  ASN A N   1 
ATOM   707  C CA  . ASN A 1 85  ? -1.796  6.077   -10.074 1.00 21.25 ? 98  ASN A CA  1 
ATOM   708  C C   . ASN A 1 85  ? -2.725  6.524   -8.942  1.00 21.67 ? 98  ASN A C   1 
ATOM   709  O O   . ASN A 1 85  ? -3.264  5.695   -8.220  1.00 22.24 ? 98  ASN A O   1 
ATOM   710  C CB  . ASN A 1 85  ? -1.299  4.680   -9.779  1.00 20.94 ? 98  ASN A CB  1 
ATOM   711  C CG  . ASN A 1 85  ? -0.656  4.035   -10.979 1.00 25.23 ? 98  ASN A CG  1 
ATOM   712  O OD1 . ASN A 1 85  ? -1.352  3.518   -11.863 1.00 31.63 ? 98  ASN A OD1 1 
ATOM   713  N ND2 . ASN A 1 85  ? 0.668   4.070   -11.036 1.00 21.62 ? 98  ASN A ND2 1 
ATOM   714  N N   . LEU A 1 86  ? -2.883  7.839   -8.764  1.00 19.91 ? 99  LEU A N   1 
ATOM   715  C CA  . LEU A 1 86  ? -3.605  8.347   -7.593  1.00 18.78 ? 99  LEU A CA  1 
ATOM   716  C C   . LEU A 1 86  ? -5.104  7.989   -7.640  1.00 17.85 ? 99  LEU A C   1 
ATOM   717  O O   . LEU A 1 86  ? -5.757  7.924   -6.595  1.00 16.83 ? 99  LEU A O   1 
ATOM   718  C CB  . LEU A 1 86  ? -3.451  9.859   -7.493  1.00 18.46 ? 99  LEU A CB  1 
ATOM   719  C CG  . LEU A 1 86  ? -3.193  10.556  -6.147  1.00 22.74 ? 99  LEU A CG  1 
ATOM   720  C CD1 . LEU A 1 86  ? -3.871  11.951  -6.172  1.00 22.99 ? 99  LEU A CD1 1 
ATOM   721  C CD2 . LEU A 1 86  ? -3.600  9.761   -4.953  1.00 21.52 ? 99  LEU A CD2 1 
ATOM   722  N N   . TYR A 1 87  ? -5.651  7.792   -8.842  1.00 16.81 ? 100 TYR A N   1 
ATOM   723  C CA  . TYR A 1 87  ? -7.100  7.633   -9.016  1.00 16.52 ? 100 TYR A CA  1 
ATOM   724  C C   . TYR A 1 87  ? -7.641  6.493   -8.194  1.00 14.37 ? 100 TYR A C   1 
ATOM   725  O O   . TYR A 1 87  ? -8.614  6.665   -7.538  1.00 16.88 ? 100 TYR A O   1 
ATOM   726  C CB  . TYR A 1 87  ? -7.502  7.432   -10.472 1.00 15.81 ? 100 TYR A CB  1 
ATOM   727  C CG  . TYR A 1 87  ? -9.010  7.366   -10.676 1.00 19.41 ? 100 TYR A CG  1 
ATOM   728  C CD1 . TYR A 1 87  ? -9.655  6.153   -10.813 1.00 24.98 ? 100 TYR A CD1 1 
ATOM   729  C CD2 . TYR A 1 87  ? -9.787  8.518   -10.666 1.00 20.55 ? 100 TYR A CD2 1 
ATOM   730  C CE1 . TYR A 1 87  ? -11.046 6.072   -10.971 1.00 26.56 ? 100 TYR A CE1 1 
ATOM   731  C CE2 . TYR A 1 87  ? -11.195 8.455   -10.831 1.00 23.27 ? 100 TYR A CE2 1 
ATOM   732  C CZ  . TYR A 1 87  ? -11.802 7.221   -10.974 1.00 21.59 ? 100 TYR A CZ  1 
ATOM   733  O OH  . TYR A 1 87  ? -13.152 7.165   -11.168 1.00 33.10 ? 100 TYR A OH  1 
ATOM   734  N N   . ILE A 1 88  ? -7.005  5.326   -8.257  1.00 15.71 ? 101 ILE A N   1 
ATOM   735  C CA  . ILE A 1 88  ? -7.513  4.168   -7.510  1.00 17.92 ? 101 ILE A CA  1 
ATOM   736  C C   . ILE A 1 88  ? -7.472  4.449   -6.005  1.00 18.70 ? 101 ILE A C   1 
ATOM   737  O O   . ILE A 1 88  ? -8.418  4.154   -5.255  1.00 19.72 ? 101 ILE A O   1 
ATOM   738  C CB  . ILE A 1 88  ? -6.742  2.861   -7.808  1.00 18.91 ? 101 ILE A CB  1 
ATOM   739  C CG1 . ILE A 1 88  ? -7.379  1.678   -7.027  1.00 20.67 ? 101 ILE A CG1 1 
ATOM   740  C CG2 . ILE A 1 88  ? -5.236  2.971   -7.463  1.00 17.49 ? 101 ILE A CG2 1 
ATOM   741  C CD1 . ILE A 1 88  ? -8.894  1.508   -7.133  1.00 20.78 ? 101 ILE A CD1 1 
ATOM   742  N N   . ILE A 1 89  ? -6.423  5.134   -5.581  1.00 17.65 ? 102 ILE A N   1 
ATOM   743  C CA  . ILE A 1 89  ? -6.327  5.476   -4.170  1.00 16.96 ? 102 ILE A CA  1 
ATOM   744  C C   . ILE A 1 89  ? -7.449  6.427   -3.752  1.00 17.08 ? 102 ILE A C   1 
ATOM   745  O O   . ILE A 1 89  ? -8.129  6.236   -2.712  1.00 14.16 ? 102 ILE A O   1 
ATOM   746  C CB  . ILE A 1 89  ? -4.927  6.026   -3.823  1.00 17.78 ? 102 ILE A CB  1 
ATOM   747  C CG1 . ILE A 1 89  ? -3.854  4.936   -4.093  1.00 18.95 ? 102 ILE A CG1 1 
ATOM   748  C CG2 . ILE A 1 89  ? -4.895  6.482   -2.350  1.00 15.14 ? 102 ILE A CG2 1 
ATOM   749  C CD1 . ILE A 1 89  ? -2.375  5.430   -3.983  1.00 20.36 ? 102 ILE A CD1 1 
ATOM   750  N N   . LYS A 1 90  ? -7.628  7.475   -4.546  1.00 16.52 ? 103 LYS A N   1 
ATOM   751  C CA  A LYS A 1 90  ? -8.609  8.497   -4.229  0.50 17.24 ? 103 LYS A CA  1 
ATOM   752  C CA  B LYS A 1 90  ? -8.623  8.505   -4.286  0.50 17.33 ? 103 LYS A CA  1 
ATOM   753  C C   . LYS A 1 90  ? -10.014 7.884   -4.205  1.00 15.13 ? 103 LYS A C   1 
ATOM   754  O O   . LYS A 1 90  ? -10.727 8.130   -3.274  1.00 16.17 ? 103 LYS A O   1 
ATOM   755  C CB  A LYS A 1 90  ? -8.523  9.698   -5.183  0.50 18.18 ? 103 LYS A CB  1 
ATOM   756  C CB  B LYS A 1 90  ? -8.612  9.588   -5.375  0.50 18.35 ? 103 LYS A CB  1 
ATOM   757  C CG  A LYS A 1 90  ? -9.422  9.613   -6.401  0.50 21.84 ? 103 LYS A CG  1 
ATOM   758  C CG  B LYS A 1 90  ? -7.536  10.616  -5.202  0.50 22.33 ? 103 LYS A CG  1 
ATOM   759  C CD  A LYS A 1 90  ? -10.738 10.300  -6.164  0.50 26.44 ? 103 LYS A CD  1 
ATOM   760  C CD  B LYS A 1 90  ? -7.596  11.659  -6.310  0.50 26.57 ? 103 LYS A CD  1 
ATOM   761  C CE  A LYS A 1 90  ? -11.203 11.029  -7.417  0.50 27.18 ? 103 LYS A CE  1 
ATOM   762  C CE  B LYS A 1 90  ? -7.808  11.069  -7.708  0.50 27.95 ? 103 LYS A CE  1 
ATOM   763  N NZ  A LYS A 1 90  ? -11.682 12.394  -7.075  0.50 27.80 ? 103 LYS A NZ  1 
ATOM   764  N NZ  B LYS A 1 90  ? -7.438  11.983  -8.834  0.50 28.49 ? 103 LYS A NZ  1 
ATOM   765  N N   . THR A 1 91  ? -10.348 6.973   -5.129  1.00 14.51 ? 104 THR A N   1 
ATOM   766  C CA  . THR A 1 91  ? -11.708 6.412   -5.139  1.00 16.04 ? 104 THR A CA  1 
ATOM   767  C C   . THR A 1 91  ? -11.978 5.590   -3.877  1.00 15.29 ? 104 THR A C   1 
ATOM   768  O O   . THR A 1 91  ? -13.137 5.475   -3.433  1.00 17.10 ? 104 THR A O   1 
ATOM   769  C CB  . THR A 1 91  ? -12.058 5.606   -6.392  1.00 16.99 ? 104 THR A CB  1 
ATOM   770  O OG1 . THR A 1 91  ? -11.309 4.386   -6.441  1.00 23.33 ? 104 THR A OG1 1 
ATOM   771  C CG2 . THR A 1 91  ? -11.799 6.417   -7.626  1.00 19.06 ? 104 THR A CG2 1 
ATOM   772  N N   . LEU A 1 92  ? -10.911 5.112   -3.241  1.00 13.90 ? 105 LEU A N   1 
ATOM   773  C CA  . LEU A 1 92  ? -11.030 4.207   -2.094  1.00 13.44 ? 105 LEU A CA  1 
ATOM   774  C C   . LEU A 1 92  ? -11.336 4.986   -0.818  1.00 10.54 ? 105 LEU A C   1 
ATOM   775  O O   . LEU A 1 92  ? -11.663 4.414   0.198   1.00 9.83  ? 105 LEU A O   1 
ATOM   776  C CB  . LEU A 1 92  ? -9.795  3.311   -1.985  1.00 14.02 ? 105 LEU A CB  1 
ATOM   777  C CG  . LEU A 1 92  ? -9.678  2.155   -3.007  1.00 14.47 ? 105 LEU A CG  1 
ATOM   778  C CD1 . LEU A 1 92  ? -8.297  1.516   -2.917  1.00 10.73 ? 105 LEU A CD1 1 
ATOM   779  C CD2 . LEU A 1 92  ? -10.747 1.079   -2.768  1.00 7.25  ? 105 LEU A CD2 1 
ATOM   780  N N   . LYS A 1 93  ? -11.224 6.310   -0.886  1.00 9.25  ? 106 LYS A N   1 
ATOM   781  C CA  . LYS A 1 93  ? -11.612 7.170   0.215   1.00 10.84 ? 106 LYS A CA  1 
ATOM   782  C C   . LYS A 1 93  ? -13.111 6.974   0.539   1.00 11.46 ? 106 LYS A C   1 
ATOM   783  O O   . LYS A 1 93  ? -13.548 7.249   1.641   1.00 10.52 ? 106 LYS A O   1 
ATOM   784  C CB  . LYS A 1 93  ? -11.371 8.624   -0.151  1.00 9.18  ? 106 LYS A CB  1 
ATOM   785  C CG  . LYS A 1 93  ? -9.901  8.970   -0.284  1.00 12.34 ? 106 LYS A CG  1 
ATOM   786  C CD  . LYS A 1 93  ? -9.676  10.354  -0.846  1.00 15.47 ? 106 LYS A CD  1 
ATOM   787  C CE  . LYS A 1 93  ? -10.290 11.383  0.020   1.00 16.01 ? 106 LYS A CE  1 
ATOM   788  N NZ  . LYS A 1 93  ? -9.889  12.786  -0.383  1.00 22.22 ? 106 LYS A NZ  1 
ATOM   789  N N   . GLU A 1 94  ? -13.860 6.486   -0.453  1.00 12.70 ? 107 GLU A N   1 
ATOM   790  C CA  . GLU A 1 94  ? -15.281 6.248   -0.349  1.00 14.91 ? 107 GLU A CA  1 
ATOM   791  C C   . GLU A 1 94  ? -15.702 4.785   -0.473  1.00 14.03 ? 107 GLU A C   1 
ATOM   792  O O   . GLU A 1 94  ? -16.892 4.513   -0.583  1.00 14.07 ? 107 GLU A O   1 
ATOM   793  C CB  . GLU A 1 94  ? -16.038 7.124   -1.366  1.00 16.18 ? 107 GLU A CB  1 
ATOM   794  C CG  . GLU A 1 94  ? -16.212 8.579   -0.967  1.00 21.45 ? 107 GLU A CG  1 
ATOM   795  C CD  . GLU A 1 94  ? -16.820 8.759   0.439   1.00 27.21 ? 107 GLU A CD  1 
ATOM   796  O OE1 . GLU A 1 94  ? -16.229 9.480   1.274   1.00 37.31 ? 107 GLU A OE1 1 
ATOM   797  O OE2 . GLU A 1 94  ? -17.878 8.158   0.714   1.00 29.92 ? 107 GLU A OE2 1 
ATOM   798  N N   . PHE A 1 95  ? -14.731 3.857   -0.403  1.00 13.22 ? 108 PHE A N   1 
ATOM   799  C CA  . PHE A 1 95  ? -14.995 2.438   -0.430  1.00 11.72 ? 108 PHE A CA  1 
ATOM   800  C C   . PHE A 1 95  ? -15.972 2.075   0.691   1.00 12.00 ? 108 PHE A C   1 
ATOM   801  O O   . PHE A 1 95  ? -15.904 2.588   1.805   1.00 13.34 ? 108 PHE A O   1 
ATOM   802  C CB  . PHE A 1 95  ? -13.692 1.643   -0.256  1.00 11.28 ? 108 PHE A CB  1 
ATOM   803  C CG  . PHE A 1 95  ? -13.868 0.166   -0.158  1.00 9.16  ? 108 PHE A CG  1 
ATOM   804  C CD1 . PHE A 1 95  ? -13.932 -0.623  -1.296  1.00 10.40 ? 108 PHE A CD1 1 
ATOM   805  C CD2 . PHE A 1 95  ? -13.927 -0.463  1.084   1.00 10.59 ? 108 PHE A CD2 1 
ATOM   806  C CE1 . PHE A 1 95  ? -14.107 -1.988  -1.203  1.00 12.58 ? 108 PHE A CE1 1 
ATOM   807  C CE2 . PHE A 1 95  ? -14.066 -1.832  1.170   1.00 9.32  ? 108 PHE A CE2 1 
ATOM   808  C CZ  . PHE A 1 95  ? -14.137 -2.610  0.047   1.00 9.43  ? 108 PHE A CZ  1 
ATOM   809  N N   . ARG A 1 96  ? -16.858 1.138   0.426   1.00 11.32 ? 109 ARG A N   1 
ATOM   810  C CA  . ARG A 1 96  ? -17.838 0.724   1.446   1.00 13.94 ? 109 ARG A CA  1 
ATOM   811  C C   . ARG A 1 96  ? -17.957 -0.794  1.490   1.00 13.55 ? 109 ARG A C   1 
ATOM   812  O O   . ARG A 1 96  ? -17.933 -1.470  0.473   1.00 11.69 ? 109 ARG A O   1 
ATOM   813  C CB  . ARG A 1 96  ? -19.236 1.328   1.156   1.00 16.64 ? 109 ARG A CB  1 
ATOM   814  C CG  . ARG A 1 96  ? -19.209 2.838   0.901   1.00 21.66 ? 109 ARG A CG  1 
ATOM   815  C CD  . ARG A 1 96  ? -20.641 3.422   0.878   1.00 27.04 ? 109 ARG A CD  1 
ATOM   816  N NE  . ARG A 1 96  ? -21.307 3.242   2.169   1.00 29.86 ? 109 ARG A NE  1 
ATOM   817  C CZ  . ARG A 1 96  ? -21.162 4.059   3.200   1.00 29.88 ? 109 ARG A CZ  1 
ATOM   818  N NH1 . ARG A 1 96  ? -20.408 5.150   3.087   1.00 28.59 ? 109 ARG A NH1 1 
ATOM   819  N NH2 . ARG A 1 96  ? -21.761 3.789   4.355   1.00 29.18 ? 109 ARG A NH2 1 
ATOM   820  N N   . HIS A 1 97  ? -18.078 -1.310  2.692   1.00 14.99 ? 110 HIS A N   1 
ATOM   821  C CA  . HIS A 1 97  ? -18.224 -2.735  2.897   1.00 14.58 ? 110 HIS A CA  1 
ATOM   822  C C   . HIS A 1 97  ? -18.717 -3.022  4.309   1.00 13.57 ? 110 HIS A C   1 
ATOM   823  O O   . HIS A 1 97  ? -18.151 -2.566  5.279   1.00 13.69 ? 110 HIS A O   1 
ATOM   824  C CB  . HIS A 1 97  ? -16.936 -3.509  2.612   1.00 15.22 ? 110 HIS A CB  1 
ATOM   825  C CG  . HIS A 1 97  ? -17.104 -4.986  2.678   1.00 12.96 ? 110 HIS A CG  1 
ATOM   826  N ND1 . HIS A 1 97  ? -17.568 -5.733  1.617   1.00 15.59 ? 110 HIS A ND1 1 
ATOM   827  C CD2 . HIS A 1 97  ? -16.897 -5.858  3.694   1.00 16.78 ? 110 HIS A CD2 1 
ATOM   828  C CE1 . HIS A 1 97  ? -17.626 -7.004  1.969   1.00 15.60 ? 110 HIS A CE1 1 
ATOM   829  N NE2 . HIS A 1 97  ? -17.242 -7.108  3.232   1.00 19.06 ? 110 HIS A NE2 1 
ATOM   830  N N   . GLU A 1 98  ? -19.836 -3.726  4.386   1.00 12.17 ? 111 GLU A N   1 
ATOM   831  C CA  . GLU A 1 98  ? -20.373 -4.236  5.638   1.00 12.27 ? 111 GLU A CA  1 
ATOM   832  C C   . GLU A 1 98  ? -20.239 -5.724  5.539   1.00 11.67 ? 111 GLU A C   1 
ATOM   833  O O   . GLU A 1 98  ? -20.609 -6.304  4.503   1.00 14.73 ? 111 GLU A O   1 
ATOM   834  C CB  . GLU A 1 98  ? -21.847 -3.818  5.755   1.00 14.95 ? 111 GLU A CB  1 
ATOM   835  C CG  . GLU A 1 98  ? -22.574 -4.374  6.966   1.00 17.77 ? 111 GLU A CG  1 
ATOM   836  C CD  . GLU A 1 98  ? -23.975 -3.840  7.082   1.00 17.82 ? 111 GLU A CD  1 
ATOM   837  O OE1 . GLU A 1 98  ? -24.177 -2.827  7.787   1.00 20.94 ? 111 GLU A OE1 1 
ATOM   838  O OE2 . GLU A 1 98  ? -24.882 -4.449  6.514   1.00 25.25 ? 111 GLU A OE2 1 
ATOM   839  N N   . ASP A 1 99  ? -19.673 -6.365  6.555   1.00 12.93 ? 112 ASP A N   1 
ATOM   840  C CA  . ASP A 1 99  ? -19.469 -7.813  6.462   1.00 14.78 ? 112 ASP A CA  1 
ATOM   841  C C   . ASP A 1 99  ? -20.715 -8.579  6.908   1.00 15.98 ? 112 ASP A C   1 
ATOM   842  O O   . ASP A 1 99  ? -21.745 -7.974  7.238   1.00 15.37 ? 112 ASP A O   1 
ATOM   843  C CB  . ASP A 1 99  ? -18.168 -8.253  7.166   1.00 14.67 ? 112 ASP A CB  1 
ATOM   844  C CG  . ASP A 1 99  ? -18.256 -8.211  8.655   1.00 13.14 ? 112 ASP A CG  1 
ATOM   845  O OD1 . ASP A 1 99  ? -19.360 -7.947  9.181   1.00 13.70 ? 112 ASP A OD1 1 
ATOM   846  O OD2 . ASP A 1 99  ? -17.190 -8.413  9.310   1.00 11.26 ? 112 ASP A OD2 1 
ATOM   847  N N   . ASP A 1 100 ? -20.604 -9.901  6.949   1.00 14.64 ? 113 ASP A N   1 
ATOM   848  C CA  A ASP A 1 100 ? -21.718 -10.752 7.307   0.55 17.05 ? 113 ASP A CA  1 
ATOM   849  C CA  B ASP A 1 100 ? -21.681 -10.807 7.336   0.45 16.69 ? 113 ASP A CA  1 
ATOM   850  C C   . ASP A 1 100 ? -22.161 -10.597 8.765   1.00 18.09 ? 113 ASP A C   1 
ATOM   851  O O   . ASP A 1 100 ? -23.246 -11.047 9.138   1.00 21.60 ? 113 ASP A O   1 
ATOM   852  C CB  A ASP A 1 100 ? -21.383 -12.214 6.973   0.55 16.97 ? 113 ASP A CB  1 
ATOM   853  C CB  B ASP A 1 100 ? -21.240 -12.285 7.154   0.45 16.42 ? 113 ASP A CB  1 
ATOM   854  C CG  A ASP A 1 100 ? -21.233 -12.450 5.479   0.55 20.85 ? 113 ASP A CG  1 
ATOM   855  C CG  B ASP A 1 100 ? -20.301 -12.781 8.291   0.45 17.56 ? 113 ASP A CG  1 
ATOM   856  O OD1 A ASP A 1 100 ? -22.255 -12.308 4.750   0.55 22.39 ? 113 ASP A OD1 1 
ATOM   857  O OD1 B ASP A 1 100 ? -20.610 -13.809 8.958   0.45 18.53 ? 113 ASP A OD1 1 
ATOM   858  O OD2 A ASP A 1 100 ? -20.093 -12.813 5.039   0.55 21.21 ? 113 ASP A OD2 1 
ATOM   859  O OD2 B ASP A 1 100 ? -19.264 -12.132 8.517   0.45 13.03 ? 113 ASP A OD2 1 
ATOM   860  N N   . GLU A 1 101 ? -21.344 -9.953  9.589   1.00 16.91 ? 114 GLU A N   1 
ATOM   861  C CA  . GLU A 1 101 ? -21.696 -9.688  11.003  1.00 17.77 ? 114 GLU A CA  1 
ATOM   862  C C   . GLU A 1 101 ? -22.310 -8.286  11.192  1.00 17.11 ? 114 GLU A C   1 
ATOM   863  O O   . GLU A 1 101 ? -22.693 -7.925  12.290  1.00 17.70 ? 114 GLU A O   1 
ATOM   864  C CB  . GLU A 1 101 ? -20.477 -9.851  11.921  1.00 17.25 ? 114 GLU A CB  1 
ATOM   865  C CG  . GLU A 1 101 ? -20.024 -11.267 12.052  1.00 19.64 ? 114 GLU A CG  1 
ATOM   866  C CD  . GLU A 1 101 ? -21.035 -12.119 12.830  1.00 17.97 ? 114 GLU A CD  1 
ATOM   867  O OE1 . GLU A 1 101 ? -20.966 -12.109 14.051  1.00 18.47 ? 114 GLU A OE1 1 
ATOM   868  O OE2 . GLU A 1 101 ? -21.864 -12.774 12.186  1.00 22.74 ? 114 GLU A OE2 1 
ATOM   869  N N   . GLY A 1 102 ? -22.454 -7.534  10.095  1.00 16.45 ? 115 GLY A N   1 
ATOM   870  C CA  . GLY A 1 102 ? -22.954 -6.187  10.142  1.00 16.69 ? 115 GLY A CA  1 
ATOM   871  C C   . GLY A 1 102 ? -21.932 -5.135  10.535  1.00 16.42 ? 115 GLY A C   1 
ATOM   872  O O   . GLY A 1 102 ? -22.287 -3.992  10.804  1.00 17.07 ? 115 GLY A O   1 
ATOM   873  N N   . ILE A 1 103 ? -20.651 -5.507  10.518  1.00 16.50 ? 116 ILE A N   1 
ATOM   874  C CA  . ILE A 1 103 ? -19.561 -4.594  10.858  1.00 13.41 ? 116 ILE A CA  1 
ATOM   875  C C   . ILE A 1 103 ? -19.139 -3.747  9.638   1.00 11.93 ? 116 ILE A C   1 
ATOM   876  O O   . ILE A 1 103 ? -18.923 -4.264  8.549   1.00 11.16 ? 116 ILE A O   1 
ATOM   877  C CB  . ILE A 1 103 ? -18.342 -5.374  11.391  1.00 12.76 ? 116 ILE A CB  1 
ATOM   878  C CG1 . ILE A 1 103 ? -18.707 -6.194  12.664  1.00 17.17 ? 116 ILE A CG1 1 
ATOM   879  C CG2 . ILE A 1 103 ? -17.171 -4.419  11.721  1.00 13.03 ? 116 ILE A CG2 1 
ATOM   880  C CD1 . ILE A 1 103 ? -19.029 -5.416  13.790  1.00 18.39 ? 116 ILE A CD1 1 
ATOM   881  N N   . ASP A 1 104 ? -18.980 -2.456  9.831   1.00 14.02 ? 117 ASP A N   1 
ATOM   882  C CA  . ASP A 1 104 ? -18.419 -1.578  8.814   1.00 13.81 ? 117 ASP A CA  1 
ATOM   883  C C   . ASP A 1 104 ? -16.896 -1.785  8.770   1.00 13.60 ? 117 ASP A C   1 
ATOM   884  O O   . ASP A 1 104 ? -16.145 -1.190  9.536   1.00 12.78 ? 117 ASP A O   1 
ATOM   885  C CB  . ASP A 1 104 ? -18.737 -0.127  9.103   1.00 13.82 ? 117 ASP A CB  1 
ATOM   886  C CG  . ASP A 1 104 ? -18.176 0.835   8.040   1.00 13.49 ? 117 ASP A CG  1 
ATOM   887  O OD1 . ASP A 1 104 ? -17.475 0.400   7.123   1.00 14.22 ? 117 ASP A OD1 1 
ATOM   888  O OD2 . ASP A 1 104 ? -18.442 2.038   8.121   1.00 18.16 ? 117 ASP A OD2 1 
ATOM   889  N N   . GLN A 1 105 ? -16.473 -2.677  7.890   1.00 12.71 ? 118 GLN A N   1 
ATOM   890  C CA  . GLN A 1 105 ? -15.072 -2.924  7.644   1.00 10.25 ? 118 GLN A CA  1 
ATOM   891  C C   . GLN A 1 105 ? -14.518 -1.924  6.660   1.00 11.27 ? 118 GLN A C   1 
ATOM   892  O O   . GLN A 1 105 ? -13.329 -1.606  6.681   1.00 9.90  ? 118 GLN A O   1 
ATOM   893  C CB  . GLN A 1 105 ? -14.855 -4.346  7.129   1.00 11.01 ? 118 GLN A CB  1 
ATOM   894  C CG  . GLN A 1 105 ? -15.388 -5.451  8.038   1.00 11.90 ? 118 GLN A CG  1 
ATOM   895  C CD  . GLN A 1 105 ? -14.586 -5.668  9.291   1.00 12.84 ? 118 GLN A CD  1 
ATOM   896  O OE1 . GLN A 1 105 ? -13.666 -4.903  9.614   1.00 13.45 ? 118 GLN A OE1 1 
ATOM   897  N NE2 . GLN A 1 105 ? -14.930 -6.724  10.033  1.00 15.13 ? 118 GLN A NE2 1 
ATOM   898  N N   . GLY A 1 106 ? -15.375 -1.432  5.761   1.00 11.86 ? 119 GLY A N   1 
ATOM   899  C CA  . GLY A 1 106 ? -14.964 -0.440  4.764   1.00 12.83 ? 119 GLY A CA  1 
ATOM   900  C C   . GLY A 1 106 ? -14.340 0.836   5.308   1.00 11.50 ? 119 GLY A C   1 
ATOM   901  O O   . GLY A 1 106 ? -13.540 1.488   4.637   1.00 12.45 ? 119 GLY A O   1 
ATOM   902  N N   . GLN A 1 107 ? -14.687 1.196   6.530   1.00 11.39 ? 120 GLN A N   1 
ATOM   903  C CA  . GLN A 1 107 ? -14.085 2.368   7.181   1.00 12.36 ? 120 GLN A CA  1 
ATOM   904  C C   . GLN A 1 107 ? -12.559 2.245   7.351   1.00 12.65 ? 120 GLN A C   1 
ATOM   905  O O   . GLN A 1 107 ? -11.856 3.255   7.362   1.00 9.74  ? 120 GLN A O   1 
ATOM   906  C CB  . GLN A 1 107 ? -14.726 2.642   8.519   1.00 13.76 ? 120 GLN A CB  1 
ATOM   907  C CG  . GLN A 1 107 ? -14.399 1.636   9.580   1.00 14.91 ? 120 GLN A CG  1 
ATOM   908  C CD  . GLN A 1 107 ? -15.132 1.900   10.865  1.00 18.74 ? 120 GLN A CD  1 
ATOM   909  O OE1 . GLN A 1 107 ? -14.833 2.892   11.553  1.00 20.04 ? 120 GLN A OE1 1 
ATOM   910  N NE2 . GLN A 1 107 ? -16.087 1.009   11.223  1.00 14.62 ? 120 GLN A NE2 1 
ATOM   911  N N   . ILE A 1 108 ? -12.064 0.994   7.464   1.00 11.79 ? 121 ILE A N   1 
ATOM   912  C CA  . ILE A 1 108 ? -10.653 0.709   7.566   1.00 12.00 ? 121 ILE A CA  1 
ATOM   913  C C   . ILE A 1 108 ? -9.985  1.121   6.254   1.00 10.63 ? 121 ILE A C   1 
ATOM   914  O O   . ILE A 1 108 ? -8.975  1.812   6.274   1.00 12.92 ? 121 ILE A O   1 
ATOM   915  C CB  . ILE A 1 108 ? -10.401 -0.789  7.918   1.00 13.23 ? 121 ILE A CB  1 
ATOM   916  C CG1 . ILE A 1 108 ? -10.952 -1.111  9.322   1.00 13.23 ? 121 ILE A CG1 1 
ATOM   917  C CG2 . ILE A 1 108 ? -8.921  -1.113  7.832   1.00 12.39 ? 121 ILE A CG2 1 
ATOM   918  C CD1 . ILE A 1 108 ? -11.043 -2.625  9.707   1.00 11.50 ? 121 ILE A CD1 1 
ATOM   919  N N   . VAL A 1 109 ? -10.538 0.694   5.125   1.00 10.06 ? 122 VAL A N   1 
ATOM   920  C CA  . VAL A 1 109 ? -10.088 1.086   3.783   1.00 11.64 ? 122 VAL A CA  1 
ATOM   921  C C   . VAL A 1 109 ? -10.135 2.589   3.586   1.00 12.37 ? 122 VAL A C   1 
ATOM   922  O O   . VAL A 1 109 ? -9.119  3.186   3.184   1.00 11.26 ? 122 VAL A O   1 
ATOM   923  C CB  . VAL A 1 109 ? -10.897 0.416   2.680   1.00 12.56 ? 122 VAL A CB  1 
ATOM   924  C CG1 . VAL A 1 109 ? -10.459 0.889   1.275   1.00 11.50 ? 122 VAL A CG1 1 
ATOM   925  C CG2 . VAL A 1 109 ? -10.792 -1.128  2.770   1.00 13.64 ? 122 VAL A CG2 1 
ATOM   926  N N   . ARG A 1 110 ? -11.275 3.194   3.940   1.00 11.84 ? 123 ARG A N   1 
ATOM   927  C CA  . ARG A 1 110 ? -11.485 4.629   3.778   1.00 11.57 ? 123 ARG A CA  1 
ATOM   928  C C   . ARG A 1 110 ? -10.452 5.468   4.568   1.00 11.52 ? 123 ARG A C   1 
ATOM   929  O O   . ARG A 1 110 ? -9.879  6.448   4.026   1.00 8.18  ? 123 ARG A O   1 
ATOM   930  C CB  . ARG A 1 110 ? -12.915 5.036   4.211   1.00 11.05 ? 123 ARG A CB  1 
ATOM   931  C CG  . ARG A 1 110 ? -14.026 4.486   3.310   1.00 11.75 ? 123 ARG A CG  1 
ATOM   932  C CD  . ARG A 1 110 ? -15.300 5.219   3.515   1.00 12.29 ? 123 ARG A CD  1 
ATOM   933  N NE  . ARG A 1 110 ? -15.884 5.096   4.846   1.00 12.39 ? 123 ARG A NE  1 
ATOM   934  C CZ  . ARG A 1 110 ? -16.652 4.061   5.237   1.00 14.21 ? 123 ARG A CZ  1 
ATOM   935  N NH1 . ARG A 1 110 ? -16.903 3.077   4.407   1.00 12.00 ? 123 ARG A NH1 1 
ATOM   936  N NH2 . ARG A 1 110 ? -17.155 3.998   6.446   1.00 10.95 ? 123 ARG A NH2 1 
ATOM   937  N N   . VAL A 1 111 ? -10.256 5.132   5.849   1.00 10.90 ? 124 VAL A N   1 
ATOM   938  C CA  . VAL A 1 111 ? -9.272  5.866   6.657   1.00 11.84 ? 124 VAL A CA  1 
ATOM   939  C C   . VAL A 1 111 ? -7.836  5.767   6.077   1.00 11.88 ? 124 VAL A C   1 
ATOM   940  O O   . VAL A 1 111 ? -7.135  6.777   5.916   1.00 10.76 ? 124 VAL A O   1 
ATOM   941  C CB  . VAL A 1 111 ? -9.310  5.466   8.109   1.00 12.34 ? 124 VAL A CB  1 
ATOM   942  C CG1 . VAL A 1 111 ? -8.144  6.088   8.858   1.00 14.28 ? 124 VAL A CG1 1 
ATOM   943  C CG2 . VAL A 1 111 ? -10.627 5.938   8.740   1.00 13.12 ? 124 VAL A CG2 1 
ATOM   944  N N   . LYS A 1 112 ? -7.427  4.569   5.725   1.00 10.72 ? 125 LYS A N   1 
ATOM   945  C CA  . LYS A 1 112 ? -6.104  4.386   5.085   1.00 12.90 ? 125 LYS A CA  1 
ATOM   946  C C   . LYS A 1 112 ? -5.931  5.155   3.759   1.00 12.71 ? 125 LYS A C   1 
ATOM   947  O O   . LYS A 1 112 ? -4.881  5.777   3.518   1.00 12.04 ? 125 LYS A O   1 
ATOM   948  C CB  . LYS A 1 112 ? -5.815  2.897   4.925   1.00 12.66 ? 125 LYS A CB  1 
ATOM   949  C CG  . LYS A 1 112 ? -5.515  2.223   6.264   1.00 17.54 ? 125 LYS A CG  1 
ATOM   950  C CD  . LYS A 1 112 ? -5.405  0.732   6.132   1.00 22.31 ? 125 LYS A CD  1 
ATOM   951  C CE  . LYS A 1 112 ? -5.218  0.057   7.500   1.00 26.47 ? 125 LYS A CE  1 
ATOM   952  N NZ  . LYS A 1 112 ? -3.977  0.515   8.176   1.00 25.74 ? 125 LYS A NZ  1 
ATOM   953  N N   . ALA A 1 113 ? -6.964  5.129   2.915   1.00 11.42 ? 126 ALA A N   1 
ATOM   954  C CA  . ALA A 1 113 ? -6.950  5.883   1.655   1.00 10.64 ? 126 ALA A CA  1 
ATOM   955  C C   . ALA A 1 113 ? -6.903  7.380   1.982   1.00 9.62  ? 126 ALA A C   1 
ATOM   956  O O   . ALA A 1 113 ? -6.116  8.124   1.376   1.00 12.71 ? 126 ALA A O   1 
ATOM   957  C CB  . ALA A 1 113 ? -8.148  5.542   0.784   1.00 9.76  ? 126 ALA A CB  1 
ATOM   958  N N   . LYS A 1 114 ? -7.702  7.828   2.942   1.00 12.11 ? 127 LYS A N   1 
ATOM   959  C CA  . LYS A 1 114 ? -7.779  9.274   3.263   1.00 10.62 ? 127 LYS A CA  1 
ATOM   960  C C   . LYS A 1 114 ? -6.443  9.738   3.856   1.00 12.37 ? 127 LYS A C   1 
ATOM   961  O O   . LYS A 1 114 ? -5.994  10.856  3.552   1.00 7.48  ? 127 LYS A O   1 
ATOM   962  C CB  . LYS A 1 114 ? -8.905  9.574   4.221   1.00 11.38 ? 127 LYS A CB  1 
ATOM   963  C CG  . LYS A 1 114 ? -10.303 9.473   3.610   1.00 14.11 ? 127 LYS A CG  1 
ATOM   964  C CD  . LYS A 1 114 ? -11.364 9.632   4.655   1.00 16.70 ? 127 LYS A CD  1 
ATOM   965  C CE  . LYS A 1 114 ? -12.724 9.107   4.197   1.00 21.78 ? 127 LYS A CE  1 
ATOM   966  N NZ  . LYS A 1 114 ? -13.856 9.324   5.214   1.00 21.14 ? 127 LYS A NZ  1 
ATOM   967  N N   . GLU A 1 115 ? -5.792  8.903   4.684   1.00 12.90 ? 128 GLU A N   1 
ATOM   968  C CA  . GLU A 1 115 ? -4.480  9.234   5.216   1.00 14.24 ? 128 GLU A CA  1 
ATOM   969  C C   . GLU A 1 115 ? -3.449  9.361   4.126   1.00 13.91 ? 128 GLU A C   1 
ATOM   970  O O   . GLU A 1 115 ? -2.632  10.306  4.104   1.00 13.48 ? 128 GLU A O   1 
ATOM   971  C CB  . GLU A 1 115 ? -4.017  8.181   6.240   1.00 14.08 ? 128 GLU A CB  1 
ATOM   972  C CG  . GLU A 1 115 ? -4.750  8.258   7.550   1.00 20.10 ? 128 GLU A CG  1 
ATOM   973  C CD  . GLU A 1 115 ? -4.339  7.160   8.519   1.00 28.02 ? 128 GLU A CD  1 
ATOM   974  O OE1 . GLU A 1 115 ? -4.014  6.020   8.060   1.00 30.84 ? 128 GLU A OE1 1 
ATOM   975  O OE2 . GLU A 1 115 ? -4.358  7.435   9.733   1.00 30.17 ? 128 GLU A OE2 1 
ATOM   976  N N   . LEU A 1 116 ? -3.478  8.433   3.194   1.00 13.66 ? 129 LEU A N   1 
ATOM   977  C CA  . LEU A 1 116 ? -2.454  8.387   2.128   1.00 13.68 ? 129 LEU A CA  1 
ATOM   978  C C   . LEU A 1 116 ? -2.565  9.603   1.216   1.00 14.77 ? 129 LEU A C   1 
ATOM   979  O O   . LEU A 1 116 ? -1.556  10.278  0.954   1.00 10.53 ? 129 LEU A O   1 
ATOM   980  C CB  . LEU A 1 116 ? -2.556  7.074   1.370   1.00 14.29 ? 129 LEU A CB  1 
ATOM   981  C CG  . LEU A 1 116 ? -1.617  6.709   0.257   1.00 18.16 ? 129 LEU A CG  1 
ATOM   982  C CD1 . LEU A 1 116 ? -0.145  6.903   0.637   1.00 15.01 ? 129 LEU A CD1 1 
ATOM   983  C CD2 . LEU A 1 116 ? -1.976  5.223   -0.128  1.00 16.80 ? 129 LEU A CD2 1 
ATOM   984  N N   . THR A 1 117 ? -3.784  9.931   0.790   1.00 14.05 ? 130 THR A N   1 
ATOM   985  C CA  . THR A 1 117 ? -4.007  11.103  -0.046  1.00 15.75 ? 130 THR A CA  1 
ATOM   986  C C   . THR A 1 117 ? -3.762  12.425  0.657   1.00 14.22 ? 130 THR A C   1 
ATOM   987  O O   . THR A 1 117 ? -3.214  13.382  0.053   1.00 14.92 ? 130 THR A O   1 
ATOM   988  C CB  . THR A 1 117 ? -5.446  11.110  -0.685  1.00 16.01 ? 130 THR A CB  1 
ATOM   989  O OG1 . THR A 1 117 ? -6.431  11.202  0.338   1.00 16.15 ? 130 THR A OG1 1 
ATOM   990  C CG2 . THR A 1 117 ? -5.690  9.832   -1.492  1.00 19.18 ? 130 THR A CG2 1 
ATOM   991  N N   . ALA A 1 118 ? -4.115  12.510  1.938   1.00 12.95 ? 131 ALA A N   1 
ATOM   992  C CA  . ALA A 1 118 ? -3.778  13.674  2.734   1.00 13.17 ? 131 ALA A CA  1 
ATOM   993  C C   . ALA A 1 118 ? -2.246  13.853  2.805   1.00 13.29 ? 131 ALA A C   1 
ATOM   994  O O   . ALA A 1 118 ? -1.722  14.996  2.623   1.00 11.72 ? 131 ALA A O   1 
ATOM   995  C CB  . ALA A 1 118 ? -4.357  13.598  4.140   1.00 10.55 ? 131 ALA A CB  1 
ATOM   996  N N   . LEU A 1 119 ? -1.517  12.761  3.074   1.00 12.31 ? 132 LEU A N   1 
ATOM   997  C CA  . LEU A 1 119 ? -0.087  12.823  3.132   1.00 11.51 ? 132 LEU A CA  1 
ATOM   998  C C   . LEU A 1 119 ? 0.531   13.236  1.786   1.00 12.71 ? 132 LEU A C   1 
ATOM   999  O O   . LEU A 1 119 ? 1.488   14.030  1.749   1.00 11.72 ? 132 LEU A O   1 
ATOM   1000 C CB  . LEU A 1 119 ? 0.510   11.515  3.616   1.00 12.88 ? 132 LEU A CB  1 
ATOM   1001 C CG  . LEU A 1 119 ? 2.035   11.447  3.774   1.00 14.05 ? 132 LEU A CG  1 
ATOM   1002 C CD1 . LEU A 1 119 ? 2.546   12.583  4.732   1.00 14.72 ? 132 LEU A CD1 1 
ATOM   1003 C CD2 . LEU A 1 119 ? 2.521   10.039  4.312   1.00 8.96  ? 132 LEU A CD2 1 
ATOM   1004 N N   . LEU A 1 120 ? 0.007   12.681  0.705   1.00 10.15 ? 133 LEU A N   1 
ATOM   1005 C CA  . LEU A 1 120 ? 0.473   12.995  -0.642  1.00 13.34 ? 133 LEU A CA  1 
ATOM   1006 C C   . LEU A 1 120 ? 0.204   14.447  -1.071  1.00 13.66 ? 133 LEU A C   1 
ATOM   1007 O O   . LEU A 1 120 ? 0.881   14.959  -1.971  1.00 17.22 ? 133 LEU A O   1 
ATOM   1008 C CB  . LEU A 1 120 ? -0.131  12.039  -1.681  1.00 11.76 ? 133 LEU A CB  1 
ATOM   1009 C CG  . LEU A 1 120 ? 0.418   10.606  -1.642  1.00 15.55 ? 133 LEU A CG  1 
ATOM   1010 C CD1 . LEU A 1 120 ? -0.434  9.678   -2.531  1.00 10.45 ? 133 LEU A CD1 1 
ATOM   1011 C CD2 . LEU A 1 120 ? 1.916   10.622  -2.098  1.00 13.84 ? 133 LEU A CD2 1 
ATOM   1012 N N   . SER A 1 121 ? -0.757  15.081  -0.425  1.00 12.15 ? 134 SER A N   1 
ATOM   1013 C CA  A SER A 1 121 ? -1.036  16.500  -0.636  0.50 13.58 ? 134 SER A CA  1 
ATOM   1014 C CA  B SER A 1 121 ? -1.056  16.487  -0.621  0.50 13.78 ? 134 SER A CA  1 
ATOM   1015 C C   . SER A 1 121 ? -0.161  17.397  0.227   1.00 14.49 ? 134 SER A C   1 
ATOM   1016 O O   . SER A 1 121 ? 0.032   18.580  -0.086  1.00 16.84 ? 134 SER A O   1 
ATOM   1017 C CB  A SER A 1 121 ? -2.513  16.822  -0.405  0.50 13.63 ? 134 SER A CB  1 
ATOM   1018 C CB  B SER A 1 121 ? -2.534  16.756  -0.332  0.50 13.89 ? 134 SER A CB  1 
ATOM   1019 O OG  A SER A 1 121 ? -3.338  16.303  -1.456  0.50 15.80 ? 134 SER A OG  1 
ATOM   1020 O OG  B SER A 1 121 ? -2.871  18.133  -0.446  0.50 18.02 ? 134 SER A OG  1 
ATOM   1021 N N   . ASP A 1 122 ? 0.382   16.844  1.310   1.00 13.51 ? 135 ASP A N   1 
ATOM   1022 C CA  . ASP A 1 122 ? 1.112   17.599  2.301   1.00 14.92 ? 135 ASP A CA  1 
ATOM   1023 C C   . ASP A 1 122 ? 2.606   17.439  2.096   1.00 15.17 ? 135 ASP A C   1 
ATOM   1024 O O   . ASP A 1 122 ? 3.286   16.713  2.850   1.00 13.72 ? 135 ASP A O   1 
ATOM   1025 C CB  . ASP A 1 122 ? 0.663   17.148  3.706   1.00 15.49 ? 135 ASP A CB  1 
ATOM   1026 C CG  . ASP A 1 122 ? 1.112   18.117  4.831   1.00 20.56 ? 135 ASP A CG  1 
ATOM   1027 O OD1 . ASP A 1 122 ? 2.003   18.965  4.629   1.00 20.07 ? 135 ASP A OD1 1 
ATOM   1028 O OD2 . ASP A 1 122 ? 0.586   17.991  5.942   1.00 19.94 ? 135 ASP A OD2 1 
ATOM   1029 N N   . ASP A 1 123 ? 3.138   18.137  1.081   1.00 15.55 ? 136 ASP A N   1 
ATOM   1030 C CA  . ASP A 1 123 ? 4.550   18.000  0.744   1.00 15.85 ? 136 ASP A CA  1 
ATOM   1031 C C   . ASP A 1 123 ? 5.457   18.341  1.932   1.00 15.69 ? 136 ASP A C   1 
ATOM   1032 O O   . ASP A 1 123 ? 6.489   17.724  2.135   1.00 14.80 ? 136 ASP A O   1 
ATOM   1033 C CB  . ASP A 1 123 ? 4.945   18.909  -0.438  1.00 14.83 ? 136 ASP A CB  1 
ATOM   1034 C CG  . ASP A 1 123 ? 4.251   18.526  -1.718  1.00 16.57 ? 136 ASP A CG  1 
ATOM   1035 O OD1 . ASP A 1 123 ? 3.015   18.413  -1.718  1.00 23.71 ? 136 ASP A OD1 1 
ATOM   1036 O OD2 . ASP A 1 123 ? 4.931   18.399  -2.708  1.00 13.83 ? 136 ASP A OD2 1 
ATOM   1037 N N   . GLU A 1 124 ? 5.080   19.339  2.712   1.00 16.24 ? 137 GLU A N   1 
ATOM   1038 C CA  . GLU A 1 124 ? 5.917   19.660  3.853   1.00 18.10 ? 137 GLU A CA  1 
ATOM   1039 C C   . GLU A 1 124 ? 6.061   18.438  4.725   1.00 16.67 ? 137 GLU A C   1 
ATOM   1040 O O   . GLU A 1 124 ? 7.158   18.064  5.114   1.00 14.16 ? 137 GLU A O   1 
ATOM   1041 C CB  . GLU A 1 124 ? 5.328   20.816  4.663   1.00 20.83 ? 137 GLU A CB  1 
ATOM   1042 C CG  . GLU A 1 124 ? 5.660   22.209  4.148   1.00 27.32 ? 137 GLU A CG  1 
ATOM   1043 C CD  . GLU A 1 124 ? 5.393   23.319  5.201   1.00 35.16 ? 137 GLU A CD  1 
ATOM   1044 O OE1 . GLU A 1 124 ? 4.987   23.010  6.348   1.00 38.20 ? 137 GLU A OE1 1 
ATOM   1045 O OE2 . GLU A 1 124 ? 5.612   24.504  4.883   1.00 41.78 ? 137 GLU A OE2 1 
ATOM   1046 N N   . ARG A 1 125 ? 4.926   17.832  5.069   1.00 16.77 ? 138 ARG A N   1 
ATOM   1047 C CA  . ARG A 1 125 ? 4.922   16.687  5.966   1.00 16.44 ? 138 ARG A CA  1 
ATOM   1048 C C   . ARG A 1 125 ? 5.654   15.481  5.359   1.00 14.38 ? 138 ARG A C   1 
ATOM   1049 O O   . ARG A 1 125 ? 6.478   14.856  6.046   1.00 14.63 ? 138 ARG A O   1 
ATOM   1050 C CB  . ARG A 1 125 ? 3.498   16.310  6.343   1.00 17.25 ? 138 ARG A CB  1 
ATOM   1051 C CG  . ARG A 1 125 ? 3.371   15.281  7.478   1.00 20.40 ? 138 ARG A CG  1 
ATOM   1052 C CD  . ARG A 1 125 ? 1.962   15.350  8.101   1.00 24.64 ? 138 ARG A CD  1 
ATOM   1053 N NE  . ARG A 1 125 ? 1.070   14.285  7.653   1.00 35.03 ? 138 ARG A NE  1 
ATOM   1054 C CZ  . ARG A 1 125 ? -0.038  14.486  6.944   1.00 38.43 ? 138 ARG A CZ  1 
ATOM   1055 N NH1 . ARG A 1 125 ? -0.422  15.704  6.590   1.00 42.82 ? 138 ARG A NH1 1 
ATOM   1056 N NH2 . ARG A 1 125 ? -0.771  13.462  6.574   1.00 41.11 ? 138 ARG A NH2 1 
ATOM   1057 N N   . LEU A 1 126 ? 5.391   15.169  4.096   1.00 13.42 ? 139 LEU A N   1 
ATOM   1058 C CA  . LEU A 1 126 ? 5.989   13.964  3.491   1.00 13.68 ? 139 LEU A CA  1 
ATOM   1059 C C   . LEU A 1 126 ? 7.509   14.158  3.359   1.00 13.02 ? 139 LEU A C   1 
ATOM   1060 O O   . LEU A 1 126 ? 8.244   13.220  3.499   1.00 11.60 ? 139 LEU A O   1 
ATOM   1061 C CB  . LEU A 1 126 ? 5.415   13.677  2.124   1.00 15.19 ? 139 LEU A CB  1 
ATOM   1062 C CG  . LEU A 1 126 ? 5.871   12.356  1.453   1.00 17.37 ? 139 LEU A CG  1 
ATOM   1063 C CD1 . LEU A 1 126 ? 5.767   11.147  2.349   1.00 10.97 ? 139 LEU A CD1 1 
ATOM   1064 C CD2 . LEU A 1 126 ? 5.097   12.107  0.168   1.00 19.57 ? 139 LEU A CD2 1 
ATOM   1065 N N   . ASN A 1 127 ? 7.927   15.377  3.021   1.00 13.83 ? 140 ASN A N   1 
ATOM   1066 C CA  . ASN A 1 127 ? 9.338   15.688  2.845   1.00 14.75 ? 140 ASN A CA  1 
ATOM   1067 C C   . ASN A 1 127 ? 10.102  15.555  4.112   1.00 15.65 ? 140 ASN A C   1 
ATOM   1068 O O   . ASN A 1 127 ? 11.194  14.985  4.133   1.00 17.34 ? 140 ASN A O   1 
ATOM   1069 C CB  . ASN A 1 127 ? 9.519   17.085  2.275   1.00 14.61 ? 140 ASN A CB  1 
ATOM   1070 C CG  . ASN A 1 127 ? 10.966  17.449  2.122   1.00 18.56 ? 140 ASN A CG  1 
ATOM   1071 O OD1 . ASN A 1 127 ? 11.692  16.783  1.411   1.00 17.86 ? 140 ASN A OD1 1 
ATOM   1072 N ND2 . ASN A 1 127 ? 11.393  18.486  2.811   1.00 18.73 ? 140 ASN A ND2 1 
ATOM   1073 N N   . GLU A 1 128 ? 9.526   16.047  5.212   1.00 15.27 ? 141 GLU A N   1 
ATOM   1074 C CA  . GLU A 1 128 ? 10.132  15.871  6.528   1.00 15.79 ? 141 GLU A CA  1 
ATOM   1075 C C   . GLU A 1 128 ? 10.109  14.413  7.046   1.00 16.71 ? 141 GLU A C   1 
ATOM   1076 O O   . GLU A 1 128 ? 11.068  13.925  7.639   1.00 19.35 ? 141 GLU A O   1 
ATOM   1077 C CB  . GLU A 1 128 ? 9.466   16.801  7.557   1.00 14.98 ? 141 GLU A CB  1 
ATOM   1078 C CG  . GLU A 1 128 ? 9.803   18.205  7.366   1.00 16.63 ? 141 GLU A CG  1 
ATOM   1079 C CD  . GLU A 1 128 ? 8.799   19.138  8.015   1.00 20.46 ? 141 GLU A CD  1 
ATOM   1080 O OE1 . GLU A 1 128 ? 8.253   18.784  9.106   1.00 15.53 ? 141 GLU A OE1 1 
ATOM   1081 O OE2 . GLU A 1 128 ? 8.540   20.224  7.410   1.00 19.43 ? 141 GLU A OE2 1 
ATOM   1082 N N   . GLU A 1 129 ? 9.020   13.710  6.828   1.00 14.90 ? 142 GLU A N   1 
ATOM   1083 C CA  . GLU A 1 129 ? 9.025   12.301  7.159   1.00 16.28 ? 142 GLU A CA  1 
ATOM   1084 C C   . GLU A 1 129 ? 10.143  11.592  6.437   1.00 16.12 ? 142 GLU A C   1 
ATOM   1085 O O   . GLU A 1 129 ? 10.892  10.796  7.045   1.00 15.49 ? 142 GLU A O   1 
ATOM   1086 C CB  . GLU A 1 129 ? 7.678   11.668  6.790   1.00 16.41 ? 142 GLU A CB  1 
ATOM   1087 C CG  . GLU A 1 129 ? 7.540   10.245  7.129   1.00 18.40 ? 142 GLU A CG  1 
ATOM   1088 C CD  . GLU A 1 129 ? 7.167   9.948   8.569   1.00 14.66 ? 142 GLU A CD  1 
ATOM   1089 O OE1 . GLU A 1 129 ? 6.897   10.873  9.355   1.00 27.15 ? 142 GLU A OE1 1 
ATOM   1090 O OE2 . GLU A 1 129 ? 7.138   8.756   8.907   1.00 21.33 ? 142 GLU A OE2 1 
ATOM   1091 N N   . ARG A 1 130 ? 10.253  11.815  5.131   1.00 14.55 ? 143 ARG A N   1 
ATOM   1092 C CA  . ARG A 1 130 ? 11.246  11.089  4.351   1.00 16.26 ? 143 ARG A CA  1 
ATOM   1093 C C   . ARG A 1 130 ? 12.694  11.489  4.720   1.00 16.97 ? 143 ARG A C   1 
ATOM   1094 O O   . ARG A 1 130 ? 13.568  10.626  4.798   1.00 17.47 ? 143 ARG A O   1 
ATOM   1095 C CB  . ARG A 1 130 ? 10.997  11.226  2.849   1.00 15.84 ? 143 ARG A CB  1 
ATOM   1096 C CG  . ARG A 1 130 ? 9.723   10.490  2.362   1.00 15.32 ? 143 ARG A CG  1 
ATOM   1097 C CD  . ARG A 1 130 ? 9.495   10.624  0.892   1.00 12.11 ? 143 ARG A CD  1 
ATOM   1098 N NE  . ARG A 1 130 ? 10.616  10.109  0.118   1.00 15.05 ? 143 ARG A NE  1 
ATOM   1099 C CZ  . ARG A 1 130 ? 10.867  8.827   -0.074  1.00 17.41 ? 143 ARG A CZ  1 
ATOM   1100 N NH1 . ARG A 1 130 ? 10.031  7.932   0.417   1.00 16.03 ? 143 ARG A NH1 1 
ATOM   1101 N NH2 . ARG A 1 130 ? 11.936  8.436   -0.763  1.00 17.14 ? 143 ARG A NH2 1 
ATOM   1102 N N   . ASN A 1 131 ? 12.944  12.771  4.946   1.00 17.12 ? 144 ASN A N   1 
ATOM   1103 C CA  . ASN A 1 131 ? 14.244  13.210  5.460   1.00 20.55 ? 144 ASN A CA  1 
ATOM   1104 C C   . ASN A 1 131 ? 14.603  12.529  6.773   1.00 20.91 ? 144 ASN A C   1 
ATOM   1105 O O   . ASN A 1 131 ? 15.727  12.100  6.998   1.00 22.78 ? 144 ASN A O   1 
ATOM   1106 C CB  . ASN A 1 131 ? 14.251  14.720  5.705   1.00 21.03 ? 144 ASN A CB  1 
ATOM   1107 C CG  . ASN A 1 131 ? 14.383  15.521  4.438   1.00 22.60 ? 144 ASN A CG  1 
ATOM   1108 O OD1 . ASN A 1 131 ? 14.702  14.978  3.357   1.00 22.03 ? 144 ASN A OD1 1 
ATOM   1109 N ND2 . ASN A 1 131 ? 14.136  16.838  4.553   1.00 23.01 ? 144 ASN A ND2 1 
ATOM   1110 N N   . MET A 1 132 ? 13.611  12.441  7.646   1.00 21.34 ? 145 MET A N   1 
ATOM   1111 C CA  . MET A 1 132 ? 13.762  11.806  8.898   1.00 20.42 ? 145 MET A CA  1 
ATOM   1112 C C   . MET A 1 132 ? 14.028  10.322  8.767   1.00 19.35 ? 145 MET A C   1 
ATOM   1113 O O   . MET A 1 132 ? 14.926  9.797   9.467   1.00 18.25 ? 145 MET A O   1 
ATOM   1114 C CB  . MET A 1 132 ? 12.511  12.011  9.720   1.00 20.62 ? 145 MET A CB  1 
ATOM   1115 C CG  . MET A 1 132 ? 12.556  11.336  11.064  1.00 24.25 ? 145 MET A CG  1 
ATOM   1116 S SD  . MET A 1 132 ? 11.122  11.860  12.087  1.00 27.65 ? 145 MET A SD  1 
ATOM   1117 C CE  . MET A 1 132 ? 10.641  13.282  11.196  1.00 16.14 ? 145 MET A CE  1 
ATOM   1118 N N   . ASN A 1 133 ? 13.271  9.648   7.880   1.00 15.53 ? 146 ASN A N   1 
ATOM   1119 C CA  . ASN A 1 133 ? 13.296  8.213   7.799   1.00 16.08 ? 146 ASN A CA  1 
ATOM   1120 C C   . ASN A 1 133 ? 14.407  7.678   6.931   1.00 15.89 ? 146 ASN A C   1 
ATOM   1121 O O   . ASN A 1 133 ? 14.863  6.564   7.113   1.00 18.78 ? 146 ASN A O   1 
ATOM   1122 C CB  . ASN A 1 133 ? 11.968  7.681   7.272   1.00 14.68 ? 146 ASN A CB  1 
ATOM   1123 C CG  . ASN A 1 133 ? 10.789  7.903   8.247   1.00 19.02 ? 146 ASN A CG  1 
ATOM   1124 O OD1 . ASN A 1 133 ? 10.960  7.915   9.461   1.00 15.81 ? 146 ASN A OD1 1 
ATOM   1125 N ND2 . ASN A 1 133 ? 9.597   8.118   7.692   1.00 15.06 ? 146 ASN A ND2 1 
ATOM   1126 N N   . ILE A 1 134 ? 14.830  8.453   5.949   1.00 16.89 ? 147 ILE A N   1 
ATOM   1127 C CA  . ILE A 1 134 ? 15.747  7.948   4.928   1.00 16.65 ? 147 ILE A CA  1 
ATOM   1128 C C   . ILE A 1 134 ? 17.112  8.632   5.049   1.00 18.60 ? 147 ILE A C   1 
ATOM   1129 O O   . ILE A 1 134 ? 17.274  9.822   4.740   1.00 16.39 ? 147 ILE A O   1 
ATOM   1130 C CB  . ILE A 1 134 ? 15.218  8.135   3.524   1.00 15.25 ? 147 ILE A CB  1 
ATOM   1131 C CG1 . ILE A 1 134 ? 13.823  7.474   3.368   1.00 15.48 ? 147 ILE A CG1 1 
ATOM   1132 C CG2 . ILE A 1 134 ? 16.190  7.603   2.509   1.00 17.81 ? 147 ILE A CG2 1 
ATOM   1133 C CD1 . ILE A 1 134 ? 13.192  7.708   2.066   1.00 11.72 ? 147 ILE A CD1 1 
ATOM   1134 N N   . LYS A 1 135 ? 18.082  7.861   5.496   1.00 20.09 ? 148 LYS A N   1 
ATOM   1135 C CA  . LYS A 1 135 ? 19.474  8.339   5.586   1.00 26.05 ? 148 LYS A CA  1 
ATOM   1136 C C   . LYS A 1 135 ? 20.263  7.840   4.367   1.00 28.07 ? 148 LYS A C   1 
ATOM   1137 O O   . LYS A 1 135 ? 20.266  6.622   4.095   1.00 30.74 ? 148 LYS A O   1 
ATOM   1138 C CB  . LYS A 1 135 ? 20.128  7.796   6.850   1.00 26.43 ? 148 LYS A CB  1 
ATOM   1139 C CG  . LYS A 1 135 ? 19.292  7.963   8.152   1.00 30.26 ? 148 LYS A CG  1 
ATOM   1140 C CD  . LYS A 1 135 ? 19.295  9.410   8.630   1.00 30.39 ? 148 LYS A CD  1 
ATOM   1141 C CE  . LYS A 1 135 ? 17.930  10.005  8.686   1.00 27.97 ? 148 LYS A CE  1 
ATOM   1142 N NZ  . LYS A 1 135 ? 17.982  11.419  9.051   1.00 22.41 ? 148 LYS A NZ  1 
ATOM   1143 N N   . GLY A 1 136 ? 20.905  8.732   3.608   1.00 31.47 ? 149 GLY A N   1 
ATOM   1144 C CA  . GLY A 1 136 ? 20.639  10.164  3.582   1.00 32.55 ? 149 GLY A CA  1 
ATOM   1145 C C   . GLY A 1 136 ? 19.902  10.409  2.264   1.00 35.41 ? 149 GLY A C   1 
ATOM   1146 O O   . GLY A 1 136 ? 20.490  10.264  1.184   1.00 37.27 ? 149 GLY A O   1 
ATOM   1147 N N   . ARG A 1 137 ? 18.594  10.671  2.352   1.00 35.79 ? 150 ARG A N   1 
ATOM   1148 C CA  . ARG A 1 137 ? 17.710  10.737  1.179   1.00 35.98 ? 150 ARG A CA  1 
ATOM   1149 C C   . ARG A 1 137 ? 18.496  11.000  -0.139  1.00 37.83 ? 150 ARG A C   1 
ATOM   1150 O O   . ARG A 1 137 ? 17.911  11.227  -1.215  1.00 41.09 ? 150 ARG A O   1 
ATOM   1151 C CB  . ARG A 1 137 ? 16.641  11.798  1.425   1.00 33.33 ? 150 ARG A CB  1 
ATOM   1152 C CG  . ARG A 1 137 ? 15.297  11.313  1.410   1.00 33.43 ? 150 ARG A CG  1 
ATOM   1153 C CD  . ARG A 1 137 ? 14.422  12.491  1.504   1.00 32.48 ? 150 ARG A CD  1 
ATOM   1154 N NE  . ARG A 1 137 ? 13.474  12.608  0.422   1.00 30.46 ? 150 ARG A NE  1 
ATOM   1155 C CZ  . ARG A 1 137 ? 12.566  13.575  0.360   1.00 25.53 ? 150 ARG A CZ  1 
ATOM   1156 N NH1 . ARG A 1 137 ? 11.718  13.612  -0.645  1.00 28.88 ? 150 ARG A NH1 1 
ATOM   1157 N NH2 . ARG A 1 137 ? 12.476  14.490  1.320   1.00 25.43 ? 150 ARG A NH2 1 
HETATM 1158 O O   . HOH B 2 .   ? -0.632  7.451   5.008   1.00 23.17 ? 201 HOH A O   1 
HETATM 1159 O O   . HOH B 2 .   ? -3.946  9.472   10.496  1.00 32.02 ? 202 HOH A O   1 
HETATM 1160 O O   . HOH B 2 .   ? 16.167  -5.008  -10.439 1.00 37.66 ? 203 HOH A O   1 
HETATM 1161 O O   . HOH B 2 .   ? -2.086  11.548  6.617   1.00 19.54 ? 204 HOH A O   1 
HETATM 1162 O O   . HOH B 2 .   ? 19.655  5.266   2.311   1.00 39.64 ? 205 HOH A O   1 
HETATM 1163 O O   . HOH B 2 .   ? -17.589 -13.202 9.733   1.00 22.17 ? 206 HOH A O   1 
HETATM 1164 O O   . HOH B 2 .   ? -2.087  17.179  5.824   1.00 26.23 ? 207 HOH A O   1 
HETATM 1165 O O   . HOH B 2 .   ? -18.666 5.915   1.023   1.00 22.59 ? 208 HOH A O   1 
HETATM 1166 O O   . HOH B 2 .   ? -18.406 -11.200 5.590   1.00 30.08 ? 209 HOH A O   1 
HETATM 1167 O O   . HOH B 2 .   ? 17.866  12.117  5.539   1.00 25.55 ? 210 HOH A O   1 
HETATM 1168 O O   . HOH B 2 .   ? -11.115 -9.471  3.300   1.00 8.72  ? 211 HOH A O   1 
HETATM 1169 O O   . HOH B 2 .   ? -0.093  -10.844 5.885   1.00 23.41 ? 212 HOH A O   1 
HETATM 1170 O O   . HOH B 2 .   ? 14.936  -8.998  -4.002  1.00 38.31 ? 213 HOH A O   1 
HETATM 1171 O O   . HOH B 2 .   ? 17.035  1.187   -12.982 1.00 28.32 ? 214 HOH A O   1 
HETATM 1172 O O   . HOH B 2 .   ? -11.910 -5.887  11.202  1.00 18.42 ? 215 HOH A O   1 
HETATM 1173 O O   . HOH B 2 .   ? 19.950  12.671  -1.867  1.00 38.24 ? 216 HOH A O   1 
HETATM 1174 O O   . HOH B 2 .   ? -15.444 6.182   -4.357  1.00 29.64 ? 217 HOH A O   1 
HETATM 1175 O O   . HOH B 2 .   ? -4.167  -2.819  6.744   1.00 28.57 ? 218 HOH A O   1 
HETATM 1176 O O   . HOH B 2 .   ? -13.722 11.336  6.839   1.00 17.12 ? 219 HOH A O   1 
HETATM 1177 O O   . HOH B 2 .   ? 1.246   -16.466 -7.442  1.00 41.86 ? 220 HOH A O   1 
HETATM 1178 O O   . HOH B 2 .   ? -21.745 -14.302 15.316  1.00 20.00 ? 221 HOH A O   1 
HETATM 1179 O O   . HOH B 2 .   ? 4.293   -8.521  -9.316  1.00 22.37 ? 222 HOH A O   1 
HETATM 1180 O O   . HOH B 2 .   ? -18.532 0.665   4.669   1.00 15.22 ? 223 HOH A O   1 
HETATM 1181 O O   . HOH B 2 .   ? -5.088  -13.671 -0.120  1.00 16.13 ? 224 HOH A O   1 
HETATM 1182 O O   . HOH B 2 .   ? 12.388  -9.512  -8.553  1.00 25.37 ? 225 HOH A O   1 
HETATM 1183 O O   . HOH B 2 .   ? 8.595   -10.401 13.962  1.00 30.51 ? 226 HOH A O   1 
HETATM 1184 O O   . HOH B 2 .   ? -3.117  17.281  3.256   1.00 22.26 ? 227 HOH A O   1 
HETATM 1185 O O   . HOH B 2 .   ? 13.416  2.043   -7.301  1.00 20.85 ? 228 HOH A O   1 
HETATM 1186 O O   . HOH B 2 .   ? 12.963  -11.379 -5.858  1.00 29.72 ? 229 HOH A O   1 
HETATM 1187 O O   . HOH B 2 .   ? -11.073 -1.936  -5.506  1.00 21.52 ? 230 HOH A O   1 
HETATM 1188 O O   . HOH B 2 .   ? -12.868 4.846   11.655  1.00 20.19 ? 231 HOH A O   1 
HETATM 1189 O O   . HOH B 2 .   ? 10.440  -6.740  -12.358 1.00 33.54 ? 232 HOH A O   1 
HETATM 1190 O O   . HOH B 2 .   ? -2.655  5.145   5.058   1.00 18.20 ? 233 HOH A O   1 
HETATM 1191 O O   . HOH B 2 .   ? 2.093   1.750   6.985   1.00 22.43 ? 234 HOH A O   1 
HETATM 1192 O O   . HOH B 2 .   ? 3.278   15.038  -0.540  1.00 20.84 ? 235 HOH A O   1 
HETATM 1193 O O   . HOH B 2 .   ? -1.179  12.984  -9.115  1.00 18.63 ? 236 HOH A O   1 
HETATM 1194 O O   . HOH B 2 .   ? -4.246  -2.242  9.790   1.00 25.94 ? 237 HOH A O   1 
HETATM 1195 O O   . HOH B 2 .   ? -15.101 -9.813  8.038   1.00 12.24 ? 238 HOH A O   1 
HETATM 1196 O O   . HOH B 2 .   ? 5.027   -18.482 -5.522  1.00 38.25 ? 239 HOH A O   1 
HETATM 1197 O O   . HOH B 2 .   ? 16.411  -1.866  6.965   1.00 40.83 ? 240 HOH A O   1 
HETATM 1198 O O   . HOH B 2 .   ? 2.379   21.210  2.907   1.00 24.79 ? 241 HOH A O   1 
HETATM 1199 O O   . HOH B 2 .   ? -10.180 -4.427  13.176  1.00 35.25 ? 242 HOH A O   1 
HETATM 1200 O O   . HOH B 2 .   ? -0.350  13.771  -6.505  1.00 24.53 ? 243 HOH A O   1 
HETATM 1201 O O   . HOH B 2 .   ? 9.379   20.479  4.650   1.00 25.17 ? 244 HOH A O   1 
HETATM 1202 O O   . HOH B 2 .   ? 15.402  9.357   -1.569  1.00 42.39 ? 245 HOH A O   1 
HETATM 1203 O O   . HOH B 2 .   ? 14.982  7.336   -3.495  1.00 29.01 ? 246 HOH A O   1 
HETATM 1204 O O   . HOH B 2 .   ? 0.793   7.834   7.861   1.00 34.95 ? 247 HOH A O   1 
HETATM 1205 O O   . HOH B 2 .   ? -1.215  -2.951  9.597   1.00 25.64 ? 248 HOH A O   1 
HETATM 1206 O O   . HOH B 2 .   ? -5.213  -9.828  -5.815  1.00 22.99 ? 249 HOH A O   1 
HETATM 1207 O O   . HOH B 2 .   ? 4.848   -6.912  13.364  1.00 27.50 ? 250 HOH A O   1 
HETATM 1208 O O   . HOH B 2 .   ? 13.732  20.173  3.411   1.00 33.28 ? 251 HOH A O   1 
HETATM 1209 O O   . HOH B 2 .   ? 10.405  1.273   11.327  1.00 42.04 ? 252 HOH A O   1 
HETATM 1210 O O   . HOH B 2 .   ? -4.345  -14.017 -2.690  1.00 32.69 ? 253 HOH A O   1 
HETATM 1211 O O   . HOH B 2 .   ? -12.883 -12.549 2.376   1.00 21.75 ? 254 HOH A O   1 
HETATM 1212 O O   . HOH B 2 .   ? -21.422 -8.520  2.720   1.00 28.34 ? 255 HOH A O   1 
HETATM 1213 O O   . HOH B 2 .   ? -18.490 -4.102  -0.759  1.00 29.71 ? 256 HOH A O   1 
HETATM 1214 O O   . HOH B 2 .   ? 2.141   -9.242  6.811   1.00 31.53 ? 257 HOH A O   1 
HETATM 1215 O O   . HOH B 2 .   ? 12.258  0.831   7.255   1.00 32.43 ? 258 HOH A O   1 
HETATM 1216 O O   . HOH B 2 .   ? -9.211  -15.933 1.539   1.00 12.35 ? 259 HOH A O   1 
HETATM 1217 O O   . HOH B 2 .   ? 19.339  1.410   -6.758  1.00 42.26 ? 260 HOH A O   1 
HETATM 1218 O O   . HOH B 2 .   ? 2.916   4.286   -13.074 1.00 39.13 ? 261 HOH A O   1 
HETATM 1219 O O   . HOH B 2 .   ? 16.978  -7.962  -8.888  1.00 30.22 ? 262 HOH A O   1 
HETATM 1220 O O   . HOH B 2 .   ? 7.612   7.518   11.662  1.00 42.79 ? 263 HOH A O   1 
HETATM 1221 O O   . HOH B 2 .   ? -1.993  19.415  2.196   1.00 32.63 ? 264 HOH A O   1 
HETATM 1222 O O   . HOH B 2 .   ? -17.268 -10.127 3.765   1.00 21.65 ? 265 HOH A O   1 
HETATM 1223 O O   . HOH B 2 .   ? -15.527 -9.597  5.066   1.00 25.74 ? 266 HOH A O   1 
HETATM 1224 O O   . HOH B 2 .   ? -21.203 -4.355  1.681   1.00 22.15 ? 267 HOH A O   1 
HETATM 1225 O O   . HOH B 2 .   ? -4.318  7.770   -11.655 1.00 28.86 ? 268 HOH A O   1 
HETATM 1226 O O   . HOH B 2 .   ? 13.564  -0.564  5.511   1.00 23.53 ? 269 HOH A O   1 
HETATM 1227 O O   . HOH B 2 .   ? -5.249  4.973   -10.828 1.00 22.96 ? 270 HOH A O   1 
HETATM 1228 O O   . HOH B 2 .   ? -17.634 0.744   -2.586  1.00 20.01 ? 271 HOH A O   1 
HETATM 1229 O O   . HOH B 2 .   ? 3.079   12.151  8.867   1.00 27.83 ? 272 HOH A O   1 
HETATM 1230 O O   . HOH B 2 .   ? -13.260 10.016  -3.653  1.00 31.74 ? 273 HOH A O   1 
HETATM 1231 O O   . HOH B 2 .   ? -19.345 -1.408  12.814  1.00 26.30 ? 274 HOH A O   1 
HETATM 1232 O O   . HOH B 2 .   ? 3.588   9.439   9.378   1.00 35.87 ? 275 HOH A O   1 
HETATM 1233 O O   . HOH B 2 .   ? -4.425  -4.091  15.827  1.00 32.08 ? 276 HOH A O   1 
HETATM 1234 O O   . HOH B 2 .   ? 0.078   21.334  1.644   1.00 35.34 ? 277 HOH A O   1 
HETATM 1235 O O   . HOH B 2 .   ? -7.656  2.263   9.280   1.00 31.23 ? 278 HOH A O   1 
HETATM 1236 O O   . HOH B 2 .   ? 6.352   -16.646 4.397   1.00 46.50 ? 279 HOH A O   1 
HETATM 1237 O O   . HOH B 2 .   ? -15.932 -12.480 8.017   1.00 24.21 ? 280 HOH A O   1 
HETATM 1238 O O   . HOH B 2 .   ? 15.167  -12.825 -6.387  1.00 42.03 ? 281 HOH A O   1 
HETATM 1239 O O   . HOH B 2 .   ? -21.217 0.439   5.023   1.00 27.11 ? 282 HOH A O   1 
HETATM 1240 O O   . HOH B 2 .   ? -13.483 1.565   -5.881  1.00 36.04 ? 283 HOH A O   1 
HETATM 1241 O O   . HOH B 2 .   ? -5.797  3.743   10.260  1.00 38.67 ? 284 HOH A O   1 
HETATM 1242 O O   . HOH B 2 .   ? 19.109  14.728  -1.098  1.00 44.29 ? 285 HOH A O   1 
HETATM 1243 O O   . HOH B 2 .   ? -17.942 2.984   -3.890  1.00 39.63 ? 286 HOH A O   1 
HETATM 1244 O O   . HOH B 2 .   ? 13.809  -10.335 -10.526 1.00 38.51 ? 287 HOH A O   1 
HETATM 1245 O O   . HOH B 2 .   ? 5.776   12.272  12.733  1.00 34.30 ? 288 HOH A O   1 
HETATM 1246 O O   . HOH B 2 .   ? -11.063 3.667   11.862  1.00 30.94 ? 289 HOH A O   1 
HETATM 1247 O O   . HOH B 2 .   ? -3.884  11.867  8.304   1.00 36.51 ? 290 HOH A O   1 
HETATM 1248 O O   . HOH B 2 .   ? -14.825 2.033   -4.205  1.00 33.08 ? 291 HOH A O   1 
HETATM 1249 O O   . HOH B 2 .   ? 0.148   -1.551  10.481  1.00 32.29 ? 292 HOH A O   1 
HETATM 1250 O O   . HOH B 2 .   ? 2.580   0.933   9.264   1.00 33.31 ? 293 HOH A O   1 
HETATM 1251 O O   . HOH B 2 .   ? 13.541  22.177  1.629   1.00 42.30 ? 294 HOH A O   1 
HETATM 1252 O O   . HOH B 2 .   ? -17.899 -1.432  14.680  1.00 28.45 ? 295 HOH A O   1 
HETATM 1253 O O   . HOH B 2 .   ? 4.702   -17.037 6.151   1.00 43.54 ? 296 HOH A O   1 
HETATM 1254 O O   . HOH B 2 .   ? 6.377   -18.975 4.578   1.00 49.31 ? 297 HOH A O   1 
# 
